data_9B3F
#
_entry.id   9B3F
#
_cell.length_a   1.00
_cell.length_b   1.00
_cell.length_c   1.00
_cell.angle_alpha   90.00
_cell.angle_beta   90.00
_cell.angle_gamma   90.00
#
_symmetry.space_group_name_H-M   'P 1'
#
loop_
_entity.id
_entity.type
_entity.pdbx_description
1 polymer 'NAP1 isoform 1'
2 polymer 'KAP114 isoform 1'
3 polymer 'Histone H2A'
4 polymer 'Histone H2B'
#
loop_
_entity_poly.entity_id
_entity_poly.type
_entity_poly.pdbx_seq_one_letter_code
_entity_poly.pdbx_strand_id
1 'polypeptide(L)'
;MGSSHHHHHHSSGLVPRGSHMLGSLVGQDSGYVGGLPKNVKEKLLSLKTLQSELFEVEKEFQVEMFELENKFLQKYKPIW
EQRSRIISGQEQPKPEQIAKGQEIVESLNETELLVDEEEKAQNDSEEEQVKGIPSFWLTALENLPIVCDTITDRDAEVLE
YLQDIGLEYLTDGRPGFKLLFRFDSSANPFFTNDILCKTYFYQKELGYSGDFIYDHAEGCEISWKDNAHNVTVDLEMRKQ
RNKTTKQVRTIEKITPIESFFNFFDPPKIQNEDQDEELEEDLEERLALDYSIGEQLKDKLIPRAVDWFTGAAL
;
D,E
2 'polypeptide(L)'
;GGSMDINELIIGAQSADKHTREVAETQLLQWCDSDASQVFKALANVALQHEASLESRQFALLSLRKLITMYWSPGFESYR
STSNVEIDVKDFIREVLLKLCLNDNENTKIKNGASYCIVQISAVDFPDQWPQLLTVIYDAISHQHSLNAMSLLNEIYDDV
VSEEMFFEGGIGLATMEIVFKVLNTETSTLIAKIAALKLLKACLLQMSSHNEYDEASRKSFVSQCLATSLQILGQLLTLN
FGNVDVISQLKFKSIIYENLVFIKNDFSRKHFSSELQKQFKIMAIQDLENVTHINANVETTESEPLLETVHDCSIYIVEF
LTSVCTLQFSVEEMNKIITSLTILCQLSSETREIWTSDFNTFVSKETGLAASYNVRDQANEFFTSLPNPQLSLIFKVVSN
DIEHSTCNYSTLESLLYLLQCILLNDDEITGENIDQSLQILIKTLENILVSQEIPELILARAILTIPRVLDKFIDALPDI
KPLTSAFLAKSLNLALKSDKELIKSATLIAFTYYCYFAELDSVLGPEVCSETQEKVIRIINQVSSDAEEDTNGALMEVLS
QVISYNPKEPHSRKEILQAEFHLVFTISSEDPANVQVVVQSQECLEKLLDNINMDNYKNYIELCLPSFINVLDSNNANNY
RYSPLLSLVLEFITVFLKKKPNDGFLPDEINQYLFEPLAKVLAFSTEDETLQLATEAFSYLIFNTDTRAMEPRLMDIMKV
LERLLSLEVSDSAAMNVGPLVVAIFTRFSKEIQPLIGRILEAVVVRLIKTQNISTEQNLLSVLCFLTCNDPKQTVDFLSS
FQIDNTDALTLVMRKWIEAFEVIRGEKRIKENIVALSNLFFLNDKRLQKVVVNGNLIPYEGDLIITRSMAKKMPDRYVQV
PLYTKIIKLFVSELSFQSKQPNPEQLITSDIKQEVVNANKDDDNDDWEDVDDVLDYDKLKEYIDDDVDEEADDDSDDITG
LMDVKESVVQLLVRFFKEVASKDVSGFHCIYETLSDSERKVLSEALL
;
A
3 'polypeptide(L)'
;SGGKGGKAGSAAKASQSRSAKAGLTFPVGRVHRLLRRGNYAQRIGSGAPVYLTAVLEYLAAEILELAGNAARDNKKTRII
PRHLQLAIRNDDELNKLLGNVTIAQGGVLPNIHQNLLPKKSAKTAKASQEL
;
B
4 'polypeptide(L)'
;SSAAEKKPASKAPAEKKPAAKKTSTSVDGKKRSKVRKETYSSYIYKVLKQTHPDTGISQKSMSILNSFVNDIFERIATEA
SKLAAYNKKSTISAREIQTAVRLILPGELAKHAVSEGTRAVTKYSSSTQA
;
C
#
# COMPACT_ATOMS: atom_id res chain seq x y z
N ASP A 29 1.81 -29.32 57.13
CA ASP A 29 1.69 -30.68 57.72
C ASP A 29 1.09 -30.61 59.13
N SER A 30 -0.15 -31.08 59.26
CA SER A 30 -0.83 -31.00 60.54
C SER A 30 -0.10 -31.84 61.60
N GLY A 31 0.40 -33.02 61.21
CA GLY A 31 1.15 -33.83 62.16
C GLY A 31 2.37 -33.11 62.68
N TYR A 32 3.15 -32.48 61.78
CA TYR A 32 4.29 -31.69 62.22
C TYR A 32 3.84 -30.57 63.14
N VAL A 33 2.79 -29.83 62.75
CA VAL A 33 2.32 -28.71 63.56
C VAL A 33 2.00 -29.17 64.97
N GLY A 34 1.31 -30.30 65.10
CA GLY A 34 1.09 -30.88 66.41
C GLY A 34 2.39 -31.24 67.11
N GLY A 35 3.39 -31.66 66.32
CA GLY A 35 4.67 -32.05 66.89
C GLY A 35 5.46 -30.91 67.51
N LEU A 36 5.16 -29.67 67.14
CA LEU A 36 5.91 -28.53 67.65
C LEU A 36 5.76 -28.42 69.16
N PRO A 37 6.84 -28.26 69.92
CA PRO A 37 6.70 -28.08 71.37
C PRO A 37 5.91 -26.82 71.71
N LYS A 38 5.34 -26.82 72.91
CA LYS A 38 4.56 -25.67 73.37
C LYS A 38 5.39 -24.39 73.30
N ASN A 39 6.67 -24.46 73.69
CA ASN A 39 7.52 -23.28 73.64
C ASN A 39 7.66 -22.77 72.20
N VAL A 40 7.84 -23.68 71.24
CA VAL A 40 7.96 -23.27 69.85
C VAL A 40 6.65 -22.70 69.34
N LYS A 41 5.52 -23.23 69.82
CA LYS A 41 4.23 -22.63 69.47
C LYS A 41 4.12 -21.21 69.99
N GLU A 42 4.59 -20.97 71.21
CA GLU A 42 4.62 -19.61 71.74
C GLU A 42 5.50 -18.72 70.89
N LYS A 43 6.66 -19.24 70.47
CA LYS A 43 7.54 -18.47 69.60
C LYS A 43 6.86 -18.14 68.28
N LEU A 44 6.12 -19.09 67.71
CA LEU A 44 5.41 -18.84 66.46
C LEU A 44 4.32 -17.80 66.65
N LEU A 45 3.63 -17.83 67.79
CA LEU A 45 2.64 -16.79 68.08
C LEU A 45 3.30 -15.41 68.15
N SER A 46 4.45 -15.33 68.80
CA SER A 46 5.18 -14.06 68.86
C SER A 46 5.58 -13.60 67.46
N LEU A 47 6.02 -14.54 66.62
CA LEU A 47 6.39 -14.21 65.25
C LEU A 47 5.18 -13.68 64.47
N LYS A 48 4.00 -14.29 64.69
CA LYS A 48 2.79 -13.81 64.03
C LYS A 48 2.45 -12.39 64.50
N THR A 49 2.66 -12.11 65.79
CA THR A 49 2.47 -10.75 66.28
C THR A 49 3.43 -9.79 65.59
N LEU A 50 4.68 -10.21 65.40
CA LEU A 50 5.63 -9.39 64.67
C LEU A 50 5.17 -9.15 63.24
N GLN A 51 4.58 -10.16 62.61
CA GLN A 51 4.03 -10.00 61.27
C GLN A 51 2.92 -8.96 61.25
N SER A 52 2.05 -8.99 62.27
CA SER A 52 1.01 -7.97 62.35
C SER A 52 1.61 -6.58 62.50
N GLU A 53 2.65 -6.44 63.33
CA GLU A 53 3.33 -5.16 63.45
C GLU A 53 3.87 -4.71 62.10
N LEU A 54 4.46 -5.64 61.35
CA LEU A 54 4.90 -5.33 59.99
C LEU A 54 3.73 -4.86 59.13
N PHE A 55 2.53 -5.44 59.36
CA PHE A 55 1.36 -4.99 58.61
C PHE A 55 1.03 -3.53 58.91
N GLU A 56 1.08 -3.14 60.19
CA GLU A 56 0.83 -1.73 60.51
C GLU A 56 1.91 -0.83 59.90
N VAL A 57 3.17 -1.29 59.92
CA VAL A 57 4.23 -0.51 59.28
C VAL A 57 3.93 -0.35 57.79
N GLU A 58 3.42 -1.41 57.16
CA GLU A 58 3.04 -1.33 55.75
C GLU A 58 1.91 -0.34 55.54
N LYS A 59 0.97 -0.28 56.49
CA LYS A 59 -0.10 0.71 56.41
C LYS A 59 0.48 2.13 56.39
N GLU A 60 1.40 2.41 57.30
CA GLU A 60 2.03 3.73 57.32
C GLU A 60 2.81 3.99 56.02
N PHE A 61 3.49 2.96 55.52
CA PHE A 61 4.20 3.06 54.25
C PHE A 61 3.25 3.46 53.12
N GLN A 62 2.09 2.81 53.05
CA GLN A 62 1.13 3.12 52.00
C GLN A 62 0.57 4.52 52.17
N VAL A 63 0.36 4.97 53.40
CA VAL A 63 -0.13 6.34 53.62
C VAL A 63 0.89 7.35 53.09
N GLU A 64 2.17 7.14 53.41
CA GLU A 64 3.20 8.06 52.93
C GLU A 64 3.27 8.05 51.41
N MET A 65 3.20 6.85 50.80
CA MET A 65 3.21 6.76 49.35
C MET A 65 2.03 7.51 48.75
N PHE A 66 0.83 7.36 49.33
CA PHE A 66 -0.33 8.06 48.81
C PHE A 66 -0.16 9.57 48.89
N GLU A 67 0.34 10.07 50.02
CA GLU A 67 0.53 11.51 50.15
C GLU A 67 1.51 12.04 49.11
N LEU A 68 2.66 11.37 48.96
CA LEU A 68 3.66 11.88 48.03
C LEU A 68 3.21 11.69 46.58
N GLU A 69 2.44 10.65 46.30
CA GLU A 69 1.84 10.49 44.97
C GLU A 69 0.86 11.60 44.67
N ASN A 70 0.09 12.04 45.67
CA ASN A 70 -0.77 13.20 45.47
C ASN A 70 0.06 14.43 45.16
N LYS A 71 1.15 14.62 45.90
CA LYS A 71 2.06 15.74 45.62
C LYS A 71 2.54 15.71 44.18
N PHE A 72 2.94 14.53 43.71
CA PHE A 72 3.45 14.43 42.35
C PHE A 72 2.34 14.52 41.30
N LEU A 73 1.10 14.18 41.65
CA LEU A 73 -0.01 14.50 40.77
C LEU A 73 -0.16 16.01 40.61
N GLN A 74 -0.03 16.74 41.72
CA GLN A 74 -0.01 18.20 41.62
C GLN A 74 1.12 18.66 40.72
N LYS A 75 2.30 18.05 40.85
CA LYS A 75 3.42 18.42 39.99
C LYS A 75 3.13 18.11 38.51
N TYR A 76 2.45 17.00 38.24
CA TYR A 76 2.15 16.64 36.85
C TYR A 76 1.08 17.53 36.25
N LYS A 77 0.18 18.07 37.08
CA LYS A 77 -0.97 18.81 36.55
C LYS A 77 -0.59 19.86 35.52
N PRO A 78 0.42 20.71 35.73
CA PRO A 78 0.74 21.71 34.69
C PRO A 78 1.04 21.12 33.33
N ILE A 79 1.89 20.09 33.26
CA ILE A 79 2.26 19.52 31.97
C ILE A 79 1.04 18.87 31.30
N TRP A 80 0.23 18.16 32.10
CA TRP A 80 -0.97 17.54 31.55
C TRP A 80 -1.92 18.60 30.99
N GLU A 81 -2.10 19.71 31.72
CA GLU A 81 -2.96 20.78 31.23
C GLU A 81 -2.40 21.39 29.95
N GLN A 82 -1.09 21.59 29.89
CA GLN A 82 -0.49 22.17 28.68
C GLN A 82 -0.67 21.27 27.47
N ARG A 83 -0.44 19.96 27.64
CA ARG A 83 -0.65 19.04 26.53
C ARG A 83 -2.12 18.96 26.16
N SER A 84 -3.02 19.10 27.15
CA SER A 84 -4.44 19.15 26.83
C SER A 84 -4.78 20.37 25.98
N ARG A 85 -4.20 21.53 26.33
CA ARG A 85 -4.41 22.72 25.52
C ARG A 85 -3.89 22.50 24.09
N ILE A 86 -2.72 21.87 23.97
CA ILE A 86 -2.18 21.56 22.64
C ILE A 86 -3.15 20.66 21.88
N ILE A 87 -3.68 19.64 22.56
CA ILE A 87 -4.59 18.69 21.92
C ILE A 87 -5.84 19.39 21.43
N SER A 88 -6.40 20.28 22.26
CA SER A 88 -7.64 20.97 21.90
C SER A 88 -7.40 22.14 20.94
N GLY A 89 -6.15 22.52 20.69
CA GLY A 89 -5.86 23.64 19.83
C GLY A 89 -5.94 25.00 20.50
N GLN A 90 -6.25 25.05 21.79
CA GLN A 90 -6.30 26.32 22.50
C GLN A 90 -4.95 27.00 22.55
N GLU A 91 -3.86 26.25 22.40
CA GLU A 91 -2.52 26.79 22.44
C GLU A 91 -1.74 26.31 21.23
N GLN A 92 -0.78 27.13 20.78
CA GLN A 92 0.06 26.80 19.63
C GLN A 92 1.49 26.55 20.09
N PRO A 93 2.18 25.57 19.52
CA PRO A 93 3.57 25.31 19.93
C PRO A 93 4.46 26.52 19.68
N LYS A 94 5.42 26.73 20.61
CA LYS A 94 6.42 27.76 20.43
C LYS A 94 7.66 27.20 19.72
N PRO A 95 8.43 28.05 19.05
CA PRO A 95 9.62 27.53 18.33
C PRO A 95 10.59 26.79 19.24
N GLU A 96 10.72 27.19 20.51
CA GLU A 96 11.65 26.51 21.42
C GLU A 96 11.17 25.09 21.70
N GLN A 97 9.91 24.94 22.08
CA GLN A 97 9.37 23.60 22.27
C GLN A 97 9.38 22.81 20.97
N ILE A 98 9.22 23.49 19.83
CA ILE A 98 9.29 22.81 18.54
C ILE A 98 10.68 22.21 18.34
N ALA A 99 11.72 23.00 18.62
CA ALA A 99 13.09 22.50 18.48
C ALA A 99 13.36 21.37 19.46
N LYS A 100 12.86 21.48 20.69
CA LYS A 100 13.05 20.41 21.66
C LYS A 100 12.36 19.13 21.20
N GLY A 101 11.15 19.24 20.67
CA GLY A 101 10.49 18.07 20.11
C GLY A 101 11.26 17.49 18.94
N GLN A 102 11.83 18.34 18.10
CA GLN A 102 12.61 17.86 16.97
C GLN A 102 13.84 17.08 17.43
N GLU A 103 14.56 17.61 18.43
CA GLU A 103 15.76 16.92 18.89
C GLU A 103 15.40 15.64 19.63
N ILE A 104 14.24 15.62 20.31
CA ILE A 104 13.75 14.37 20.87
C ILE A 104 13.43 13.38 19.75
N VAL A 105 12.86 13.86 18.65
CA VAL A 105 12.56 13.00 17.51
C VAL A 105 13.85 12.39 16.97
N GLU A 106 14.90 13.20 16.83
CA GLU A 106 16.18 12.66 16.39
C GLU A 106 16.63 11.51 17.28
N SER A 107 16.30 11.56 18.57
CA SER A 107 16.52 10.42 19.44
C SER A 107 15.51 9.32 19.15
N LEU A 108 15.92 8.08 19.37
CA LEU A 108 15.09 6.92 19.07
C LEU A 108 14.60 7.00 17.63
N ASN A 109 13.28 6.93 17.40
CA ASN A 109 12.75 6.95 16.04
C ASN A 109 11.35 7.57 16.09
N GLU A 110 11.26 8.86 15.76
CA GLU A 110 9.98 9.54 15.63
C GLU A 110 9.97 10.46 14.41
N THR A 111 10.68 10.08 13.35
CA THR A 111 10.83 10.93 12.18
C THR A 111 9.48 11.32 11.58
N GLU A 112 8.41 10.64 11.99
CA GLU A 112 7.07 11.03 11.55
C GLU A 112 6.78 12.48 11.89
N LEU A 113 7.38 13.01 12.96
CA LEU A 113 7.12 14.39 13.37
C LEU A 113 7.97 15.40 12.62
N LEU A 114 9.05 14.97 11.97
CA LEU A 114 9.89 15.89 11.21
C LEU A 114 9.08 16.53 10.10
N VAL A 115 8.95 17.86 10.16
CA VAL A 115 8.12 18.59 9.19
C VAL A 115 8.85 18.65 7.86
N ASP A 116 8.13 18.34 6.78
CA ASP A 116 8.70 18.34 5.45
C ASP A 116 8.48 19.70 4.78
N GLU A 117 9.11 19.87 3.61
CA GLU A 117 8.99 21.13 2.89
C GLU A 117 7.56 21.40 2.46
N GLU A 118 6.84 20.35 2.04
CA GLU A 118 5.48 20.53 1.53
C GLU A 118 4.59 21.17 2.58
N GLU A 119 4.76 20.81 3.85
CA GLU A 119 3.89 21.34 4.89
C GLU A 119 4.23 22.80 5.20
N LYS A 120 5.52 23.16 5.16
CA LYS A 120 5.91 24.54 5.43
C LYS A 120 5.27 25.50 4.44
N ALA A 121 5.00 25.03 3.22
CA ALA A 121 4.30 25.87 2.25
C ALA A 121 2.88 26.18 2.66
N GLN A 122 2.30 25.37 3.56
CA GLN A 122 0.93 25.60 4.00
C GLN A 122 0.85 26.85 4.88
N ASN A 123 -0.36 27.36 5.04
CA ASN A 123 -0.63 28.55 5.82
C ASN A 123 -1.50 28.21 7.02
N ASP A 124 -1.34 28.96 8.10
CA ASP A 124 -2.12 28.70 9.30
C ASP A 124 -3.62 28.79 9.04
N SER A 125 -4.03 29.68 8.13
CA SER A 125 -5.45 29.80 7.81
C SER A 125 -6.00 28.48 7.28
N GLU A 126 -5.26 27.83 6.39
CA GLU A 126 -5.70 26.53 5.86
C GLU A 126 -5.60 25.45 6.92
N GLU A 127 -4.53 25.46 7.72
CA GLU A 127 -4.34 24.42 8.72
C GLU A 127 -5.31 24.57 9.88
N GLU A 128 -5.53 25.81 10.35
CA GLU A 128 -6.36 26.04 11.52
C GLU A 128 -7.84 25.80 11.26
N GLN A 129 -8.24 25.48 10.03
CA GLN A 129 -9.62 25.10 9.78
C GLN A 129 -10.04 23.93 10.67
N VAL A 130 -9.10 23.06 11.00
CA VAL A 130 -9.30 21.99 11.97
C VAL A 130 -8.47 22.34 13.20
N LYS A 131 -9.13 22.61 14.31
CA LYS A 131 -8.47 23.06 15.53
C LYS A 131 -8.38 21.90 16.52
N GLY A 132 -7.18 21.66 17.03
CA GLY A 132 -6.95 20.55 17.92
C GLY A 132 -6.62 19.27 17.19
N ILE A 133 -6.53 18.20 17.97
CA ILE A 133 -6.21 16.87 17.46
C ILE A 133 -7.50 16.06 17.38
N PRO A 134 -8.01 15.75 16.19
CA PRO A 134 -9.28 14.99 16.11
C PRO A 134 -9.17 13.64 16.78
N SER A 135 -10.17 13.31 17.60
CA SER A 135 -10.32 11.99 18.20
C SER A 135 -9.03 11.57 18.92
N PHE A 136 -8.38 12.52 19.59
CA PHE A 136 -7.17 12.20 20.34
C PHE A 136 -7.46 11.23 21.46
N TRP A 137 -8.43 11.56 22.32
CA TRP A 137 -8.71 10.73 23.48
C TRP A 137 -9.44 9.46 23.08
N LEU A 138 -10.31 9.53 22.07
CA LEU A 138 -10.95 8.33 21.57
C LEU A 138 -9.91 7.33 21.08
N THR A 139 -8.95 7.81 20.28
CA THR A 139 -7.90 6.92 19.78
C THR A 139 -7.04 6.40 20.93
N ALA A 140 -6.70 7.27 21.89
CA ALA A 140 -5.89 6.84 23.01
C ALA A 140 -6.57 5.73 23.80
N LEU A 141 -7.87 5.88 24.05
CA LEU A 141 -8.61 4.86 24.77
C LEU A 141 -8.72 3.58 23.97
N GLU A 142 -9.04 3.69 22.67
CA GLU A 142 -9.20 2.50 21.84
C GLU A 142 -7.88 1.78 21.59
N ASN A 143 -6.74 2.44 21.80
CA ASN A 143 -5.46 1.77 21.74
C ASN A 143 -5.13 1.00 23.01
N LEU A 144 -5.88 1.23 24.08
CA LEU A 144 -5.63 0.59 25.36
C LEU A 144 -6.24 -0.80 25.36
N PRO A 145 -5.48 -1.86 25.70
CA PRO A 145 -5.96 -3.23 25.46
C PRO A 145 -7.27 -3.58 26.14
N ILE A 146 -7.33 -3.50 27.47
CA ILE A 146 -8.49 -4.00 28.20
C ILE A 146 -9.70 -3.11 27.96
N VAL A 147 -9.51 -1.79 28.05
CA VAL A 147 -10.64 -0.87 28.06
C VAL A 147 -11.33 -0.79 26.70
N CYS A 148 -10.56 -0.81 25.61
CA CYS A 148 -11.15 -0.59 24.29
C CYS A 148 -12.23 -1.61 23.97
N ASP A 149 -12.13 -2.82 24.53
CA ASP A 149 -13.11 -3.86 24.25
C ASP A 149 -14.51 -3.47 24.69
N THR A 150 -14.63 -2.58 25.69
CA THR A 150 -15.94 -2.19 26.19
C THR A 150 -16.56 -1.04 25.39
N ILE A 151 -15.77 -0.34 24.58
CA ILE A 151 -16.26 0.85 23.88
C ILE A 151 -16.97 0.42 22.61
N THR A 152 -18.30 0.57 22.59
CA THR A 152 -19.06 0.38 21.37
C THR A 152 -19.02 1.66 20.54
N ASP A 153 -19.47 1.54 19.28
CA ASP A 153 -19.53 2.71 18.42
C ASP A 153 -20.44 3.79 18.99
N ARG A 154 -21.54 3.39 19.64
CA ARG A 154 -22.42 4.36 20.27
C ARG A 154 -21.68 5.13 21.36
N ASP A 155 -20.91 4.44 22.18
CA ASP A 155 -20.06 5.12 23.15
C ASP A 155 -19.02 5.98 22.45
N ALA A 156 -18.38 5.43 21.43
CA ALA A 156 -17.34 6.17 20.71
C ALA A 156 -17.88 7.48 20.15
N GLU A 157 -19.18 7.55 19.87
CA GLU A 157 -19.76 8.79 19.38
C GLU A 157 -19.59 9.91 20.42
N VAL A 158 -19.82 9.59 21.70
CA VAL A 158 -19.61 10.58 22.74
C VAL A 158 -18.13 10.88 22.92
N LEU A 159 -17.28 9.85 22.83
CA LEU A 159 -15.85 10.04 23.02
C LEU A 159 -15.26 11.04 22.03
N GLU A 160 -15.91 11.23 20.88
CA GLU A 160 -15.44 12.25 19.95
C GLU A 160 -15.38 13.63 20.61
N TYR A 161 -16.33 13.90 21.50
CA TYR A 161 -16.35 15.16 22.22
C TYR A 161 -15.45 15.18 23.44
N LEU A 162 -14.90 14.03 23.84
CA LEU A 162 -13.96 13.99 24.94
C LEU A 162 -12.70 14.77 24.57
N GLN A 163 -12.35 15.76 25.39
CA GLN A 163 -11.17 16.58 25.17
C GLN A 163 -10.22 16.56 26.36
N ASP A 164 -10.59 15.95 27.48
CA ASP A 164 -9.74 15.88 28.65
C ASP A 164 -10.04 14.62 29.43
N ILE A 165 -8.99 14.02 30.00
CA ILE A 165 -9.12 12.91 30.92
C ILE A 165 -8.20 13.19 32.10
N GLY A 166 -8.79 13.50 33.26
CA GLY A 166 -8.02 13.91 34.41
C GLY A 166 -8.06 12.93 35.56
N LEU A 167 -7.06 13.00 36.43
CA LEU A 167 -6.97 12.18 37.63
C LEU A 167 -7.16 13.03 38.88
N GLU A 168 -7.86 12.46 39.85
CA GLU A 168 -8.01 13.09 41.16
C GLU A 168 -7.95 12.00 42.22
N TYR A 169 -7.16 12.24 43.25
CA TYR A 169 -6.96 11.29 44.34
C TYR A 169 -7.81 11.73 45.52
N LEU A 170 -8.65 10.83 46.02
CA LEU A 170 -9.58 11.16 47.09
C LEU A 170 -8.85 11.27 48.42
N THR A 171 -8.00 12.31 48.55
CA THR A 171 -7.34 12.54 49.83
C THR A 171 -8.35 12.80 50.93
N ASP A 172 -9.38 13.59 50.64
CA ASP A 172 -10.46 13.82 51.59
C ASP A 172 -11.47 12.68 51.53
N GLY A 173 -12.09 12.40 52.66
CA GLY A 173 -13.08 11.35 52.72
C GLY A 173 -12.47 9.97 52.58
N ARG A 174 -13.29 9.05 52.07
CA ARG A 174 -12.84 7.68 51.89
C ARG A 174 -11.69 7.64 50.89
N PRO A 175 -10.67 6.81 51.11
CA PRO A 175 -9.56 6.74 50.16
C PRO A 175 -10.01 6.20 48.81
N GLY A 176 -9.31 6.62 47.77
CA GLY A 176 -9.61 6.20 46.42
C GLY A 176 -9.11 7.22 45.42
N PHE A 177 -9.38 6.94 44.16
CA PHE A 177 -9.03 7.82 43.05
C PHE A 177 -10.23 8.00 42.15
N LYS A 178 -10.36 9.20 41.60
CA LYS A 178 -11.49 9.57 40.75
C LYS A 178 -11.00 9.93 39.36
N LEU A 179 -11.63 9.36 38.34
CA LEU A 179 -11.34 9.67 36.96
C LEU A 179 -12.34 10.70 36.45
N LEU A 180 -11.85 11.66 35.67
CA LEU A 180 -12.67 12.76 35.17
C LEU A 180 -12.68 12.75 33.65
N PHE A 181 -13.88 12.83 33.08
CA PHE A 181 -14.07 12.92 31.64
C PHE A 181 -14.80 14.22 31.35
N ARG A 182 -14.27 15.01 30.43
CA ARG A 182 -14.76 16.36 30.17
C ARG A 182 -15.37 16.45 28.78
N PHE A 183 -16.42 17.24 28.68
CA PHE A 183 -17.12 17.46 27.42
C PHE A 183 -17.59 18.90 27.38
N ASP A 184 -18.14 19.30 26.23
CA ASP A 184 -18.69 20.63 26.03
C ASP A 184 -20.19 20.49 25.80
N SER A 185 -20.99 21.09 26.68
CA SER A 185 -22.44 20.99 26.55
C SER A 185 -22.93 21.63 25.25
N SER A 186 -22.38 22.79 24.90
CA SER A 186 -22.80 23.48 23.69
C SER A 186 -22.46 22.70 22.43
N ALA A 187 -21.58 21.72 22.52
CA ALA A 187 -21.16 20.93 21.36
C ALA A 187 -21.81 19.55 21.32
N ASN A 188 -21.67 18.77 22.37
CA ASN A 188 -22.20 17.41 22.37
C ASN A 188 -23.73 17.44 22.44
N PRO A 189 -24.40 16.59 21.65
CA PRO A 189 -25.87 16.51 21.72
C PRO A 189 -26.42 15.45 22.65
N PHE A 190 -25.58 14.80 23.45
CA PHE A 190 -26.01 13.65 24.24
C PHE A 190 -26.45 14.05 25.64
N PHE A 191 -25.63 14.81 26.37
CA PHE A 191 -25.94 15.17 27.75
C PHE A 191 -25.50 16.59 28.01
N THR A 192 -26.06 17.17 29.08
CA THR A 192 -25.76 18.53 29.48
C THR A 192 -24.62 18.62 30.49
N ASN A 193 -23.97 17.51 30.79
CA ASN A 193 -22.88 17.47 31.76
C ASN A 193 -21.57 17.76 31.07
N ASP A 194 -20.88 18.82 31.51
CA ASP A 194 -19.59 19.15 30.93
C ASP A 194 -18.51 18.17 31.39
N ILE A 195 -18.66 17.58 32.57
CA ILE A 195 -17.69 16.66 33.13
C ILE A 195 -18.40 15.41 33.61
N LEU A 196 -17.95 14.25 33.16
CA LEU A 196 -18.37 12.96 33.68
C LEU A 196 -17.19 12.32 34.40
N CYS A 197 -17.42 11.85 35.62
CA CYS A 197 -16.35 11.33 36.46
C CYS A 197 -16.74 9.98 37.04
N LYS A 198 -15.74 9.13 37.22
CA LYS A 198 -15.89 7.81 37.81
C LYS A 198 -15.05 7.74 39.08
N THR A 199 -15.54 7.00 40.06
CA THR A 199 -14.92 6.94 41.37
C THR A 199 -14.59 5.51 41.75
N TYR A 200 -13.44 5.33 42.39
CA TYR A 200 -13.02 4.05 42.95
C TYR A 200 -12.64 4.25 44.41
N PHE A 201 -12.94 3.25 45.22
CA PHE A 201 -12.74 3.32 46.66
C PHE A 201 -12.06 2.04 47.15
N TYR A 202 -11.16 2.20 48.12
CA TYR A 202 -10.47 1.09 48.75
C TYR A 202 -10.99 0.87 50.16
N GLN A 203 -10.72 -0.32 50.69
CA GLN A 203 -11.09 -0.64 52.05
C GLN A 203 -10.17 0.08 53.04
N LYS A 204 -10.65 0.18 54.28
CA LYS A 204 -9.87 0.87 55.31
C LYS A 204 -8.61 0.10 55.69
N GLU A 205 -8.50 -1.17 55.32
CA GLU A 205 -7.35 -2.00 55.65
C GLU A 205 -6.65 -2.45 54.37
N LEU A 206 -5.34 -2.63 54.47
CA LEU A 206 -4.55 -3.07 53.33
C LEU A 206 -4.82 -4.53 53.00
N GLY A 207 -4.40 -4.93 51.81
CA GLY A 207 -4.49 -6.32 51.40
C GLY A 207 -3.43 -7.17 52.05
N TYR A 208 -3.56 -8.49 51.84
CA TYR A 208 -2.61 -9.43 52.44
C TYR A 208 -1.20 -9.19 51.92
N SER A 209 -1.05 -8.97 50.62
CA SER A 209 0.26 -8.75 50.03
C SER A 209 0.85 -7.39 50.39
N GLY A 210 0.07 -6.52 51.03
CA GLY A 210 0.51 -5.17 51.33
C GLY A 210 -0.03 -4.12 50.39
N ASP A 211 -0.62 -4.51 49.27
CA ASP A 211 -1.22 -3.56 48.35
C ASP A 211 -2.64 -3.22 48.80
N PHE A 212 -3.18 -2.15 48.23
CA PHE A 212 -4.52 -1.72 48.55
C PHE A 212 -5.54 -2.71 48.01
N ILE A 213 -6.67 -2.81 48.70
CA ILE A 213 -7.78 -3.68 48.30
C ILE A 213 -9.02 -2.81 48.16
N TYR A 214 -9.96 -3.29 47.35
CA TYR A 214 -11.00 -2.45 46.79
C TYR A 214 -12.29 -2.50 47.61
N ASP A 215 -13.07 -1.42 47.49
CA ASP A 215 -14.40 -1.28 48.04
C ASP A 215 -15.36 -1.00 46.89
N HIS A 216 -16.67 -1.11 47.17
CA HIS A 216 -17.65 -0.91 46.12
C HIS A 216 -17.48 0.46 45.48
N ALA A 217 -17.56 0.50 44.15
CA ALA A 217 -17.37 1.72 43.38
C ALA A 217 -18.71 2.42 43.17
N GLU A 218 -18.63 3.64 42.66
CA GLU A 218 -19.81 4.44 42.37
C GLU A 218 -19.57 5.25 41.10
N GLY A 219 -20.67 5.61 40.44
CA GLY A 219 -20.60 6.39 39.21
C GLY A 219 -21.68 7.45 39.20
N CYS A 220 -21.49 8.42 38.31
CA CYS A 220 -22.40 9.54 38.22
C CYS A 220 -23.61 9.20 37.35
N GLU A 221 -24.73 9.84 37.66
CA GLU A 221 -25.94 9.72 36.84
C GLU A 221 -25.82 10.67 35.65
N ILE A 222 -25.68 10.12 34.46
CA ILE A 222 -25.45 10.93 33.26
C ILE A 222 -26.72 11.71 32.96
N SER A 223 -26.58 13.03 32.81
CA SER A 223 -27.73 13.91 32.55
C SER A 223 -28.01 13.94 31.05
N TRP A 224 -28.60 12.85 30.57
CA TRP A 224 -28.93 12.75 29.15
C TRP A 224 -29.91 13.84 28.75
N LYS A 225 -29.65 14.46 27.60
CA LYS A 225 -30.58 15.45 27.07
C LYS A 225 -31.93 14.82 26.75
N ASP A 226 -31.91 13.61 26.20
CA ASP A 226 -33.14 12.85 25.97
C ASP A 226 -32.80 11.37 25.96
N ASN A 227 -33.81 10.55 26.20
CA ASN A 227 -33.59 9.10 26.27
C ASN A 227 -33.11 8.55 24.93
N ALA A 228 -33.52 9.15 23.82
CA ALA A 228 -33.08 8.68 22.51
C ALA A 228 -31.57 8.78 22.38
N HIS A 229 -30.99 9.90 22.83
CA HIS A 229 -29.54 10.05 22.76
C HIS A 229 -28.83 9.23 23.84
N ASN A 230 -29.56 8.79 24.85
CA ASN A 230 -28.96 7.95 25.88
C ASN A 230 -28.39 6.68 25.24
N VAL A 231 -27.19 6.30 25.67
CA VAL A 231 -26.44 5.23 25.03
C VAL A 231 -26.44 3.95 25.84
N THR A 232 -26.89 3.98 27.09
CA THR A 232 -26.87 2.82 27.96
C THR A 232 -28.20 2.08 27.98
N VAL A 233 -29.16 2.47 27.15
CA VAL A 233 -30.50 1.88 27.17
C VAL A 233 -31.02 1.80 25.73
N ASP A 234 -31.93 0.85 25.52
CA ASP A 234 -32.64 0.71 24.25
C ASP A 234 -34.13 0.81 24.54
N LEU A 235 -34.83 1.63 23.75
CA LEU A 235 -36.21 1.97 24.02
C LEU A 235 -37.12 1.50 22.89
N GLU A 236 -38.39 1.34 23.22
CA GLU A 236 -39.43 0.95 22.26
C GLU A 236 -40.69 1.72 22.56
N MET A 237 -41.49 1.98 21.53
CA MET A 237 -42.74 2.71 21.68
C MET A 237 -43.84 1.99 20.91
N ARG A 238 -45.03 1.94 21.51
CA ARG A 238 -46.20 1.39 20.85
C ARG A 238 -47.46 1.95 21.49
N LYS A 239 -48.55 1.94 20.73
CA LYS A 239 -49.81 2.52 21.16
C LYS A 239 -50.93 1.58 20.72
N GLN A 240 -51.71 1.08 21.66
CA GLN A 240 -52.71 0.06 21.38
C GLN A 240 -54.03 0.42 22.05
N ARG A 241 -55.12 0.18 21.33
CA ARG A 241 -56.46 0.19 21.92
C ARG A 241 -56.73 -1.17 22.57
N ASN A 242 -55.99 -1.42 23.64
CA ASN A 242 -55.94 -2.74 24.27
C ASN A 242 -57.33 -3.10 24.79
N LYS A 243 -57.97 -4.06 24.12
CA LYS A 243 -59.29 -4.51 24.55
C LYS A 243 -59.22 -5.32 25.83
N THR A 244 -58.08 -5.95 26.11
CA THR A 244 -57.97 -6.76 27.33
C THR A 244 -58.23 -5.93 28.58
N THR A 245 -57.96 -4.63 28.53
CA THR A 245 -58.21 -3.74 29.65
C THR A 245 -59.09 -2.55 29.30
N LYS A 246 -59.65 -2.51 28.10
CA LYS A 246 -60.48 -1.38 27.66
C LYS A 246 -59.72 -0.06 27.82
N GLN A 247 -58.44 -0.08 27.44
CA GLN A 247 -57.55 1.07 27.60
C GLN A 247 -56.98 1.46 26.25
N VAL A 248 -57.21 2.72 25.86
CA VAL A 248 -56.52 3.32 24.71
C VAL A 248 -55.26 3.93 25.29
N ARG A 249 -54.20 3.13 25.37
CA ARG A 249 -53.03 3.46 26.19
C ARG A 249 -51.77 3.45 25.34
N THR A 250 -50.81 4.28 25.74
CA THR A 250 -49.49 4.33 25.13
C THR A 250 -48.47 3.77 26.12
N ILE A 251 -47.55 2.96 25.61
CA ILE A 251 -46.60 2.24 26.45
C ILE A 251 -45.19 2.57 26.02
N GLU A 252 -44.27 2.57 26.99
CA GLU A 252 -42.86 2.80 26.75
C GLU A 252 -42.05 1.72 27.45
N LYS A 253 -40.94 1.31 26.82
CA LYS A 253 -40.09 0.26 27.35
C LYS A 253 -38.64 0.73 27.32
N ILE A 254 -37.88 0.37 28.36
CA ILE A 254 -36.47 0.71 28.46
C ILE A 254 -35.72 -0.55 28.88
N THR A 255 -34.60 -0.83 28.21
CA THR A 255 -33.81 -2.03 28.47
C THR A 255 -32.34 -1.64 28.56
N PRO A 256 -31.67 -1.88 29.69
CA PRO A 256 -30.22 -1.64 29.74
C PRO A 256 -29.49 -2.50 28.72
N ILE A 257 -28.43 -1.94 28.15
CA ILE A 257 -27.63 -2.60 27.12
C ILE A 257 -26.16 -2.45 27.45
N GLU A 258 -25.34 -3.32 26.87
CA GLU A 258 -23.91 -3.27 27.07
C GLU A 258 -23.32 -2.05 26.38
N SER A 259 -22.44 -1.34 27.09
CA SER A 259 -21.82 -0.13 26.55
C SER A 259 -20.76 0.33 27.54
N PHE A 260 -19.76 1.02 27.01
CA PHE A 260 -18.68 1.51 27.87
C PHE A 260 -19.20 2.44 28.95
N PHE A 261 -20.27 3.19 28.65
CA PHE A 261 -20.84 4.09 29.65
C PHE A 261 -21.52 3.34 30.78
N ASN A 262 -21.69 2.02 30.66
CA ASN A 262 -22.01 1.20 31.82
C ASN A 262 -20.83 1.16 32.80
N PHE A 263 -19.66 1.64 32.39
CA PHE A 263 -18.54 1.77 33.30
C PHE A 263 -18.91 2.60 34.52
N PHE A 264 -19.83 3.55 34.36
CA PHE A 264 -20.41 4.27 35.48
C PHE A 264 -21.53 3.43 36.09
N ASP A 265 -22.27 4.02 37.03
CA ASP A 265 -23.36 3.37 37.73
C ASP A 265 -23.01 1.92 38.05
N PRO A 266 -21.90 1.70 38.76
CA PRO A 266 -21.46 0.33 39.03
C PRO A 266 -22.44 -0.42 39.91
N PRO A 267 -22.28 -1.73 40.03
CA PRO A 267 -23.27 -2.52 40.79
C PRO A 267 -23.25 -2.17 42.28
N LYS A 268 -24.40 -2.39 42.91
CA LYS A 268 -24.56 -2.24 44.35
C LYS A 268 -25.29 -3.45 44.88
N ILE A 269 -25.35 -3.58 46.20
CA ILE A 269 -25.71 -4.84 46.85
C ILE A 269 -26.99 -4.68 47.66
N GLN A 270 -27.83 -5.71 47.58
CA GLN A 270 -28.98 -5.89 48.46
C GLN A 270 -28.89 -7.28 49.06
N ASN A 271 -28.91 -7.35 50.40
CA ASN A 271 -28.45 -8.54 51.11
C ASN A 271 -29.06 -9.83 50.54
N GLU A 272 -30.38 -9.93 50.53
CA GLU A 272 -31.02 -11.19 50.13
C GLU A 272 -30.64 -11.56 48.71
N ASP A 273 -30.75 -10.60 47.79
CA ASP A 273 -30.26 -10.81 46.43
C ASP A 273 -28.74 -10.84 46.38
N GLN A 274 -28.07 -10.18 47.33
CA GLN A 274 -26.61 -10.16 47.31
C GLN A 274 -26.04 -11.56 47.47
N ASP A 275 -26.61 -12.35 48.38
CA ASP A 275 -26.07 -13.67 48.65
C ASP A 275 -26.14 -14.59 47.43
N GLU A 276 -27.26 -14.57 46.71
CA GLU A 276 -27.44 -15.51 45.59
C GLU A 276 -26.97 -14.91 44.27
N GLU A 277 -27.57 -13.80 43.86
CA GLU A 277 -27.34 -13.26 42.52
C GLU A 277 -26.07 -12.41 42.47
N LEU A 278 -25.95 -11.44 43.38
CA LEU A 278 -24.87 -10.47 43.26
C LEU A 278 -23.53 -11.00 43.75
N GLU A 279 -23.48 -12.22 44.29
CA GLU A 279 -22.18 -12.83 44.57
C GLU A 279 -21.37 -12.96 43.29
N GLU A 280 -21.96 -13.56 42.27
CA GLU A 280 -21.30 -13.65 40.96
C GLU A 280 -21.12 -12.27 40.36
N ASP A 281 -22.05 -11.35 40.64
CA ASP A 281 -21.92 -9.98 40.13
C ASP A 281 -20.65 -9.32 40.65
N LEU A 282 -20.39 -9.46 41.95
CA LEU A 282 -19.16 -8.92 42.52
C LEU A 282 -17.95 -9.70 42.05
N GLU A 283 -18.08 -11.01 41.85
CA GLU A 283 -16.95 -11.81 41.37
C GLU A 283 -16.51 -11.35 39.98
N GLU A 284 -17.46 -11.06 39.10
CA GLU A 284 -17.15 -10.72 37.71
C GLU A 284 -16.99 -9.23 37.46
N ARG A 285 -18.04 -8.45 37.72
CA ARG A 285 -18.03 -7.04 37.34
C ARG A 285 -16.94 -6.27 38.09
N LEU A 286 -16.82 -6.49 39.40
CA LEU A 286 -15.86 -5.71 40.17
C LEU A 286 -14.43 -5.96 39.70
N ALA A 287 -14.09 -7.21 39.38
CA ALA A 287 -12.75 -7.49 38.88
C ALA A 287 -12.46 -6.71 37.61
N LEU A 288 -13.36 -6.79 36.64
CA LEU A 288 -13.17 -6.06 35.38
C LEU A 288 -13.14 -4.55 35.60
N ASP A 289 -14.04 -4.06 36.45
CA ASP A 289 -14.09 -2.61 36.71
C ASP A 289 -12.78 -2.13 37.32
N TYR A 290 -12.28 -2.84 38.33
CA TYR A 290 -11.03 -2.44 38.97
C TYR A 290 -9.86 -2.55 38.00
N SER A 291 -9.84 -3.61 37.19
CA SER A 291 -8.76 -3.76 36.22
C SER A 291 -8.76 -2.60 35.23
N ILE A 292 -9.94 -2.23 34.73
CA ILE A 292 -10.04 -1.12 33.79
C ILE A 292 -9.60 0.18 34.44
N GLY A 293 -10.05 0.43 35.68
CA GLY A 293 -9.67 1.66 36.34
C GLY A 293 -8.18 1.76 36.56
N GLU A 294 -7.56 0.67 37.04
CA GLU A 294 -6.12 0.66 37.26
C GLU A 294 -5.38 0.85 35.94
N GLN A 295 -5.83 0.17 34.88
CA GLN A 295 -5.16 0.30 33.59
C GLN A 295 -5.21 1.75 33.12
N LEU A 296 -6.39 2.35 33.12
CA LEU A 296 -6.48 3.78 32.81
C LEU A 296 -5.47 4.58 33.63
N LYS A 297 -5.63 4.54 34.96
CA LYS A 297 -4.87 5.43 35.83
C LYS A 297 -3.38 5.29 35.61
N ASP A 298 -2.88 4.06 35.54
CA ASP A 298 -1.44 3.82 35.44
C ASP A 298 -0.94 3.98 34.01
N LYS A 299 -1.43 3.14 33.10
CA LYS A 299 -0.86 3.08 31.76
C LYS A 299 -1.20 4.31 30.94
N LEU A 300 -2.48 4.75 30.96
CA LEU A 300 -2.95 5.62 29.89
C LEU A 300 -2.46 7.06 30.06
N ILE A 301 -2.90 7.72 31.12
CA ILE A 301 -2.69 9.17 31.21
C ILE A 301 -1.22 9.54 31.32
N PRO A 302 -0.39 8.86 32.12
CA PRO A 302 1.04 9.22 32.15
C PRO A 302 1.70 9.12 30.79
N ARG A 303 1.23 8.24 29.91
CA ARG A 303 1.75 8.09 28.56
C ARG A 303 0.66 8.38 27.52
N ALA A 304 -0.09 9.47 27.72
CA ALA A 304 -1.21 9.77 26.85
C ALA A 304 -0.78 9.95 25.40
N VAL A 305 0.33 10.65 25.17
CA VAL A 305 0.82 10.88 23.81
C VAL A 305 1.26 9.59 23.16
N ASP A 306 2.06 8.79 23.88
CA ASP A 306 2.52 7.52 23.33
C ASP A 306 1.35 6.57 23.08
N TRP A 307 0.37 6.55 23.98
CA TRP A 307 -0.80 5.71 23.77
C TRP A 307 -1.61 6.18 22.56
N PHE A 308 -1.74 7.49 22.38
CA PHE A 308 -2.44 8.00 21.20
C PHE A 308 -1.72 7.58 19.92
N THR A 309 -0.40 7.73 19.89
CA THR A 309 0.37 7.30 18.73
C THR A 309 0.70 5.81 18.77
N GLY A 310 0.37 5.11 19.86
CA GLY A 310 0.61 3.68 19.97
C GLY A 310 1.99 3.30 20.43
N ALA A 311 2.89 4.26 20.63
CA ALA A 311 4.24 3.93 21.08
C ALA A 311 4.26 3.34 22.48
N ALA A 312 3.20 3.55 23.27
CA ALA A 312 3.17 3.02 24.62
C ALA A 312 2.86 1.53 24.66
N LEU A 313 2.47 0.94 23.53
CA LEU A 313 2.17 -0.49 23.49
C LEU A 313 3.42 -1.31 23.73
N GLY B 31 0.91 7.41 11.53
CA GLY B 31 1.30 7.60 10.10
C GLY B 31 0.60 8.79 9.47
N TYR B 32 -0.70 8.67 9.26
CA TYR B 32 -1.46 9.78 8.66
C TYR B 32 -1.40 11.02 9.53
N VAL B 33 -1.22 10.85 10.84
CA VAL B 33 -1.09 12.01 11.72
C VAL B 33 0.13 12.82 11.31
N GLY B 34 1.22 12.15 10.92
CA GLY B 34 2.32 12.85 10.30
C GLY B 34 1.95 13.43 8.95
N GLY B 35 1.21 12.67 8.14
CA GLY B 35 0.76 13.17 6.86
C GLY B 35 -0.18 14.36 6.97
N LEU B 36 -0.74 14.60 8.15
CA LEU B 36 -1.59 15.74 8.37
C LEU B 36 -0.75 17.02 8.32
N PRO B 37 -1.39 18.19 8.13
CA PRO B 37 -0.63 19.43 7.99
C PRO B 37 0.37 19.64 9.13
N LYS B 38 1.31 20.57 8.95
CA LYS B 38 2.36 20.76 9.94
C LYS B 38 1.83 21.27 11.27
N ASN B 39 0.58 21.74 11.34
CA ASN B 39 0.03 22.10 12.64
C ASN B 39 0.02 20.89 13.57
N VAL B 40 -0.45 19.75 13.09
CA VAL B 40 -0.46 18.53 13.89
C VAL B 40 0.95 18.09 14.23
N LYS B 41 1.86 18.17 13.26
CA LYS B 41 3.24 17.77 13.51
C LYS B 41 3.87 18.60 14.61
N GLU B 42 3.67 19.92 14.56
CA GLU B 42 4.26 20.80 15.57
C GLU B 42 3.61 20.59 16.92
N LYS B 43 2.29 20.36 16.94
CA LYS B 43 1.63 20.05 18.20
C LYS B 43 2.18 18.77 18.81
N LEU B 44 2.41 17.75 17.99
CA LEU B 44 2.98 16.50 18.50
C LEU B 44 4.42 16.70 18.95
N LEU B 45 5.17 17.58 18.28
CA LEU B 45 6.52 17.90 18.74
C LEU B 45 6.47 18.53 20.13
N SER B 46 5.55 19.46 20.34
CA SER B 46 5.38 20.04 21.67
C SER B 46 4.97 18.98 22.68
N LEU B 47 4.12 18.04 22.26
CA LEU B 47 3.72 16.95 23.15
C LEU B 47 4.92 16.10 23.54
N LYS B 48 5.84 15.85 22.59
CA LYS B 48 7.03 15.09 22.90
C LYS B 48 7.95 15.86 23.84
N THR B 49 8.05 17.18 23.67
CA THR B 49 8.82 17.99 24.62
C THR B 49 8.23 17.90 26.01
N LEU B 50 6.91 18.00 26.11
CA LEU B 50 6.25 17.83 27.41
C LEU B 50 6.45 16.43 27.95
N GLN B 51 6.54 15.43 27.07
CA GLN B 51 6.82 14.06 27.50
C GLN B 51 8.21 13.96 28.11
N SER B 52 9.20 14.61 27.50
CA SER B 52 10.54 14.63 28.07
C SER B 52 10.55 15.32 29.44
N GLU B 53 9.84 16.44 29.55
CA GLU B 53 9.75 17.11 30.84
C GLU B 53 9.08 16.22 31.88
N LEU B 54 8.01 15.52 31.48
CA LEU B 54 7.35 14.58 32.38
C LEU B 54 8.28 13.44 32.76
N PHE B 55 9.15 13.02 31.84
CA PHE B 55 10.13 11.99 32.16
C PHE B 55 11.13 12.47 33.20
N GLU B 56 11.55 13.74 33.10
CA GLU B 56 12.41 14.30 34.16
C GLU B 56 11.69 14.31 35.50
N VAL B 57 10.44 14.77 35.51
CA VAL B 57 9.66 14.78 36.74
C VAL B 57 9.52 13.36 37.28
N GLU B 58 9.38 12.39 36.38
CA GLU B 58 9.22 11.00 36.78
C GLU B 58 10.52 10.44 37.35
N LYS B 59 11.67 10.88 36.82
CA LYS B 59 12.95 10.50 37.41
C LYS B 59 13.03 11.01 38.85
N GLU B 60 12.69 12.27 39.07
CA GLU B 60 12.72 12.81 40.43
C GLU B 60 11.71 12.08 41.31
N PHE B 61 10.56 11.69 40.73
CA PHE B 61 9.59 10.88 41.45
C PHE B 61 10.17 9.54 41.89
N GLN B 62 10.89 8.87 40.99
CA GLN B 62 11.50 7.59 41.34
C GLN B 62 12.54 7.78 42.44
N VAL B 63 13.29 8.88 42.38
CA VAL B 63 14.25 9.16 43.44
C VAL B 63 13.54 9.31 44.78
N GLU B 64 12.44 10.07 44.81
CA GLU B 64 11.70 10.25 46.05
C GLU B 64 11.12 8.93 46.56
N MET B 65 10.59 8.11 45.64
CA MET B 65 10.10 6.79 46.02
C MET B 65 11.20 5.94 46.63
N PHE B 66 12.41 5.99 46.08
CA PHE B 66 13.50 5.20 46.64
C PHE B 66 13.91 5.73 48.01
N GLU B 67 13.91 7.05 48.17
CA GLU B 67 14.21 7.62 49.48
C GLU B 67 13.22 7.11 50.52
N LEU B 68 11.93 7.19 50.21
CA LEU B 68 10.91 6.75 51.17
C LEU B 68 10.98 5.24 51.39
N GLU B 69 11.25 4.48 50.33
CA GLU B 69 11.38 3.03 50.45
C GLU B 69 12.52 2.66 51.37
N ASN B 70 13.67 3.33 51.25
CA ASN B 70 14.77 3.07 52.17
C ASN B 70 14.41 3.49 53.58
N LYS B 71 13.71 4.62 53.72
CA LYS B 71 13.26 5.05 55.05
C LYS B 71 12.46 3.96 55.74
N PHE B 72 11.49 3.39 55.03
CA PHE B 72 10.65 2.35 55.62
C PHE B 72 11.34 0.99 55.67
N LEU B 73 12.36 0.76 54.85
CA LEU B 73 13.16 -0.45 54.99
C LEU B 73 13.97 -0.40 56.28
N GLN B 74 14.39 0.81 56.69
CA GLN B 74 15.03 0.94 57.99
C GLN B 74 14.10 0.52 59.11
N LYS B 75 12.78 0.76 58.95
CA LYS B 75 11.82 0.29 59.95
C LYS B 75 11.57 -1.21 59.82
N TYR B 76 11.58 -1.73 58.59
CA TYR B 76 11.41 -3.16 58.39
C TYR B 76 12.53 -3.96 59.03
N LYS B 77 13.77 -3.47 58.91
CA LYS B 77 14.93 -4.27 59.32
C LYS B 77 14.84 -4.73 60.77
N PRO B 78 14.51 -3.88 61.75
CA PRO B 78 14.44 -4.37 63.13
C PRO B 78 13.49 -5.54 63.32
N ILE B 79 12.32 -5.53 62.68
CA ILE B 79 11.38 -6.64 62.85
C ILE B 79 11.96 -7.92 62.27
N TRP B 80 12.57 -7.83 61.08
CA TRP B 80 13.15 -9.02 60.46
C TRP B 80 14.28 -9.57 61.31
N GLU B 81 15.12 -8.69 61.86
CA GLU B 81 16.21 -9.14 62.72
C GLU B 81 15.68 -9.78 63.99
N GLN B 82 14.62 -9.20 64.57
CA GLN B 82 14.04 -9.77 65.79
C GLN B 82 13.50 -11.17 65.52
N ARG B 83 12.76 -11.34 64.42
CA ARG B 83 12.25 -12.67 64.12
C ARG B 83 13.38 -13.64 63.79
N SER B 84 14.46 -13.15 63.18
CA SER B 84 15.61 -14.02 62.94
C SER B 84 16.23 -14.48 64.25
N ARG B 85 16.36 -13.56 65.22
CA ARG B 85 16.88 -13.94 66.54
C ARG B 85 15.97 -14.97 67.20
N ILE B 86 14.65 -14.78 67.09
CA ILE B 86 13.73 -15.77 67.63
C ILE B 86 13.92 -17.12 66.95
N ILE B 87 14.07 -17.12 65.63
CA ILE B 87 14.21 -18.36 64.88
C ILE B 87 15.47 -19.09 65.31
N SER B 88 16.59 -18.37 65.41
CA SER B 88 17.86 -18.98 65.78
C SER B 88 17.92 -19.32 67.26
N GLY B 89 16.94 -18.90 68.05
CA GLY B 89 16.99 -19.12 69.48
C GLY B 89 17.81 -18.12 70.26
N GLN B 90 18.36 -17.10 69.59
CA GLN B 90 19.17 -16.10 70.27
C GLN B 90 18.35 -15.23 71.20
N GLU B 91 17.03 -15.22 71.04
CA GLU B 91 16.15 -14.42 71.89
C GLU B 91 14.88 -15.19 72.16
N GLN B 92 14.21 -14.86 73.27
CA GLN B 92 13.01 -15.55 73.71
C GLN B 92 11.78 -14.64 73.58
N PRO B 93 10.60 -15.22 73.35
CA PRO B 93 9.38 -14.40 73.32
C PRO B 93 9.02 -13.85 74.70
N LYS B 94 7.90 -13.14 74.79
CA LYS B 94 7.40 -12.61 76.05
C LYS B 94 5.92 -12.93 76.19
N PRO B 95 5.41 -13.00 77.43
CA PRO B 95 3.99 -13.37 77.59
C PRO B 95 3.03 -12.46 76.84
N GLU B 96 3.29 -11.16 76.80
CA GLU B 96 2.42 -10.25 76.07
C GLU B 96 2.41 -10.56 74.59
N GLN B 97 3.59 -10.84 74.02
CA GLN B 97 3.66 -11.21 72.62
C GLN B 97 2.90 -12.50 72.36
N ILE B 98 3.02 -13.47 73.27
CA ILE B 98 2.30 -14.73 73.10
C ILE B 98 0.80 -14.52 73.15
N ALA B 99 0.33 -13.68 74.07
CA ALA B 99 -1.10 -13.39 74.15
C ALA B 99 -1.60 -12.68 72.88
N LYS B 100 -0.83 -11.72 72.39
CA LYS B 100 -1.22 -11.03 71.16
C LYS B 100 -1.26 -12.00 69.99
N GLY B 101 -0.27 -12.88 69.90
CA GLY B 101 -0.29 -13.89 68.84
C GLY B 101 -1.46 -14.85 68.97
N GLN B 102 -1.82 -15.20 70.20
CA GLN B 102 -3.00 -16.03 70.43
C GLN B 102 -4.25 -15.34 69.90
N GLU B 103 -4.42 -14.06 70.23
CA GLU B 103 -5.57 -13.31 69.73
C GLU B 103 -5.56 -13.24 68.21
N ILE B 104 -4.40 -12.98 67.62
CA ILE B 104 -4.31 -12.84 66.18
C ILE B 104 -4.62 -14.16 65.49
N VAL B 105 -4.15 -15.27 66.06
CA VAL B 105 -4.44 -16.58 65.48
C VAL B 105 -5.93 -16.90 65.60
N GLU B 106 -6.52 -16.60 66.75
CA GLU B 106 -7.95 -16.83 66.92
C GLU B 106 -8.75 -16.03 65.89
N SER B 107 -8.35 -14.78 65.64
CA SER B 107 -9.01 -14.00 64.61
C SER B 107 -8.74 -14.56 63.22
N LEU B 108 -7.55 -15.13 62.99
CA LEU B 108 -7.19 -15.62 61.67
C LEU B 108 -7.93 -16.89 61.29
N ASN B 109 -8.34 -17.70 62.27
CA ASN B 109 -8.96 -19.02 62.19
C ASN B 109 -7.93 -20.14 62.02
N GLU B 110 -6.63 -19.82 62.05
CA GLU B 110 -5.58 -20.84 61.95
C GLU B 110 -5.38 -21.47 63.33
N THR B 111 -6.38 -22.25 63.74
CA THR B 111 -6.40 -22.85 65.07
C THR B 111 -5.37 -23.96 65.25
N GLU B 112 -4.52 -24.22 64.25
CA GLU B 112 -3.52 -25.27 64.39
C GLU B 112 -2.43 -24.87 65.38
N LEU B 113 -2.11 -23.58 65.44
CA LEU B 113 -1.05 -23.09 66.33
C LEU B 113 -1.47 -23.10 67.80
N LEU B 114 -2.74 -23.34 68.09
CA LEU B 114 -3.22 -23.24 69.47
C LEU B 114 -2.52 -24.26 70.36
N VAL B 115 -2.27 -23.86 71.61
CA VAL B 115 -1.64 -24.74 72.58
C VAL B 115 -2.66 -25.68 73.17
N ASP B 116 -2.21 -26.87 73.58
CA ASP B 116 -3.06 -27.88 74.19
C ASP B 116 -2.44 -28.33 75.50
N GLU B 117 -3.29 -28.86 76.38
CA GLU B 117 -2.82 -29.29 77.69
C GLU B 117 -1.75 -30.37 77.58
N GLU B 118 -1.88 -31.25 76.59
CA GLU B 118 -0.86 -32.29 76.39
C GLU B 118 0.50 -31.66 76.09
N GLU B 119 0.52 -30.62 75.25
CA GLU B 119 1.78 -29.92 74.98
C GLU B 119 2.29 -29.22 76.24
N LYS B 120 1.38 -28.65 77.03
CA LYS B 120 1.79 -27.99 78.26
C LYS B 120 2.48 -28.95 79.22
N ALA B 121 2.12 -30.24 79.16
CA ALA B 121 2.72 -31.22 80.06
C ALA B 121 4.22 -31.36 79.82
N GLN B 122 4.72 -30.95 78.66
CA GLN B 122 6.15 -31.04 78.38
C GLN B 122 6.94 -30.25 79.41
N ASN B 123 7.99 -30.87 79.94
CA ASN B 123 8.83 -30.23 80.93
C ASN B 123 9.79 -29.25 80.27
N ASP B 124 10.36 -28.37 81.08
CA ASP B 124 11.31 -27.38 80.56
C ASP B 124 12.53 -28.06 79.96
N SER B 125 12.99 -29.16 80.57
CA SER B 125 14.15 -29.87 80.04
C SER B 125 13.89 -30.36 78.63
N GLU B 126 12.70 -30.91 78.38
CA GLU B 126 12.37 -31.36 77.03
C GLU B 126 12.29 -30.20 76.05
N GLU B 127 11.73 -29.07 76.49
CA GLU B 127 11.57 -27.93 75.59
C GLU B 127 12.91 -27.35 75.18
N GLU B 128 13.84 -27.22 76.12
CA GLU B 128 15.11 -26.55 75.88
C GLU B 128 16.12 -27.42 75.14
N GLN B 129 15.74 -28.63 74.72
CA GLN B 129 16.65 -29.46 73.94
C GLN B 129 17.01 -28.82 72.61
N VAL B 130 16.16 -27.94 72.09
CA VAL B 130 16.43 -27.19 70.87
C VAL B 130 16.21 -25.71 71.16
N LYS B 131 17.20 -24.89 70.82
CA LYS B 131 17.08 -23.45 71.09
C LYS B 131 16.23 -22.77 70.03
N GLY B 132 16.61 -22.92 68.76
CA GLY B 132 15.84 -22.33 67.67
C GLY B 132 14.79 -23.29 67.12
N ILE B 133 13.95 -22.75 66.24
CA ILE B 133 12.90 -23.53 65.61
C ILE B 133 13.56 -24.50 64.63
N PRO B 134 13.38 -25.81 64.78
CA PRO B 134 14.04 -26.75 63.85
C PRO B 134 13.56 -26.54 62.42
N SER B 135 14.53 -26.30 61.53
CA SER B 135 14.26 -26.20 60.09
C SER B 135 13.18 -25.15 59.80
N PHE B 136 13.29 -24.00 60.47
CA PHE B 136 12.32 -22.93 60.22
C PHE B 136 12.46 -22.38 58.81
N TRP B 137 13.64 -21.87 58.48
CA TRP B 137 13.86 -21.34 57.14
C TRP B 137 13.73 -22.42 56.09
N LEU B 138 14.22 -23.63 56.38
CA LEU B 138 14.07 -24.74 55.44
C LEU B 138 12.60 -25.02 55.15
N THR B 139 11.78 -25.08 56.19
CA THR B 139 10.35 -25.33 56.00
C THR B 139 9.70 -24.18 55.23
N ALA B 140 10.06 -22.95 55.57
CA ALA B 140 9.46 -21.79 54.90
C ALA B 140 9.80 -21.79 53.41
N LEU B 141 11.05 -22.10 53.07
CA LEU B 141 11.44 -22.15 51.66
C LEU B 141 10.79 -23.35 50.97
N GLU B 142 10.62 -24.46 51.68
CA GLU B 142 9.95 -25.61 51.10
C GLU B 142 8.50 -25.28 50.75
N ASN B 143 7.82 -24.53 51.62
CA ASN B 143 6.45 -24.13 51.32
C ASN B 143 6.41 -23.11 50.19
N LEU B 144 7.51 -22.41 49.95
CA LEU B 144 7.53 -21.39 48.91
C LEU B 144 7.36 -22.05 47.54
N PRO B 145 6.60 -21.43 46.62
CA PRO B 145 6.28 -22.12 45.35
C PRO B 145 7.48 -22.58 44.52
N ILE B 146 8.38 -21.66 44.19
CA ILE B 146 9.41 -21.99 43.20
C ILE B 146 10.70 -22.43 43.88
N VAL B 147 11.13 -21.74 44.93
CA VAL B 147 12.45 -21.98 45.50
C VAL B 147 12.57 -23.41 46.03
N CYS B 148 11.48 -23.96 46.57
CA CYS B 148 11.54 -25.30 47.11
C CYS B 148 12.04 -26.32 46.09
N ASP B 149 11.74 -26.10 44.81
CA ASP B 149 12.19 -27.02 43.77
C ASP B 149 13.71 -27.09 43.72
N THR B 150 14.40 -25.98 44.03
CA THR B 150 15.84 -25.94 43.95
C THR B 150 16.52 -26.65 45.13
N ILE B 151 15.78 -26.89 46.22
CA ILE B 151 16.36 -27.48 47.42
C ILE B 151 16.54 -28.98 47.22
N THR B 152 17.75 -29.45 47.42
CA THR B 152 18.04 -30.88 47.50
C THR B 152 18.18 -31.31 48.95
N ASP B 153 18.36 -32.61 49.16
CA ASP B 153 18.46 -33.13 50.53
C ASP B 153 19.67 -32.54 51.25
N ARG B 154 20.81 -32.49 50.57
CA ARG B 154 22.00 -31.89 51.19
C ARG B 154 21.80 -30.40 51.39
N ASP B 155 21.11 -29.72 50.47
CA ASP B 155 20.77 -28.32 50.68
C ASP B 155 19.85 -28.17 51.89
N ALA B 156 18.89 -29.07 52.05
CA ALA B 156 18.01 -29.02 53.22
C ALA B 156 18.82 -29.18 54.50
N GLU B 157 19.79 -30.10 54.50
CA GLU B 157 20.67 -30.23 55.66
C GLU B 157 21.45 -28.95 55.92
N VAL B 158 21.97 -28.32 54.86
CA VAL B 158 22.73 -27.09 55.01
C VAL B 158 21.83 -25.97 55.53
N LEU B 159 20.62 -25.84 54.97
CA LEU B 159 19.74 -24.74 55.33
C LEU B 159 19.39 -24.76 56.82
N GLU B 160 19.52 -25.90 57.49
CA GLU B 160 19.31 -25.93 58.93
C GLU B 160 20.26 -24.99 59.65
N TYR B 161 21.42 -24.71 59.05
CA TYR B 161 22.37 -23.76 59.60
C TYR B 161 22.11 -22.33 59.15
N LEU B 162 21.10 -22.10 58.32
CA LEU B 162 20.75 -20.76 57.89
C LEU B 162 19.97 -20.07 59.00
N GLN B 163 20.46 -18.92 59.45
CA GLN B 163 19.85 -18.21 60.58
C GLN B 163 18.93 -17.09 60.13
N ASP B 164 19.43 -16.17 59.29
CA ASP B 164 18.69 -14.98 58.94
C ASP B 164 18.82 -14.71 57.44
N ILE B 165 17.81 -14.04 56.91
CA ILE B 165 17.82 -13.52 55.54
C ILE B 165 17.61 -12.01 55.62
N GLY B 166 18.56 -11.25 55.09
CA GLY B 166 18.50 -9.80 55.14
C GLY B 166 18.43 -9.21 53.76
N LEU B 167 17.85 -8.02 53.67
CA LEU B 167 17.71 -7.30 52.41
C LEU B 167 18.22 -5.88 52.57
N GLU B 168 18.72 -5.31 51.47
CA GLU B 168 19.25 -3.97 51.49
C GLU B 168 19.06 -3.34 50.11
N TYR B 169 19.15 -2.01 50.07
CA TYR B 169 19.03 -1.24 48.84
C TYR B 169 20.39 -0.67 48.45
N LEU B 170 20.64 -0.63 47.15
CA LEU B 170 21.87 -0.06 46.61
C LEU B 170 21.67 1.43 46.38
N THR B 171 22.47 2.25 47.06
CA THR B 171 22.32 3.70 46.98
C THR B 171 23.24 4.32 45.93
N ASP B 172 24.45 3.79 45.78
CA ASP B 172 25.44 4.37 44.89
C ASP B 172 25.33 3.76 43.49
N GLY B 173 25.67 4.56 42.49
CA GLY B 173 25.69 4.07 41.12
C GLY B 173 24.33 3.55 40.69
N ARG B 174 24.34 2.38 40.06
CA ARG B 174 23.11 1.81 39.53
C ARG B 174 22.15 1.51 40.67
N PRO B 175 20.87 1.86 40.53
CA PRO B 175 19.90 1.49 41.57
C PRO B 175 19.68 -0.02 41.61
N GLY B 176 19.41 -0.53 42.80
CA GLY B 176 19.19 -1.96 42.96
C GLY B 176 19.01 -2.31 44.41
N PHE B 177 18.85 -3.61 44.67
CA PHE B 177 18.68 -4.13 46.01
C PHE B 177 19.60 -5.34 46.21
N LYS B 178 19.99 -5.55 47.46
CA LYS B 178 20.92 -6.61 47.82
C LYS B 178 20.27 -7.55 48.83
N LEU B 179 20.60 -8.84 48.71
CA LEU B 179 20.08 -9.87 49.58
C LEU B 179 21.22 -10.46 50.39
N LEU B 180 20.93 -10.83 51.65
CA LEU B 180 21.92 -11.37 52.55
C LEU B 180 21.36 -12.58 53.28
N PHE B 181 22.20 -13.58 53.51
CA PHE B 181 21.88 -14.73 54.34
C PHE B 181 22.93 -14.87 55.44
N ARG B 182 22.49 -15.30 56.63
CA ARG B 182 23.38 -15.50 57.77
C ARG B 182 23.40 -16.97 58.13
N PHE B 183 24.60 -17.54 58.21
CA PHE B 183 24.80 -18.92 58.62
C PHE B 183 25.69 -18.97 59.86
N ASP B 184 25.38 -19.88 60.78
CA ASP B 184 26.19 -20.09 61.97
C ASP B 184 27.46 -20.84 61.56
N SER B 185 28.42 -20.09 61.01
CA SER B 185 29.61 -20.70 60.44
C SER B 185 30.41 -21.47 61.49
N SER B 186 30.29 -21.09 62.76
CA SER B 186 31.06 -21.78 63.80
C SER B 186 30.69 -23.25 63.85
N ALA B 187 29.39 -23.56 63.81
CA ALA B 187 28.93 -24.95 63.79
C ALA B 187 28.66 -25.47 62.39
N ASN B 188 28.78 -24.63 61.37
CA ASN B 188 28.52 -25.07 60.00
C ASN B 188 29.70 -25.92 59.50
N PRO B 189 29.49 -27.17 59.11
CA PRO B 189 30.59 -28.00 58.63
C PRO B 189 30.83 -27.93 57.12
N PHE B 190 30.16 -27.02 56.41
CA PHE B 190 30.19 -27.00 54.96
C PHE B 190 31.02 -25.86 54.38
N PHE B 191 30.92 -24.66 54.94
CA PHE B 191 31.70 -23.53 54.43
C PHE B 191 31.97 -22.57 55.58
N THR B 192 33.03 -21.78 55.42
CA THR B 192 33.45 -20.81 56.43
C THR B 192 32.81 -19.44 56.23
N ASN B 193 32.04 -19.25 55.17
CA ASN B 193 31.41 -17.95 54.91
C ASN B 193 30.41 -17.60 56.02
N ASP B 194 30.76 -16.61 56.84
CA ASP B 194 29.85 -16.18 57.89
C ASP B 194 28.58 -15.58 57.31
N ILE B 195 28.71 -14.77 56.27
CA ILE B 195 27.56 -14.11 55.63
C ILE B 195 27.78 -14.15 54.12
N LEU B 196 26.71 -14.44 53.39
CA LEU B 196 26.71 -14.42 51.93
C LEU B 196 25.73 -13.36 51.46
N CYS B 197 26.16 -12.52 50.54
CA CYS B 197 25.35 -11.42 50.03
C CYS B 197 25.16 -11.56 48.52
N LYS B 198 23.94 -11.27 48.06
CA LYS B 198 23.60 -11.33 46.65
C LYS B 198 23.10 -9.96 46.21
N THR B 199 23.62 -9.49 45.09
CA THR B 199 23.37 -8.13 44.61
C THR B 199 22.58 -8.16 43.31
N TYR B 200 21.71 -7.16 43.15
CA TYR B 200 20.95 -6.97 41.92
C TYR B 200 21.13 -5.54 41.44
N PHE B 201 21.05 -5.36 40.12
CA PHE B 201 21.28 -4.07 39.49
C PHE B 201 20.15 -3.75 38.53
N TYR B 202 19.92 -2.46 38.32
CA TYR B 202 18.95 -1.95 37.37
C TYR B 202 19.64 -1.11 36.31
N GLN B 203 18.95 -0.88 35.21
CA GLN B 203 19.51 -0.07 34.14
C GLN B 203 19.55 1.41 34.54
N LYS B 204 20.36 2.16 33.80
CA LYS B 204 20.68 3.54 34.21
C LYS B 204 19.43 4.42 34.22
N GLU B 205 18.70 4.44 33.12
CA GLU B 205 17.56 5.34 32.95
C GLU B 205 16.27 4.64 33.35
N LEU B 206 15.16 5.36 33.19
CA LEU B 206 13.85 4.82 33.53
C LEU B 206 13.38 3.87 32.43
N GLY B 207 13.23 2.59 32.76
CA GLY B 207 12.57 1.68 31.85
C GLY B 207 11.14 2.12 31.60
N TYR B 208 10.67 1.89 30.37
CA TYR B 208 9.35 2.35 29.99
C TYR B 208 8.29 1.78 30.93
N SER B 209 7.16 2.46 31.00
CA SER B 209 6.04 2.19 31.89
C SER B 209 6.31 2.73 33.30
N GLY B 210 7.43 3.40 33.52
CA GLY B 210 7.70 4.04 34.80
C GLY B 210 8.27 3.15 35.87
N ASP B 211 8.71 1.95 35.52
CA ASP B 211 9.41 1.05 36.43
C ASP B 211 10.85 0.89 35.97
N PHE B 212 11.61 0.10 36.71
CA PHE B 212 12.96 -0.28 36.33
C PHE B 212 12.97 -1.70 35.78
N ILE B 213 13.80 -1.91 34.77
CA ILE B 213 14.05 -3.25 34.23
C ILE B 213 15.37 -3.74 34.80
N TYR B 214 15.51 -5.06 34.85
CA TYR B 214 16.66 -5.67 35.51
C TYR B 214 17.96 -5.35 34.78
N ASP B 215 19.05 -5.35 35.55
CA ASP B 215 20.40 -5.42 35.03
C ASP B 215 21.08 -6.64 35.67
N HIS B 216 22.19 -7.07 35.06
CA HIS B 216 22.83 -8.30 35.51
C HIS B 216 23.13 -8.24 37.01
N ALA B 217 23.29 -9.43 37.60
CA ALA B 217 23.46 -9.57 39.03
C ALA B 217 24.83 -10.18 39.33
N GLU B 218 25.29 -9.97 40.56
CA GLU B 218 26.57 -10.50 41.02
C GLU B 218 26.39 -11.09 42.41
N GLY B 219 27.24 -12.06 42.73
CA GLY B 219 27.17 -12.75 44.01
C GLY B 219 28.55 -13.14 44.48
N CYS B 220 28.59 -13.71 45.69
CA CYS B 220 29.84 -14.11 46.30
C CYS B 220 30.17 -15.56 45.97
N GLU B 221 31.36 -15.99 46.39
CA GLU B 221 31.82 -17.35 46.22
C GLU B 221 31.92 -18.02 47.57
N ILE B 222 31.47 -19.28 47.65
CA ILE B 222 31.40 -20.00 48.91
C ILE B 222 32.74 -20.69 49.15
N SER B 223 33.34 -20.41 50.32
CA SER B 223 34.60 -21.02 50.71
C SER B 223 34.29 -22.36 51.40
N TRP B 224 33.99 -23.36 50.58
CA TRP B 224 33.65 -24.67 51.10
C TRP B 224 34.83 -25.25 51.88
N LYS B 225 34.54 -25.85 53.03
CA LYS B 225 35.59 -26.44 53.84
C LYS B 225 36.28 -27.59 53.10
N ASP B 226 35.50 -28.42 52.41
CA ASP B 226 36.05 -29.50 51.60
C ASP B 226 35.02 -29.89 50.55
N ASN B 227 35.49 -30.60 49.52
CA ASN B 227 34.62 -30.97 48.42
C ASN B 227 33.54 -31.94 48.86
N ALA B 228 33.85 -32.83 49.80
CA ALA B 228 32.85 -33.77 50.29
C ALA B 228 31.67 -33.03 50.91
N HIS B 229 31.94 -31.98 51.67
CA HIS B 229 30.90 -31.15 52.25
C HIS B 229 30.36 -30.10 51.28
N ASN B 230 30.96 -29.96 50.10
CA ASN B 230 30.51 -28.98 49.12
C ASN B 230 29.21 -29.49 48.51
N VAL B 231 28.08 -28.91 48.92
CA VAL B 231 26.78 -29.33 48.41
C VAL B 231 26.54 -28.85 46.99
N THR B 232 27.34 -27.91 46.49
CA THR B 232 27.32 -27.53 45.09
C THR B 232 28.14 -28.45 44.21
N VAL B 233 28.66 -29.54 44.78
CA VAL B 233 29.56 -30.44 44.07
C VAL B 233 29.32 -31.87 44.54
N ASP B 234 29.43 -32.81 43.62
CA ASP B 234 29.50 -34.22 43.94
C ASP B 234 30.96 -34.67 43.81
N LEU B 235 31.39 -35.50 44.76
CA LEU B 235 32.80 -35.78 44.96
C LEU B 235 33.14 -37.22 44.57
N GLU B 236 34.35 -37.40 44.07
CA GLU B 236 34.90 -38.71 43.77
C GLU B 236 36.32 -38.79 44.32
N MET B 237 36.61 -39.88 45.03
CA MET B 237 37.94 -40.12 45.59
C MET B 237 38.59 -41.27 44.84
N ARG B 238 39.83 -41.06 44.42
CA ARG B 238 40.57 -42.07 43.65
C ARG B 238 42.01 -42.09 44.11
N LYS B 239 42.52 -43.31 44.35
CA LYS B 239 43.94 -43.54 44.61
C LYS B 239 44.44 -44.46 43.51
N GLN B 240 45.42 -43.99 42.75
CA GLN B 240 45.81 -44.66 41.51
C GLN B 240 47.33 -44.74 41.42
N ARG B 241 47.79 -45.75 40.68
CA ARG B 241 49.18 -45.87 40.25
C ARG B 241 49.16 -45.79 38.73
N ASN B 242 49.65 -44.68 38.19
CA ASN B 242 49.50 -44.40 36.76
C ASN B 242 50.06 -45.54 35.92
N LYS B 243 49.28 -45.99 34.94
CA LYS B 243 49.72 -47.09 34.10
C LYS B 243 50.80 -46.65 33.12
N THR B 244 50.83 -45.35 32.77
CA THR B 244 51.82 -44.87 31.82
C THR B 244 53.13 -44.52 32.51
N THR B 245 53.09 -43.63 33.52
CA THR B 245 54.29 -43.18 34.20
C THR B 245 54.63 -44.01 35.43
N LYS B 246 53.73 -44.88 35.89
CA LYS B 246 53.94 -45.70 37.07
C LYS B 246 54.20 -44.87 38.33
N GLN B 247 53.71 -43.64 38.35
CA GLN B 247 53.77 -42.82 39.56
C GLN B 247 52.63 -43.19 40.50
N VAL B 248 52.80 -42.81 41.77
CA VAL B 248 51.80 -43.06 42.81
C VAL B 248 51.17 -41.73 43.18
N ARG B 249 49.84 -41.67 43.14
CA ARG B 249 49.13 -40.42 43.33
C ARG B 249 47.80 -40.68 44.03
N THR B 250 47.33 -39.66 44.75
CA THR B 250 45.99 -39.65 45.33
C THR B 250 45.23 -38.47 44.75
N ILE B 251 43.99 -38.70 44.35
CA ILE B 251 43.24 -37.75 43.55
C ILE B 251 42.02 -37.26 44.33
N GLU B 252 41.78 -35.95 44.27
CA GLU B 252 40.56 -35.34 44.78
C GLU B 252 39.89 -34.64 43.61
N LYS B 253 38.67 -35.08 43.27
CA LYS B 253 38.02 -34.70 42.03
C LYS B 253 36.72 -33.95 42.33
N ILE B 254 36.37 -33.03 41.42
CA ILE B 254 35.26 -32.12 41.62
C ILE B 254 34.40 -32.09 40.35
N THR B 255 33.09 -31.95 40.54
CA THR B 255 32.14 -31.77 39.44
C THR B 255 30.93 -31.00 39.95
N PRO B 256 30.65 -29.81 39.43
CA PRO B 256 29.55 -29.01 39.98
C PRO B 256 28.20 -29.67 39.80
N ILE B 257 27.29 -29.39 40.74
CA ILE B 257 25.91 -29.87 40.68
C ILE B 257 24.98 -28.71 41.06
N GLU B 258 23.72 -28.82 40.65
CA GLU B 258 22.73 -27.81 40.99
C GLU B 258 22.37 -27.89 42.46
N SER B 259 21.97 -26.75 43.03
CA SER B 259 21.67 -26.66 44.45
C SER B 259 21.02 -25.31 44.72
N PHE B 260 20.53 -25.14 45.95
CA PHE B 260 20.00 -23.84 46.35
C PHE B 260 21.08 -22.77 46.35
N PHE B 261 22.34 -23.17 46.55
CA PHE B 261 23.46 -22.23 46.52
C PHE B 261 23.91 -21.90 45.10
N ASN B 262 23.31 -22.53 44.08
CA ASN B 262 23.43 -22.00 42.73
C ASN B 262 22.76 -20.64 42.60
N PHE B 263 21.93 -20.27 43.58
CA PHE B 263 21.48 -18.89 43.69
C PHE B 263 22.67 -17.94 43.68
N PHE B 264 23.74 -18.32 44.36
CA PHE B 264 25.01 -17.62 44.25
C PHE B 264 25.74 -18.06 42.99
N ASP B 265 26.91 -17.47 42.75
CA ASP B 265 27.59 -17.58 41.46
C ASP B 265 26.60 -17.23 40.35
N PRO B 266 25.91 -16.10 40.45
CA PRO B 266 24.80 -15.81 39.53
C PRO B 266 25.31 -15.60 38.12
N PRO B 267 24.41 -15.37 37.16
CA PRO B 267 24.85 -15.12 35.79
C PRO B 267 25.86 -13.98 35.73
N LYS B 268 26.92 -14.20 34.96
CA LYS B 268 28.10 -13.33 35.00
C LYS B 268 27.78 -11.91 34.57
N ILE B 269 27.38 -11.72 33.31
CA ILE B 269 27.21 -10.38 32.75
C ILE B 269 25.93 -10.35 31.93
N GLN B 270 25.37 -9.14 31.78
CA GLN B 270 24.17 -8.97 30.97
C GLN B 270 24.42 -9.38 29.53
N ASN B 271 25.54 -8.95 28.96
CA ASN B 271 25.87 -9.26 27.57
C ASN B 271 27.33 -8.92 27.32
N GLU B 272 28.06 -9.86 26.75
CA GLU B 272 29.45 -9.65 26.41
C GLU B 272 29.81 -10.53 25.22
N ASP B 273 30.88 -10.14 24.52
CA ASP B 273 31.25 -10.84 23.29
C ASP B 273 31.63 -12.29 23.56
N GLN B 274 32.40 -12.54 24.63
CA GLN B 274 32.92 -13.87 24.88
C GLN B 274 31.92 -14.79 25.57
N ASP B 275 30.81 -14.25 26.06
CA ASP B 275 29.87 -15.01 26.87
C ASP B 275 28.60 -15.43 26.12
N GLU B 276 28.49 -15.14 24.82
CA GLU B 276 27.22 -15.34 24.13
C GLU B 276 26.70 -16.76 24.31
N GLU B 277 27.53 -17.75 24.00
CA GLU B 277 27.14 -19.14 24.23
C GLU B 277 26.74 -19.34 25.69
N LEU B 278 27.50 -18.77 26.61
CA LEU B 278 27.07 -18.73 28.00
C LEU B 278 25.86 -17.83 28.16
N GLU B 279 25.80 -16.72 27.44
CA GLU B 279 24.74 -15.73 27.66
C GLU B 279 23.37 -16.32 27.46
N GLU B 280 23.24 -17.37 26.64
CA GLU B 280 21.95 -18.05 26.54
C GLU B 280 21.47 -18.52 27.92
N ASP B 281 22.25 -19.41 28.54
CA ASP B 281 21.91 -19.90 29.87
C ASP B 281 21.90 -18.76 30.88
N LEU B 282 22.73 -17.73 30.67
CA LEU B 282 22.73 -16.59 31.59
C LEU B 282 21.40 -15.87 31.56
N GLU B 283 20.82 -15.67 30.37
CA GLU B 283 19.51 -15.03 30.27
C GLU B 283 18.42 -15.90 30.89
N GLU B 284 18.46 -17.21 30.60
CA GLU B 284 17.45 -18.10 31.19
C GLU B 284 17.53 -18.07 32.71
N ARG B 285 18.72 -18.31 33.26
CA ARG B 285 18.92 -18.28 34.69
C ARG B 285 18.72 -16.89 35.27
N LEU B 286 18.88 -15.84 34.48
CA LEU B 286 18.58 -14.49 34.95
C LEU B 286 17.09 -14.33 35.16
N ALA B 287 16.29 -14.76 34.19
CA ALA B 287 14.84 -14.74 34.38
C ALA B 287 14.47 -15.53 35.64
N LEU B 288 15.00 -16.75 35.76
CA LEU B 288 14.65 -17.58 36.91
C LEU B 288 15.09 -16.95 38.23
N ASP B 289 16.30 -16.39 38.26
CA ASP B 289 16.85 -15.85 39.50
C ASP B 289 16.18 -14.54 39.89
N TYR B 290 15.79 -13.73 38.91
CA TYR B 290 15.03 -12.52 39.20
C TYR B 290 13.64 -12.88 39.72
N SER B 291 13.03 -13.92 39.15
CA SER B 291 11.76 -14.39 39.72
C SER B 291 11.95 -14.84 41.17
N ILE B 292 13.02 -15.59 41.43
CA ILE B 292 13.26 -16.08 42.79
C ILE B 292 13.50 -14.90 43.73
N GLY B 293 14.30 -13.93 43.30
CA GLY B 293 14.60 -12.79 44.15
C GLY B 293 13.38 -11.93 44.42
N GLU B 294 12.56 -11.71 43.40
CA GLU B 294 11.30 -10.98 43.61
C GLU B 294 10.39 -11.73 44.57
N GLN B 295 10.32 -13.05 44.43
CA GLN B 295 9.54 -13.85 45.37
C GLN B 295 10.05 -13.66 46.79
N LEU B 296 11.35 -13.83 47.00
CA LEU B 296 11.96 -13.56 48.30
C LEU B 296 11.50 -12.20 48.82
N LYS B 297 11.82 -11.15 48.05
CA LYS B 297 11.64 -9.77 48.52
C LYS B 297 10.19 -9.47 48.86
N ASP B 298 9.26 -9.95 48.04
CA ASP B 298 7.86 -9.59 48.24
C ASP B 298 7.20 -10.48 49.29
N LYS B 299 7.39 -11.79 49.20
CA LYS B 299 6.68 -12.74 50.05
C LYS B 299 7.48 -13.14 51.28
N LEU B 300 8.68 -13.69 51.08
CA LEU B 300 9.31 -14.43 52.17
C LEU B 300 9.81 -13.48 53.25
N ILE B 301 10.70 -12.55 52.90
CA ILE B 301 11.23 -11.63 53.91
C ILE B 301 10.11 -10.83 54.55
N PRO B 302 9.13 -10.29 53.81
CA PRO B 302 7.99 -9.65 54.48
C PRO B 302 7.02 -10.63 55.11
N ARG B 303 6.88 -11.84 54.59
CA ARG B 303 5.98 -12.85 55.13
C ARG B 303 6.80 -14.13 55.33
N ALA B 304 7.19 -14.41 56.57
CA ALA B 304 7.94 -15.61 56.91
C ALA B 304 7.17 -16.57 57.79
N VAL B 305 6.34 -16.06 58.70
CA VAL B 305 5.62 -16.92 59.63
C VAL B 305 4.62 -17.80 58.89
N ASP B 306 3.79 -17.18 58.05
CA ASP B 306 2.74 -17.93 57.36
C ASP B 306 3.34 -18.93 56.39
N TRP B 307 4.40 -18.55 55.69
CA TRP B 307 5.03 -19.47 54.75
C TRP B 307 5.66 -20.66 55.47
N PHE B 308 6.26 -20.42 56.63
CA PHE B 308 6.75 -21.53 57.44
C PHE B 308 5.60 -22.44 57.86
N THR B 309 4.52 -21.85 58.37
CA THR B 309 3.38 -22.65 58.82
C THR B 309 2.55 -23.17 57.65
N GLY B 310 2.73 -22.61 56.45
CA GLY B 310 1.98 -23.02 55.29
C GLY B 310 0.66 -22.29 55.10
N ALA B 311 0.27 -21.44 56.04
CA ALA B 311 -0.99 -20.70 55.90
C ALA B 311 -0.95 -19.76 54.70
N ALA B 312 0.24 -19.29 54.32
CA ALA B 312 0.37 -18.41 53.17
C ALA B 312 0.04 -19.11 51.86
N LEU B 313 0.00 -20.45 51.85
CA LEU B 313 -0.29 -21.20 50.64
C LEU B 313 -1.67 -20.83 50.09
N ASN C 7 39.98 -32.35 -23.71
CA ASN C 7 39.39 -31.85 -25.00
C ASN C 7 37.88 -32.05 -25.02
N GLU C 8 37.44 -33.25 -24.62
CA GLU C 8 36.02 -33.55 -24.65
C GLU C 8 35.21 -32.53 -23.85
N LEU C 9 35.77 -32.06 -22.73
CA LEU C 9 35.05 -31.08 -21.92
C LEU C 9 34.78 -29.81 -22.72
N ILE C 10 35.76 -29.35 -23.49
CA ILE C 10 35.59 -28.13 -24.28
C ILE C 10 34.69 -28.39 -25.47
N ILE C 11 34.95 -29.47 -26.21
CA ILE C 11 34.23 -29.71 -27.45
C ILE C 11 32.76 -29.98 -27.18
N GLY C 12 32.45 -30.82 -26.19
CA GLY C 12 31.05 -31.06 -25.87
C GLY C 12 30.32 -29.81 -25.48
N ALA C 13 30.96 -28.98 -24.66
CA ALA C 13 30.38 -27.69 -24.28
C ALA C 13 30.32 -26.73 -25.46
N GLN C 14 31.17 -26.92 -26.47
CA GLN C 14 31.24 -26.01 -27.62
C GLN C 14 31.26 -26.82 -28.91
N SER C 15 30.39 -27.82 -29.00
CA SER C 15 30.35 -28.68 -30.18
C SER C 15 29.93 -27.89 -31.42
N HIS C 19 23.50 -31.39 -31.31
CA HIS C 19 22.94 -30.52 -30.28
C HIS C 19 23.72 -30.62 -28.98
N THR C 20 24.81 -31.39 -29.00
CA THR C 20 25.60 -31.58 -27.80
C THR C 20 26.11 -30.25 -27.24
N ARG C 21 26.32 -29.26 -28.11
CA ARG C 21 26.83 -27.97 -27.65
C ARG C 21 25.87 -27.33 -26.65
N GLU C 22 24.61 -27.17 -27.05
CA GLU C 22 23.64 -26.50 -26.18
C GLU C 22 23.30 -27.35 -24.98
N VAL C 23 23.15 -28.66 -25.18
CA VAL C 23 22.87 -29.57 -24.06
C VAL C 23 23.98 -29.44 -23.02
N ALA C 24 25.23 -29.50 -23.46
CA ALA C 24 26.34 -29.41 -22.52
C ALA C 24 26.44 -28.03 -21.87
N GLU C 25 26.14 -26.97 -22.62
CA GLU C 25 26.20 -25.63 -22.04
C GLU C 25 25.16 -25.45 -20.93
N THR C 26 23.92 -25.82 -21.21
CA THR C 26 22.88 -25.74 -20.19
C THR C 26 23.16 -26.68 -19.03
N GLN C 27 23.71 -27.87 -19.33
CA GLN C 27 24.08 -28.82 -18.30
C GLN C 27 25.14 -28.21 -17.37
N LEU C 28 26.14 -27.56 -17.96
CA LEU C 28 27.15 -26.86 -17.18
C LEU C 28 26.51 -25.80 -16.30
N LEU C 29 25.69 -24.93 -16.89
CA LEU C 29 25.14 -23.81 -16.13
C LEU C 29 24.28 -24.30 -14.98
N GLN C 30 23.45 -25.32 -15.21
CA GLN C 30 22.55 -25.78 -14.16
C GLN C 30 23.28 -26.61 -13.10
N TRP C 31 24.41 -27.23 -13.46
CA TRP C 31 25.13 -28.08 -12.50
C TRP C 31 25.33 -27.38 -11.16
N CYS C 32 26.06 -26.27 -11.15
CA CYS C 32 26.55 -25.71 -9.90
C CYS C 32 27.19 -26.81 -9.06
N ASP C 33 27.94 -27.68 -9.74
CA ASP C 33 28.37 -28.96 -9.19
C ASP C 33 29.85 -29.16 -9.46
N SER C 34 30.42 -30.19 -8.82
CA SER C 34 31.80 -30.56 -9.10
C SER C 34 31.99 -30.84 -10.59
N ASP C 35 30.97 -31.39 -11.24
CA ASP C 35 31.03 -31.58 -12.68
C ASP C 35 31.29 -30.25 -13.38
N ALA C 36 30.65 -29.17 -12.90
CA ALA C 36 30.96 -27.85 -13.42
C ALA C 36 32.42 -27.50 -13.18
N SER C 37 32.93 -27.82 -11.99
CA SER C 37 34.32 -27.52 -11.68
C SER C 37 35.27 -28.19 -12.67
N GLN C 38 34.88 -29.33 -13.25
CA GLN C 38 35.75 -30.01 -14.21
C GLN C 38 35.71 -29.30 -15.56
N VAL C 39 34.51 -29.11 -16.12
CA VAL C 39 34.40 -28.36 -17.37
C VAL C 39 34.84 -26.92 -17.17
N PHE C 40 34.57 -26.35 -15.98
CA PHE C 40 35.03 -25.01 -15.69
C PHE C 40 36.56 -24.96 -15.65
N LYS C 41 37.19 -25.99 -15.11
CA LYS C 41 38.63 -26.09 -15.13
C LYS C 41 39.16 -26.14 -16.56
N ALA C 42 38.51 -26.94 -17.41
CA ALA C 42 38.94 -27.03 -18.81
C ALA C 42 38.83 -25.67 -19.49
N LEU C 43 37.71 -24.99 -19.28
CA LEU C 43 37.52 -23.68 -19.90
C LEU C 43 38.49 -22.65 -19.35
N ALA C 44 38.80 -22.71 -18.05
CA ALA C 44 39.78 -21.80 -17.47
C ALA C 44 41.16 -22.04 -18.04
N ASN C 45 41.55 -23.30 -18.23
CA ASN C 45 42.82 -23.59 -18.87
C ASN C 45 42.84 -23.10 -20.30
N VAL C 46 41.72 -23.23 -21.01
CA VAL C 46 41.62 -22.67 -22.36
C VAL C 46 41.85 -21.16 -22.32
N ALA C 47 41.19 -20.49 -21.38
CA ALA C 47 41.34 -19.04 -21.27
C ALA C 47 42.78 -18.65 -20.96
N LEU C 48 43.44 -19.40 -20.08
CA LEU C 48 44.81 -19.07 -19.70
C LEU C 48 45.75 -19.14 -20.90
N GLN C 49 45.62 -20.17 -21.73
CA GLN C 49 46.48 -20.33 -22.90
C GLN C 49 46.00 -19.35 -23.98
N HIS C 50 46.34 -18.08 -23.77
CA HIS C 50 45.98 -17.04 -24.73
C HIS C 50 46.66 -17.25 -26.07
N GLU C 51 47.71 -18.08 -26.13
CA GLU C 51 48.42 -18.33 -27.38
C GLU C 51 47.64 -19.19 -28.36
N ALA C 52 46.53 -19.79 -27.94
CA ALA C 52 45.78 -20.69 -28.81
C ALA C 52 44.35 -20.82 -28.28
N SER C 53 43.50 -21.47 -29.07
CA SER C 53 42.14 -21.83 -28.69
C SER C 53 41.23 -20.61 -28.56
N LEU C 54 41.36 -19.67 -29.50
CA LEU C 54 40.67 -18.39 -29.38
C LEU C 54 39.16 -18.57 -29.22
N GLU C 55 38.53 -19.32 -30.12
CA GLU C 55 37.07 -19.42 -30.11
C GLU C 55 36.57 -20.08 -28.84
N SER C 56 37.23 -21.16 -28.39
CA SER C 56 36.85 -21.77 -27.14
C SER C 56 37.08 -20.84 -25.96
N ARG C 57 38.08 -19.96 -26.04
CA ARG C 57 38.26 -18.96 -25.00
C ARG C 57 37.11 -17.97 -24.97
N GLN C 58 36.63 -17.55 -26.14
CA GLN C 58 35.46 -16.68 -26.19
C GLN C 58 34.24 -17.38 -25.58
N PHE C 59 34.05 -18.65 -25.94
CA PHE C 59 32.94 -19.41 -25.38
C PHE C 59 33.07 -19.53 -23.87
N ALA C 60 34.30 -19.78 -23.38
CA ALA C 60 34.53 -19.87 -21.95
C ALA C 60 34.21 -18.56 -21.25
N LEU C 61 34.61 -17.44 -21.85
CA LEU C 61 34.29 -16.13 -21.27
C LEU C 61 32.79 -15.93 -21.19
N LEU C 62 32.07 -16.27 -22.27
CA LEU C 62 30.62 -16.14 -22.27
C LEU C 62 30.00 -16.98 -21.16
N SER C 63 30.38 -18.25 -21.08
CA SER C 63 29.81 -19.13 -20.07
C SER C 63 30.13 -18.64 -18.67
N LEU C 64 31.36 -18.20 -18.43
CA LEU C 64 31.73 -17.68 -17.11
C LEU C 64 30.89 -16.47 -16.76
N ARG C 65 30.69 -15.56 -17.72
CA ARG C 65 29.84 -14.41 -17.47
C ARG C 65 28.44 -14.86 -17.07
N LYS C 66 27.88 -15.81 -17.81
CA LYS C 66 26.54 -16.30 -17.49
C LYS C 66 26.54 -17.04 -16.15
N LEU C 67 27.57 -17.84 -15.88
CA LEU C 67 27.62 -18.61 -14.65
C LEU C 67 27.68 -17.71 -13.43
N ILE C 68 28.49 -16.64 -13.49
CA ILE C 68 28.68 -15.78 -12.33
C ILE C 68 27.36 -15.18 -11.87
N THR C 69 26.40 -15.04 -12.78
CA THR C 69 25.10 -14.48 -12.39
C THR C 69 24.43 -15.31 -11.30
N MET C 70 24.67 -16.61 -11.27
CA MET C 70 24.08 -17.49 -10.27
C MET C 70 24.50 -17.02 -8.88
N SER C 83 26.53 -25.51 -4.20
CA SER C 83 26.23 -24.72 -5.39
C SER C 83 27.41 -23.82 -5.78
N ASN C 84 28.47 -23.85 -4.96
CA ASN C 84 29.66 -23.03 -5.22
C ASN C 84 30.93 -23.88 -5.21
N VAL C 85 30.85 -25.13 -5.66
CA VAL C 85 32.02 -25.99 -5.68
C VAL C 85 33.11 -25.41 -6.57
N GLU C 86 32.72 -24.62 -7.58
CA GLU C 86 33.69 -24.04 -8.48
C GLU C 86 34.58 -23.00 -7.81
N ILE C 87 34.23 -22.60 -6.58
CA ILE C 87 34.94 -21.51 -5.92
C ILE C 87 36.45 -21.70 -5.98
N ASP C 88 36.92 -22.94 -5.85
CA ASP C 88 38.36 -23.19 -5.91
C ASP C 88 38.92 -22.79 -7.26
N VAL C 89 38.23 -23.17 -8.34
CA VAL C 89 38.69 -22.83 -9.69
C VAL C 89 38.23 -21.43 -10.08
N LYS C 90 37.24 -20.87 -9.38
CA LYS C 90 36.78 -19.52 -9.69
C LYS C 90 37.89 -18.49 -9.51
N ASP C 91 38.58 -18.54 -8.37
CA ASP C 91 39.61 -17.55 -8.08
C ASP C 91 40.78 -17.65 -9.07
N PHE C 92 41.15 -18.87 -9.44
CA PHE C 92 42.20 -19.05 -10.42
C PHE C 92 41.86 -18.33 -11.72
N ILE C 93 40.65 -18.55 -12.23
CA ILE C 93 40.25 -17.91 -13.47
C ILE C 93 40.10 -16.41 -13.28
N ARG C 94 39.73 -15.96 -12.08
CA ARG C 94 39.68 -14.52 -11.82
C ARG C 94 41.06 -13.89 -11.96
N GLU C 95 42.06 -14.49 -11.33
CA GLU C 95 43.41 -13.96 -11.39
C GLU C 95 43.96 -14.02 -12.81
N VAL C 96 43.60 -15.07 -13.56
CA VAL C 96 43.99 -15.15 -14.96
C VAL C 96 43.29 -14.05 -15.76
N LEU C 97 42.01 -13.84 -15.47
CA LEU C 97 41.18 -12.93 -16.26
C LEU C 97 41.64 -11.49 -16.10
N LEU C 98 42.12 -11.13 -14.91
CA LEU C 98 42.70 -9.79 -14.75
C LEU C 98 43.79 -9.57 -15.80
N LYS C 99 44.73 -10.51 -15.90
CA LYS C 99 45.79 -10.41 -16.89
C LYS C 99 45.22 -10.40 -18.31
N LEU C 100 44.27 -11.30 -18.59
CA LEU C 100 43.69 -11.37 -19.91
C LEU C 100 43.10 -10.02 -20.33
N CYS C 101 42.48 -9.32 -19.38
CA CYS C 101 41.90 -8.02 -19.69
C CYS C 101 42.98 -6.96 -19.88
N LEU C 102 43.97 -6.94 -18.99
CA LEU C 102 44.94 -5.86 -19.04
C LEU C 102 45.97 -6.02 -20.14
N ASN C 103 46.40 -7.25 -20.45
CA ASN C 103 47.43 -7.44 -21.47
C ASN C 103 46.86 -7.01 -22.81
N ASP C 104 47.34 -5.87 -23.33
CA ASP C 104 46.80 -5.33 -24.56
C ASP C 104 47.03 -6.25 -25.74
N ASN C 105 48.05 -7.10 -25.70
CA ASN C 105 48.29 -8.03 -26.79
C ASN C 105 47.19 -9.08 -26.91
N GLU C 106 46.33 -9.20 -25.91
CA GLU C 106 45.21 -10.12 -25.98
C GLU C 106 44.23 -9.66 -27.05
N ASN C 107 43.48 -10.61 -27.61
CA ASN C 107 42.60 -10.31 -28.72
C ASN C 107 41.48 -9.36 -28.29
N THR C 108 40.97 -8.59 -29.25
CA THR C 108 39.98 -7.56 -28.95
C THR C 108 38.74 -8.17 -28.27
N LYS C 109 38.14 -9.18 -28.90
CA LYS C 109 36.93 -9.75 -28.32
C LYS C 109 37.23 -10.45 -27.00
N ILE C 110 38.39 -11.11 -26.89
CA ILE C 110 38.77 -11.72 -25.62
C ILE C 110 38.94 -10.64 -24.55
N LYS C 111 39.55 -9.51 -24.92
CA LYS C 111 39.71 -8.42 -23.96
C LYS C 111 38.35 -7.91 -23.49
N ASN C 112 37.41 -7.72 -24.43
CA ASN C 112 36.09 -7.24 -24.05
C ASN C 112 35.37 -8.26 -23.16
N GLY C 113 35.50 -9.55 -23.49
CA GLY C 113 34.92 -10.58 -22.66
C GLY C 113 35.47 -10.53 -21.25
N ALA C 114 36.79 -10.44 -21.12
CA ALA C 114 37.40 -10.35 -19.80
C ALA C 114 36.90 -9.12 -19.06
N SER C 115 36.77 -8.00 -19.78
CA SER C 115 36.39 -6.75 -19.11
C SER C 115 34.96 -6.85 -18.57
N TYR C 116 34.00 -7.27 -19.39
CA TYR C 116 32.63 -7.28 -18.87
C TYR C 116 32.39 -8.46 -17.93
N CYS C 117 33.18 -9.54 -18.06
CA CYS C 117 33.16 -10.57 -17.02
C CYS C 117 33.66 -10.02 -15.70
N ILE C 118 34.71 -9.19 -15.74
CA ILE C 118 35.19 -8.54 -14.53
C ILE C 118 34.11 -7.65 -13.94
N VAL C 119 33.41 -6.91 -14.80
CA VAL C 119 32.34 -6.04 -14.32
C VAL C 119 31.24 -6.87 -13.65
N GLN C 120 30.87 -7.99 -14.28
CA GLN C 120 29.84 -8.86 -13.71
C GLN C 120 30.29 -9.44 -12.36
N ILE C 121 31.55 -9.84 -12.27
CA ILE C 121 32.08 -10.37 -11.01
C ILE C 121 32.06 -9.29 -9.94
N SER C 122 32.41 -8.06 -10.30
CA SER C 122 32.31 -6.96 -9.35
C SER C 122 30.87 -6.78 -8.90
N ALA C 123 29.93 -6.88 -9.84
CA ALA C 123 28.52 -6.69 -9.49
C ALA C 123 28.06 -7.73 -8.47
N VAL C 124 28.41 -9.00 -8.70
CA VAL C 124 27.89 -10.06 -7.83
C VAL C 124 28.77 -10.26 -6.60
N ASP C 125 30.02 -10.68 -6.80
CA ASP C 125 30.85 -11.10 -5.69
C ASP C 125 31.40 -9.92 -4.90
N PHE C 126 31.95 -8.92 -5.59
CA PHE C 126 32.68 -7.82 -4.95
C PHE C 126 32.11 -6.50 -5.44
N PRO C 127 30.90 -6.14 -5.00
CA PRO C 127 30.38 -4.80 -5.31
C PRO C 127 31.33 -3.73 -4.80
N ASP C 128 31.90 -3.98 -3.63
CA ASP C 128 33.04 -3.19 -3.17
C ASP C 128 34.30 -3.68 -3.87
N GLN C 129 35.35 -2.87 -3.82
CA GLN C 129 36.55 -3.14 -4.60
C GLN C 129 37.02 -4.58 -4.42
N TRP C 130 37.27 -5.26 -5.53
CA TRP C 130 38.05 -6.49 -5.50
C TRP C 130 39.50 -6.03 -5.47
N PRO C 131 40.16 -6.02 -4.30
CA PRO C 131 41.36 -5.19 -4.17
C PRO C 131 42.43 -5.48 -5.19
N GLN C 132 42.71 -6.76 -5.45
CA GLN C 132 43.78 -7.09 -6.40
C GLN C 132 43.50 -6.50 -7.77
N LEU C 133 42.36 -6.86 -8.36
CA LEU C 133 42.05 -6.40 -9.71
C LEU C 133 41.96 -4.88 -9.76
N LEU C 134 41.21 -4.29 -8.81
CA LEU C 134 40.99 -2.86 -8.87
C LEU C 134 42.29 -2.08 -8.75
N THR C 135 43.13 -2.44 -7.78
CA THR C 135 44.40 -1.73 -7.61
C THR C 135 45.32 -1.97 -8.79
N VAL C 136 45.34 -3.19 -9.33
CA VAL C 136 46.23 -3.47 -10.46
C VAL C 136 45.83 -2.64 -11.66
N ILE C 137 44.53 -2.57 -11.98
CA ILE C 137 44.08 -1.78 -13.12
C ILE C 137 44.31 -0.30 -12.86
N TYR C 138 44.10 0.13 -11.62
CA TYR C 138 44.38 1.51 -11.24
C TYR C 138 45.83 1.88 -11.57
N ASP C 139 46.77 1.08 -11.09
CA ASP C 139 48.19 1.37 -11.30
C ASP C 139 48.54 1.27 -12.78
N ALA C 140 48.00 0.28 -13.48
CA ALA C 140 48.29 0.14 -14.90
C ALA C 140 47.82 1.35 -15.68
N ILE C 141 46.63 1.87 -15.35
CA ILE C 141 46.12 3.06 -16.03
C ILE C 141 47.00 4.26 -15.70
N SER C 142 47.37 4.42 -14.43
CA SER C 142 48.17 5.58 -14.05
C SER C 142 49.51 5.59 -14.77
N HIS C 143 50.16 4.42 -14.86
CA HIS C 143 51.52 4.39 -15.38
C HIS C 143 51.57 4.05 -16.87
N GLN C 144 51.11 2.86 -17.24
CA GLN C 144 51.35 2.36 -18.59
C GLN C 144 50.31 2.87 -19.58
N HIS C 145 49.16 3.34 -19.11
CA HIS C 145 48.14 3.94 -19.98
C HIS C 145 47.54 2.93 -20.95
N SER C 146 47.17 1.75 -20.45
CA SER C 146 46.54 0.72 -21.27
C SER C 146 45.10 1.14 -21.56
N LEU C 147 44.81 1.42 -22.83
CA LEU C 147 43.49 1.94 -23.21
C LEU C 147 42.37 1.00 -22.79
N ASN C 148 42.56 -0.31 -23.01
CA ASN C 148 41.56 -1.27 -22.58
C ASN C 148 41.24 -1.09 -21.11
N ALA C 149 42.24 -0.71 -20.32
CA ALA C 149 42.00 -0.50 -18.90
C ALA C 149 41.05 0.67 -18.65
N MET C 150 41.24 1.79 -19.36
CA MET C 150 40.32 2.90 -19.19
C MET C 150 38.93 2.55 -19.68
N SER C 151 38.83 1.76 -20.74
CA SER C 151 37.52 1.28 -21.18
C SER C 151 36.86 0.44 -20.09
N LEU C 152 37.64 -0.45 -19.46
CA LEU C 152 37.12 -1.26 -18.36
C LEU C 152 36.63 -0.38 -17.22
N LEU C 153 37.40 0.65 -16.88
CA LEU C 153 36.97 1.56 -15.83
C LEU C 153 35.69 2.29 -16.20
N ASN C 154 35.58 2.71 -17.46
CA ASN C 154 34.35 3.38 -17.89
C ASN C 154 33.14 2.47 -17.70
N GLU C 155 33.24 1.22 -18.16
CA GLU C 155 32.11 0.31 -17.98
C GLU C 155 31.89 -0.02 -16.51
N ILE C 156 32.95 -0.07 -15.71
CA ILE C 156 32.82 -0.30 -14.27
C ILE C 156 31.99 0.80 -13.64
N TYR C 157 32.31 2.05 -13.96
CA TYR C 157 31.52 3.17 -13.46
C TYR C 157 30.10 3.12 -13.99
N ASP C 158 29.93 2.64 -15.22
CA ASP C 158 28.58 2.52 -15.77
C ASP C 158 27.75 1.53 -14.98
N ASP C 159 28.37 0.42 -14.54
CA ASP C 159 27.62 -0.70 -14.00
C ASP C 159 27.65 -0.84 -12.48
N VAL C 160 28.82 -0.80 -11.85
CA VAL C 160 28.95 -1.34 -10.49
C VAL C 160 29.26 -0.30 -9.43
N VAL C 161 29.77 0.89 -9.76
CA VAL C 161 30.12 1.83 -8.70
C VAL C 161 28.87 2.54 -8.19
N SER C 162 29.01 3.17 -7.02
CA SER C 162 27.94 3.91 -6.39
C SER C 162 28.42 5.31 -6.03
N GLU C 163 27.48 6.26 -5.99
CA GLU C 163 27.85 7.63 -5.71
C GLU C 163 28.45 7.78 -4.32
N GLU C 164 27.91 7.07 -3.32
CA GLU C 164 28.52 7.10 -2.00
C GLU C 164 29.92 6.51 -2.04
N MET C 165 30.11 5.42 -2.78
CA MET C 165 31.45 4.87 -2.99
C MET C 165 32.33 5.86 -3.74
N PHE C 166 31.75 6.58 -4.71
CA PHE C 166 32.51 7.57 -5.46
C PHE C 166 33.03 8.68 -4.55
N PHE C 167 32.16 9.21 -3.69
CA PHE C 167 32.54 10.35 -2.86
C PHE C 167 33.33 9.90 -1.63
N GLU C 168 32.71 9.10 -0.78
CA GLU C 168 33.31 8.71 0.49
C GLU C 168 34.21 7.49 0.40
N GLY C 169 33.98 6.60 -0.56
CA GLY C 169 34.90 5.49 -0.77
C GLY C 169 36.27 5.93 -1.25
N GLY C 170 36.39 7.18 -1.71
CA GLY C 170 37.65 7.70 -2.19
C GLY C 170 37.98 7.34 -3.62
N ILE C 171 37.19 6.47 -4.25
CA ILE C 171 37.46 6.07 -5.62
C ILE C 171 37.37 7.27 -6.56
N GLY C 172 36.40 8.15 -6.30
CA GLY C 172 36.19 9.28 -7.20
C GLY C 172 37.40 10.20 -7.25
N LEU C 173 37.93 10.56 -6.08
CA LEU C 173 39.07 11.46 -6.04
C LEU C 173 40.29 10.84 -6.71
N ALA C 174 40.55 9.56 -6.44
CA ALA C 174 41.70 8.89 -7.04
C ALA C 174 41.56 8.82 -8.56
N THR C 175 40.36 8.45 -9.04
CA THR C 175 40.13 8.39 -10.47
C THR C 175 40.32 9.77 -11.11
N MET C 176 39.75 10.80 -10.49
CA MET C 176 39.87 12.14 -11.05
C MET C 176 41.31 12.59 -11.08
N GLU C 177 42.09 12.23 -10.06
CA GLU C 177 43.50 12.57 -10.07
C GLU C 177 44.24 11.85 -11.18
N ILE C 178 43.94 10.56 -11.40
CA ILE C 178 44.54 9.85 -12.52
C ILE C 178 44.23 10.55 -13.82
N VAL C 179 42.96 10.90 -14.02
CA VAL C 179 42.54 11.50 -15.28
C VAL C 179 43.22 12.85 -15.47
N PHE C 180 43.30 13.64 -14.41
CA PHE C 180 43.98 14.92 -14.50
C PHE C 180 45.45 14.74 -14.85
N LYS C 181 46.10 13.73 -14.26
CA LYS C 181 47.50 13.48 -14.61
C LYS C 181 47.63 13.09 -16.07
N VAL C 182 46.74 12.23 -16.57
CA VAL C 182 46.81 11.81 -17.96
C VAL C 182 46.64 13.01 -18.88
N LEU C 183 45.66 13.88 -18.58
CA LEU C 183 45.44 15.05 -19.43
C LEU C 183 46.59 16.06 -19.31
N ASN C 184 47.24 16.13 -18.15
CA ASN C 184 48.33 17.07 -17.97
C ASN C 184 49.58 16.62 -18.72
N THR C 185 49.86 15.32 -18.73
CA THR C 185 51.05 14.79 -19.39
C THR C 185 50.83 14.88 -20.89
N GLU C 186 51.32 15.96 -21.49
CA GLU C 186 51.18 16.14 -22.94
C GLU C 186 51.84 15.03 -23.73
N THR C 187 52.80 14.31 -23.15
CA THR C 187 53.35 13.14 -23.80
C THR C 187 52.31 12.06 -24.03
N SER C 188 51.19 12.09 -23.30
CA SER C 188 50.13 11.12 -23.50
C SER C 188 49.61 11.20 -24.93
N THR C 189 49.36 10.04 -25.53
CA THR C 189 48.86 10.01 -26.89
C THR C 189 47.42 10.53 -26.94
N LEU C 190 47.02 10.97 -28.14
CA LEU C 190 45.68 11.51 -28.30
C LEU C 190 44.61 10.50 -27.92
N ILE C 191 44.84 9.22 -28.22
CA ILE C 191 43.87 8.19 -27.84
C ILE C 191 43.81 8.08 -26.32
N ALA C 192 44.95 8.26 -25.65
CA ALA C 192 44.94 8.32 -24.19
C ALA C 192 44.11 9.50 -23.70
N LYS C 193 44.21 10.64 -24.38
CA LYS C 193 43.37 11.78 -24.04
C LYS C 193 41.89 11.42 -24.21
N ILE C 194 41.56 10.68 -25.28
CA ILE C 194 40.17 10.27 -25.49
C ILE C 194 39.68 9.42 -24.32
N ALA C 195 40.49 8.44 -23.92
CA ALA C 195 40.10 7.58 -22.82
C ALA C 195 39.94 8.38 -21.53
N ALA C 196 40.88 9.28 -21.27
CA ALA C 196 40.84 10.09 -20.06
C ALA C 196 39.58 10.95 -20.03
N LEU C 197 39.23 11.55 -21.17
CA LEU C 197 38.04 12.39 -21.23
C LEU C 197 36.77 11.58 -21.08
N LYS C 198 36.74 10.37 -21.64
CA LYS C 198 35.59 9.50 -21.44
C LYS C 198 35.41 9.18 -19.97
N LEU C 199 36.49 8.83 -19.29
CA LEU C 199 36.40 8.54 -17.87
C LEU C 199 36.04 9.80 -17.08
N LEU C 200 36.48 10.97 -17.55
CA LEU C 200 36.10 12.21 -16.90
C LEU C 200 34.59 12.45 -17.02
N LYS C 201 34.01 12.14 -18.17
CA LYS C 201 32.56 12.18 -18.29
C LYS C 201 31.90 11.22 -17.32
N ALA C 202 32.44 10.00 -17.20
CA ALA C 202 31.88 9.08 -16.22
C ALA C 202 31.93 9.68 -14.82
N CYS C 203 33.06 10.29 -14.47
CA CYS C 203 33.22 10.86 -13.13
C CYS C 203 32.25 12.01 -12.89
N LEU C 204 32.08 12.91 -13.87
CA LEU C 204 31.09 13.97 -13.70
C LEU C 204 29.68 13.44 -13.65
N LEU C 205 29.36 12.40 -14.43
CA LEU C 205 28.02 11.84 -14.34
C LEU C 205 27.76 11.30 -12.94
N GLN C 206 28.73 10.59 -12.37
CA GLN C 206 28.57 10.09 -11.02
C GLN C 206 28.49 11.24 -10.01
N MET C 207 29.26 12.30 -10.23
CA MET C 207 29.31 13.41 -9.29
C MET C 207 27.99 14.18 -9.27
N SER C 208 27.48 14.53 -10.46
CA SER C 208 26.25 15.30 -10.52
C SER C 208 25.07 14.52 -9.96
N SER C 209 25.18 13.19 -9.91
CA SER C 209 24.12 12.38 -9.32
C SER C 209 23.80 12.85 -7.91
N HIS C 210 24.81 13.28 -7.16
CA HIS C 210 24.60 13.86 -5.83
C HIS C 210 24.35 15.36 -5.98
N ASN C 211 23.14 15.68 -6.43
CA ASN C 211 22.71 17.07 -6.54
C ASN C 211 22.41 17.69 -5.19
N GLU C 212 22.38 16.90 -4.11
CA GLU C 212 22.16 17.41 -2.76
C GLU C 212 23.43 18.10 -2.27
N TYR C 213 23.70 19.26 -2.88
CA TYR C 213 24.89 20.01 -2.53
C TYR C 213 24.81 20.49 -1.08
N ASP C 214 25.87 21.18 -0.66
CA ASP C 214 26.09 21.61 0.73
C ASP C 214 26.59 20.50 1.62
N GLU C 215 26.70 19.27 1.10
CA GLU C 215 27.39 18.20 1.80
C GLU C 215 28.88 18.53 1.78
N ALA C 216 29.43 18.88 2.95
CA ALA C 216 30.71 19.57 3.00
C ALA C 216 31.79 18.84 2.22
N SER C 217 31.98 17.54 2.49
CA SER C 217 33.00 16.79 1.77
C SER C 217 32.66 16.72 0.29
N ARG C 218 31.42 16.36 -0.04
CA ARG C 218 31.04 16.20 -1.43
C ARG C 218 31.04 17.54 -2.15
N LYS C 219 30.59 18.61 -1.47
CA LYS C 219 30.61 19.93 -2.10
C LYS C 219 32.03 20.39 -2.38
N SER C 220 32.95 20.20 -1.43
CA SER C 220 34.34 20.58 -1.68
C SER C 220 34.93 19.76 -2.82
N PHE C 221 34.65 18.46 -2.84
CA PHE C 221 35.14 17.62 -3.94
C PHE C 221 34.60 18.12 -5.26
N VAL C 222 33.31 18.47 -5.32
CA VAL C 222 32.72 18.95 -6.55
C VAL C 222 33.39 20.24 -7.00
N SER C 223 33.57 21.18 -6.06
CA SER C 223 34.16 22.46 -6.44
C SER C 223 35.56 22.28 -7.00
N GLN C 224 36.40 21.51 -6.29
CA GLN C 224 37.77 21.31 -6.76
C GLN C 224 37.79 20.59 -8.11
N CYS C 225 36.96 19.55 -8.26
CA CYS C 225 36.94 18.79 -9.50
C CYS C 225 36.53 19.67 -10.67
N LEU C 226 35.48 20.46 -10.50
CA LEU C 226 35.02 21.31 -11.59
C LEU C 226 36.04 22.39 -11.93
N ALA C 227 36.65 23.00 -10.92
CA ALA C 227 37.67 24.02 -11.21
C ALA C 227 38.82 23.42 -12.01
N THR C 228 39.34 22.28 -11.55
CA THR C 228 40.46 21.65 -12.25
C THR C 228 40.06 21.22 -13.65
N SER C 229 38.86 20.65 -13.80
CA SER C 229 38.40 20.20 -15.10
C SER C 229 38.29 21.37 -16.06
N LEU C 230 37.73 22.48 -15.61
CA LEU C 230 37.62 23.65 -16.49
C LEU C 230 38.99 24.16 -16.87
N GLN C 231 39.93 24.23 -15.93
CA GLN C 231 41.28 24.67 -16.27
C GLN C 231 41.88 23.76 -17.35
N ILE C 232 41.83 22.45 -17.14
CA ILE C 232 42.47 21.53 -18.06
C ILE C 232 41.81 21.61 -19.43
N LEU C 233 40.47 21.58 -19.48
CA LEU C 233 39.78 21.67 -20.76
C LEU C 233 40.08 23.00 -21.45
N GLY C 234 40.35 24.05 -20.69
CA GLY C 234 40.87 25.25 -21.29
C GLY C 234 42.24 25.02 -21.92
N GLN C 235 43.08 24.25 -21.24
CA GLN C 235 44.39 23.92 -21.80
C GLN C 235 44.25 23.04 -23.03
N LEU C 236 43.44 21.99 -22.95
CA LEU C 236 43.38 21.00 -24.04
C LEU C 236 43.01 21.66 -25.36
N LEU C 237 41.96 22.48 -25.37
CA LEU C 237 41.49 23.06 -26.62
C LEU C 237 42.54 23.97 -27.25
N THR C 238 43.28 24.72 -26.44
CA THR C 238 44.31 25.59 -27.00
C THR C 238 45.35 24.81 -27.78
N LEU C 239 45.46 23.51 -27.54
CA LEU C 239 46.40 22.68 -28.27
C LEU C 239 46.04 22.63 -29.75
N ASN C 240 47.05 22.33 -30.57
CA ASN C 240 46.86 22.07 -31.99
C ASN C 240 47.66 20.83 -32.34
N PHE C 241 47.18 20.08 -33.34
CA PHE C 241 47.76 18.79 -33.69
C PHE C 241 48.05 18.67 -35.18
N GLY C 242 48.24 19.80 -35.87
CA GLY C 242 48.53 19.77 -37.29
C GLY C 242 47.53 18.95 -38.08
N ASN C 243 47.99 17.89 -38.72
CA ASN C 243 47.13 17.00 -39.48
C ASN C 243 47.48 15.54 -39.19
N VAL C 244 47.81 15.26 -37.92
CA VAL C 244 48.28 13.93 -37.55
C VAL C 244 47.18 12.89 -37.77
N ASP C 245 45.98 13.16 -37.25
CA ASP C 245 44.87 12.21 -37.35
C ASP C 245 43.58 13.01 -37.21
N VAL C 246 42.81 13.10 -38.28
CA VAL C 246 41.60 13.91 -38.26
C VAL C 246 40.51 13.22 -37.45
N ILE C 247 40.38 11.90 -37.57
CA ILE C 247 39.30 11.21 -36.84
C ILE C 247 39.52 11.34 -35.34
N SER C 248 40.75 11.11 -34.88
CA SER C 248 41.03 11.22 -33.46
C SER C 248 40.83 12.65 -32.97
N GLN C 249 41.24 13.63 -33.77
CA GLN C 249 41.05 15.03 -33.38
C GLN C 249 39.56 15.36 -33.26
N LEU C 250 38.75 14.87 -34.19
CA LEU C 250 37.33 15.12 -34.13
C LEU C 250 36.71 14.48 -32.90
N LYS C 251 37.09 13.25 -32.59
CA LYS C 251 36.56 12.63 -31.37
C LYS C 251 37.03 13.38 -30.12
N PHE C 252 38.26 13.88 -30.16
CA PHE C 252 38.81 14.65 -29.05
C PHE C 252 37.99 15.91 -28.79
N LYS C 253 37.76 16.69 -29.84
CA LYS C 253 36.93 17.89 -29.70
C LYS C 253 35.52 17.53 -29.27
N SER C 254 34.97 16.46 -29.83
CA SER C 254 33.62 16.06 -29.49
C SER C 254 33.49 15.77 -28.00
N ILE C 255 34.39 14.96 -27.46
CA ILE C 255 34.28 14.60 -26.05
C ILE C 255 34.55 15.81 -25.17
N ILE C 256 35.49 16.69 -25.57
CA ILE C 256 35.74 17.89 -24.77
C ILE C 256 34.48 18.74 -24.69
N TYR C 257 33.84 18.99 -25.83
CA TYR C 257 32.68 19.86 -25.81
C TYR C 257 31.48 19.18 -25.18
N GLU C 258 31.40 17.86 -25.25
CA GLU C 258 30.36 17.17 -24.50
C GLU C 258 30.57 17.34 -23.00
N ASN C 259 31.82 17.25 -22.53
CA ASN C 259 32.14 17.59 -21.15
C ASN C 259 31.65 18.98 -20.81
N LEU C 260 31.98 19.96 -21.65
CA LEU C 260 31.65 21.35 -21.34
C LEU C 260 30.14 21.56 -21.30
N VAL C 261 29.41 20.94 -22.24
CA VAL C 261 27.96 21.05 -22.24
C VAL C 261 27.38 20.44 -20.98
N PHE C 262 27.89 19.27 -20.59
CA PHE C 262 27.41 18.64 -19.36
C PHE C 262 27.62 19.54 -18.16
N ILE C 263 28.80 20.15 -18.06
CA ILE C 263 29.09 21.04 -16.93
C ILE C 263 28.17 22.25 -16.96
N LYS C 264 28.04 22.88 -18.12
CA LYS C 264 27.22 24.10 -18.21
C LYS C 264 25.76 23.81 -17.89
N ASN C 265 25.27 22.63 -18.26
CA ASN C 265 23.87 22.31 -18.05
C ASN C 265 23.60 21.89 -16.60
N ASP C 266 24.34 20.90 -16.10
CA ASP C 266 23.93 20.26 -14.86
C ASP C 266 24.34 21.05 -13.62
N PHE C 267 25.56 21.57 -13.59
CA PHE C 267 26.09 22.15 -12.37
C PHE C 267 25.71 23.63 -12.25
N SER C 268 25.92 24.17 -11.05
CA SER C 268 25.44 25.51 -10.73
C SER C 268 26.18 26.56 -11.54
N ARG C 269 25.53 27.71 -11.71
CA ARG C 269 26.15 28.83 -12.42
C ARG C 269 27.42 29.29 -11.73
N LYS C 270 27.49 29.15 -10.41
CA LYS C 270 28.68 29.57 -9.68
C LYS C 270 29.91 28.78 -10.13
N HIS C 271 29.75 27.47 -10.35
CA HIS C 271 30.88 26.66 -10.77
C HIS C 271 31.41 27.11 -12.13
N PHE C 272 30.51 27.28 -13.11
CA PHE C 272 30.90 27.59 -14.48
C PHE C 272 30.68 29.09 -14.69
N SER C 273 31.73 29.87 -14.41
CA SER C 273 31.62 31.31 -14.41
C SER C 273 31.42 31.85 -15.83
N SER C 274 30.96 33.10 -15.90
CA SER C 274 30.62 33.70 -17.19
C SER C 274 31.85 34.04 -18.01
N GLU C 275 32.96 34.40 -17.37
CA GLU C 275 34.18 34.67 -18.13
C GLU C 275 34.67 33.41 -18.84
N LEU C 276 34.62 32.28 -18.15
CA LEU C 276 34.93 31.01 -18.78
C LEU C 276 33.94 30.74 -19.91
N GLN C 277 32.67 31.10 -19.72
CA GLN C 277 31.70 30.97 -20.79
C GLN C 277 32.14 31.76 -22.02
N LYS C 278 32.59 33.00 -21.82
CA LYS C 278 32.99 33.84 -22.94
C LYS C 278 34.17 33.24 -23.69
N GLN C 279 35.21 32.83 -22.95
CA GLN C 279 36.40 32.32 -23.62
C GLN C 279 36.11 30.99 -24.31
N PHE C 280 35.32 30.13 -23.66
CA PHE C 280 34.93 28.87 -24.31
C PHE C 280 34.09 29.14 -25.54
N LYS C 281 33.26 30.19 -25.52
CA LYS C 281 32.45 30.54 -26.68
C LYS C 281 33.33 30.96 -27.85
N ILE C 282 34.33 31.80 -27.58
CA ILE C 282 35.25 32.19 -28.64
C ILE C 282 35.94 30.95 -29.21
N MET C 283 36.42 30.08 -28.32
CA MET C 283 37.13 28.89 -28.77
C MET C 283 36.20 27.94 -29.53
N ALA C 284 34.92 27.92 -29.16
CA ALA C 284 33.97 27.06 -29.86
C ALA C 284 33.65 27.59 -31.24
N ILE C 285 33.57 28.92 -31.40
CA ILE C 285 33.40 29.48 -32.74
C ILE C 285 34.61 29.13 -33.60
N GLN C 286 35.81 29.26 -33.04
CA GLN C 286 36.99 28.88 -33.80
C GLN C 286 36.97 27.40 -34.15
N ASP C 287 36.49 26.56 -33.24
CA ASP C 287 36.40 25.13 -33.52
C ASP C 287 35.37 24.85 -34.61
N LEU C 288 34.26 25.59 -34.64
CA LEU C 288 33.33 25.45 -35.76
C LEU C 288 34.04 25.76 -37.07
N GLU C 289 34.79 26.86 -37.10
CA GLU C 289 35.56 27.19 -38.31
C GLU C 289 36.44 26.02 -38.71
N ASN C 290 37.22 25.49 -37.76
CA ASN C 290 38.17 24.43 -38.08
C ASN C 290 37.45 23.16 -38.57
N VAL C 291 36.39 22.77 -37.87
CA VAL C 291 35.67 21.56 -38.23
C VAL C 291 35.05 21.70 -39.62
N THR C 292 34.50 22.86 -39.94
CA THR C 292 33.96 23.06 -41.28
C THR C 292 35.06 23.01 -42.33
N HIS C 293 36.23 23.60 -42.04
CA HIS C 293 37.34 23.53 -42.99
C HIS C 293 37.83 22.10 -43.18
N ILE C 294 37.69 21.25 -42.16
CA ILE C 294 37.95 19.84 -42.36
C ILE C 294 36.99 19.31 -43.43
N ASN C 295 37.34 18.15 -44.01
CA ASN C 295 36.74 17.63 -45.24
C ASN C 295 37.34 18.30 -46.47
N ALA C 296 38.60 18.69 -46.38
CA ALA C 296 39.30 19.31 -47.49
C ALA C 296 39.33 18.38 -48.71
N PRO C 305 34.17 7.56 -43.08
CA PRO C 305 33.25 8.06 -42.05
C PRO C 305 33.70 9.38 -41.44
N LEU C 306 34.54 10.11 -42.17
CA LEU C 306 34.99 11.42 -41.70
C LEU C 306 33.82 12.37 -41.53
N LEU C 307 32.89 12.36 -42.48
CA LEU C 307 31.76 13.29 -42.43
C LEU C 307 30.90 13.03 -41.21
N GLU C 308 30.70 11.76 -40.85
CA GLU C 308 29.88 11.46 -39.68
C GLU C 308 30.54 11.96 -38.39
N THR C 309 31.85 11.81 -38.28
CA THR C 309 32.56 12.36 -37.12
C THR C 309 32.46 13.87 -37.09
N VAL C 310 32.55 14.51 -38.26
CA VAL C 310 32.36 15.95 -38.33
C VAL C 310 30.99 16.33 -37.82
N HIS C 311 29.96 15.59 -38.24
CA HIS C 311 28.61 15.89 -37.80
C HIS C 311 28.46 15.74 -36.30
N ASP C 312 29.06 14.68 -35.73
CA ASP C 312 28.95 14.48 -34.29
C ASP C 312 29.64 15.60 -33.52
N CYS C 313 30.88 15.92 -33.91
CA CYS C 313 31.60 17.00 -33.26
C CYS C 313 30.83 18.31 -33.36
N SER C 314 30.24 18.57 -34.52
CA SER C 314 29.45 19.78 -34.68
C SER C 314 28.19 19.75 -33.84
N ILE C 315 27.57 18.56 -33.68
CA ILE C 315 26.42 18.45 -32.80
C ILE C 315 26.79 18.93 -31.40
N TYR C 316 27.91 18.43 -30.88
CA TYR C 316 28.27 18.80 -29.52
C TYR C 316 28.72 20.27 -29.42
N ILE C 317 29.43 20.77 -30.43
CA ILE C 317 29.81 22.17 -30.43
C ILE C 317 28.57 23.06 -30.44
N VAL C 318 27.58 22.71 -31.26
CA VAL C 318 26.36 23.51 -31.33
C VAL C 318 25.58 23.40 -30.03
N GLU C 319 25.62 22.24 -29.37
CA GLU C 319 25.01 22.14 -28.04
C GLU C 319 25.65 23.13 -27.09
N PHE C 320 26.99 23.19 -27.10
CA PHE C 320 27.66 24.14 -26.21
C PHE C 320 27.27 25.57 -26.57
N LEU C 321 27.26 25.90 -27.86
CA LEU C 321 26.89 27.25 -28.26
C LEU C 321 25.47 27.59 -27.83
N THR C 322 24.55 26.64 -27.97
CA THR C 322 23.20 26.84 -27.44
C THR C 322 23.25 27.18 -25.96
N SER C 323 24.02 26.41 -25.19
CA SER C 323 24.06 26.64 -23.75
C SER C 323 24.64 28.00 -23.41
N VAL C 324 25.67 28.44 -24.14
CA VAL C 324 26.27 29.75 -23.86
C VAL C 324 25.62 30.87 -24.66
N CYS C 325 24.51 30.61 -25.33
CA CYS C 325 23.90 31.59 -26.22
C CYS C 325 23.58 32.91 -25.55
N THR C 326 23.46 32.93 -24.22
CA THR C 326 23.10 34.16 -23.52
C THR C 326 24.11 35.28 -23.80
N LEU C 327 25.38 34.93 -23.97
CA LEU C 327 26.43 35.93 -24.07
C LEU C 327 26.29 36.75 -25.35
N GLN C 328 27.05 37.85 -25.42
CA GLN C 328 27.07 38.68 -26.61
C GLN C 328 27.75 37.94 -27.76
N PHE C 329 27.49 38.40 -28.98
CA PHE C 329 28.13 37.86 -30.17
C PHE C 329 28.51 39.01 -31.10
N SER C 330 29.69 38.90 -31.70
CA SER C 330 30.21 39.96 -32.57
C SER C 330 29.83 39.70 -34.03
N VAL C 331 29.87 40.78 -34.82
CA VAL C 331 29.47 40.69 -36.22
C VAL C 331 30.27 39.61 -36.93
N GLU C 332 31.60 39.63 -36.79
CA GLU C 332 32.40 38.56 -37.35
C GLU C 332 32.00 37.21 -36.76
N GLU C 333 31.62 37.20 -35.48
CA GLU C 333 31.19 35.95 -34.87
C GLU C 333 29.89 35.44 -35.50
N MET C 334 28.92 36.32 -35.74
CA MET C 334 27.71 35.88 -36.41
C MET C 334 28.02 35.38 -37.81
N ASN C 335 28.91 36.08 -38.54
CA ASN C 335 29.27 35.63 -39.88
C ASN C 335 29.86 34.23 -39.83
N LYS C 336 30.81 34.01 -38.91
CA LYS C 336 31.44 32.70 -38.79
C LYS C 336 30.41 31.63 -38.45
N ILE C 337 29.56 31.90 -37.47
CA ILE C 337 28.57 30.91 -37.06
C ILE C 337 27.65 30.56 -38.22
N ILE C 338 27.17 31.58 -38.92
CA ILE C 338 26.20 31.36 -39.98
C ILE C 338 26.83 30.58 -41.13
N THR C 339 28.04 30.97 -41.55
CA THR C 339 28.68 30.26 -42.66
C THR C 339 28.99 28.81 -42.27
N SER C 340 29.48 28.61 -41.04
CA SER C 340 29.82 27.26 -40.60
C SER C 340 28.56 26.39 -40.55
N LEU C 341 27.46 26.93 -40.00
CA LEU C 341 26.23 26.16 -39.96
C LEU C 341 25.70 25.88 -41.36
N THR C 342 25.81 26.85 -42.26
CA THR C 342 25.40 26.63 -43.64
C THR C 342 26.16 25.46 -44.24
N ILE C 343 27.47 25.41 -44.02
CA ILE C 343 28.26 24.28 -44.54
C ILE C 343 27.82 22.99 -43.87
N LEU C 344 27.59 23.02 -42.56
CA LEU C 344 27.27 21.80 -41.83
C LEU C 344 25.86 21.33 -42.14
N CYS C 345 24.88 22.23 -42.15
CA CYS C 345 23.48 21.85 -42.19
C CYS C 345 23.02 21.39 -43.57
N GLN C 346 23.81 21.59 -44.62
CA GLN C 346 23.39 21.18 -45.96
C GLN C 346 23.19 19.68 -46.01
N LEU C 347 22.14 19.24 -46.68
CA LEU C 347 21.82 17.82 -46.73
C LEU C 347 22.93 17.04 -47.41
N SER C 348 23.30 15.91 -46.81
CA SER C 348 24.19 14.99 -47.48
C SER C 348 23.48 14.33 -48.65
N SER C 349 24.24 13.97 -49.68
CA SER C 349 23.65 13.34 -50.85
C SER C 349 22.87 12.09 -50.48
N GLU C 350 23.30 11.38 -49.44
CA GLU C 350 22.57 10.19 -49.00
C GLU C 350 21.14 10.57 -48.59
N THR C 351 21.00 11.58 -47.73
CA THR C 351 19.68 12.00 -47.28
C THR C 351 18.84 12.51 -48.45
N ARG C 352 19.46 13.27 -49.35
CA ARG C 352 18.70 13.78 -50.50
C ARG C 352 18.19 12.64 -51.35
N GLU C 353 19.02 11.62 -51.60
CA GLU C 353 18.56 10.48 -52.38
C GLU C 353 17.46 9.74 -51.66
N ILE C 354 17.59 9.56 -50.34
CA ILE C 354 16.58 8.83 -49.58
C ILE C 354 15.24 9.56 -49.68
N TRP C 355 15.25 10.88 -49.50
CA TRP C 355 14.02 11.64 -49.57
C TRP C 355 13.43 11.61 -50.97
N THR C 356 14.25 11.82 -51.99
CA THR C 356 13.74 11.85 -53.35
C THR C 356 13.14 10.50 -53.74
N SER C 357 13.75 9.40 -53.29
CA SER C 357 13.23 8.08 -53.63
C SER C 357 11.89 7.81 -52.96
N ASP C 358 11.70 8.29 -51.73
CA ASP C 358 10.46 8.01 -50.99
C ASP C 358 10.09 9.25 -50.18
N PHE C 359 9.01 9.92 -50.60
CA PHE C 359 8.58 11.11 -49.88
C PHE C 359 8.09 10.79 -48.47
N ASN C 360 7.78 9.52 -48.21
CA ASN C 360 7.35 9.13 -46.86
C ASN C 360 8.39 9.52 -45.82
N THR C 361 9.68 9.29 -46.12
CA THR C 361 10.72 9.68 -45.17
C THR C 361 10.73 11.18 -44.94
N PHE C 362 10.56 11.96 -46.00
CA PHE C 362 10.52 13.41 -45.87
C PHE C 362 9.35 13.84 -44.99
N VAL C 363 8.19 13.22 -45.19
CA VAL C 363 7.02 13.55 -44.36
C VAL C 363 7.30 13.22 -42.91
N SER C 364 7.87 12.04 -42.66
CA SER C 364 8.16 11.65 -41.29
C SER C 364 9.13 12.62 -40.62
N LYS C 365 10.18 13.01 -41.34
CA LYS C 365 11.19 13.87 -40.73
C LYS C 365 10.67 15.28 -40.52
N GLU C 366 10.00 15.84 -41.53
CA GLU C 366 9.53 17.22 -41.44
C GLU C 366 8.44 17.37 -40.39
N THR C 367 7.67 16.30 -40.13
CA THR C 367 6.64 16.33 -39.12
C THR C 367 7.18 16.10 -37.72
N GLY C 368 8.46 15.80 -37.57
CA GLY C 368 9.03 15.55 -36.26
C GLY C 368 8.81 14.15 -35.74
N LEU C 369 8.12 13.30 -36.50
CA LEU C 369 7.89 11.94 -36.04
C LEU C 369 9.15 11.10 -36.12
N ALA C 370 10.07 11.45 -37.01
CA ALA C 370 11.31 10.69 -37.15
C ALA C 370 12.12 10.74 -35.86
N ALA C 371 12.77 9.63 -35.54
CA ALA C 371 13.52 9.53 -34.29
C ALA C 371 14.95 10.03 -34.41
N SER C 372 15.51 10.04 -35.61
CA SER C 372 16.91 10.42 -35.77
C SER C 372 17.13 11.86 -35.30
N TYR C 373 18.26 12.08 -34.64
CA TYR C 373 18.69 13.40 -34.20
C TYR C 373 20.04 13.70 -34.84
N ASN C 374 20.15 14.84 -35.50
CA ASN C 374 21.34 15.15 -36.29
C ASN C 374 21.69 16.61 -36.10
N VAL C 375 22.68 17.07 -36.88
CA VAL C 375 23.19 18.42 -36.73
C VAL C 375 22.09 19.44 -36.95
N ARG C 376 21.20 19.19 -37.91
CA ARG C 376 20.16 20.15 -38.23
C ARG C 376 19.23 20.37 -37.05
N ASP C 377 18.88 19.30 -36.34
CA ASP C 377 18.05 19.45 -35.15
C ASP C 377 18.75 20.30 -34.10
N GLN C 378 20.05 20.08 -33.91
CA GLN C 378 20.79 20.88 -32.94
C GLN C 378 20.86 22.34 -33.35
N ALA C 379 20.98 22.61 -34.65
CA ALA C 379 20.94 24.00 -35.11
C ALA C 379 19.57 24.60 -34.84
N ASN C 380 18.51 23.83 -35.03
CA ASN C 380 17.18 24.28 -34.64
C ASN C 380 17.15 24.64 -33.16
N GLU C 381 17.74 23.80 -32.31
CA GLU C 381 17.79 24.11 -30.89
C GLU C 381 18.53 25.40 -30.63
N PHE C 382 19.67 25.60 -31.30
CA PHE C 382 20.48 26.78 -31.04
C PHE C 382 19.74 28.06 -31.40
N PHE C 383 19.22 28.13 -32.62
CA PHE C 383 18.62 29.39 -33.07
C PHE C 383 17.39 29.75 -32.24
N THR C 384 16.62 28.75 -31.82
CA THR C 384 15.39 29.04 -31.09
C THR C 384 15.67 29.71 -29.75
N SER C 385 16.89 29.57 -29.23
CA SER C 385 17.14 29.95 -27.83
C SER C 385 17.70 31.35 -27.68
N LEU C 386 18.05 32.02 -28.78
CA LEU C 386 18.72 33.31 -28.66
C LEU C 386 17.79 34.36 -28.03
N PRO C 387 18.36 35.38 -27.39
CA PRO C 387 17.56 36.53 -26.98
C PRO C 387 17.31 37.49 -28.14
N ASN C 388 16.45 38.47 -27.88
CA ASN C 388 15.93 39.30 -28.96
C ASN C 388 17.02 40.04 -29.72
N PRO C 389 17.98 40.71 -29.09
CA PRO C 389 18.99 41.43 -29.89
C PRO C 389 19.84 40.51 -30.75
N GLN C 390 20.36 39.44 -30.16
CA GLN C 390 21.13 38.48 -30.93
C GLN C 390 20.28 37.86 -32.03
N LEU C 391 19.03 37.55 -31.73
CA LEU C 391 18.15 36.95 -32.73
C LEU C 391 17.95 37.90 -33.90
N SER C 392 17.76 39.19 -33.62
CA SER C 392 17.58 40.16 -34.69
C SER C 392 18.84 40.26 -35.55
N LEU C 393 20.02 40.29 -34.90
CA LEU C 393 21.25 40.36 -35.68
C LEU C 393 21.43 39.12 -36.55
N ILE C 394 21.13 37.93 -36.00
CA ILE C 394 21.18 36.72 -36.81
C ILE C 394 20.24 36.81 -37.99
N PHE C 395 19.03 37.32 -37.77
CA PHE C 395 18.08 37.41 -38.87
C PHE C 395 18.60 38.34 -39.95
N LYS C 396 19.17 39.48 -39.57
CA LYS C 396 19.71 40.39 -40.56
C LYS C 396 20.84 39.72 -41.35
N VAL C 397 21.74 39.03 -40.65
CA VAL C 397 22.86 38.39 -41.33
C VAL C 397 22.36 37.32 -42.29
N VAL C 398 21.39 36.52 -41.86
CA VAL C 398 20.88 35.45 -42.71
C VAL C 398 20.17 36.03 -43.92
N SER C 399 19.39 37.10 -43.75
CA SER C 399 18.76 37.72 -44.90
C SER C 399 19.79 38.24 -45.89
N ASN C 400 20.82 38.91 -45.39
CA ASN C 400 21.86 39.43 -46.26
C ASN C 400 22.55 38.30 -47.02
N ASP C 401 22.86 37.21 -46.32
CA ASP C 401 23.54 36.09 -46.97
C ASP C 401 22.66 35.39 -48.00
N ILE C 402 21.38 35.18 -47.68
CA ILE C 402 20.50 34.51 -48.63
C ILE C 402 20.25 35.39 -49.83
N GLU C 403 20.31 36.71 -49.67
CA GLU C 403 20.22 37.59 -50.83
C GLU C 403 21.34 37.29 -51.82
N HIS C 404 22.58 37.21 -51.33
CA HIS C 404 23.70 36.93 -52.21
C HIS C 404 23.69 35.49 -52.70
N SER C 405 23.36 34.55 -51.82
CA SER C 405 23.42 33.13 -52.18
C SER C 405 22.33 32.75 -53.16
N THR C 406 21.41 33.67 -53.48
CA THR C 406 20.29 33.34 -54.34
C THR C 406 20.77 32.67 -55.63
N CYS C 407 21.87 33.15 -56.20
CA CYS C 407 22.41 32.54 -57.41
C CYS C 407 23.11 31.21 -57.10
N ASN C 408 23.72 31.09 -55.93
CA ASN C 408 24.46 29.89 -55.55
C ASN C 408 23.46 28.90 -54.93
N TYR C 409 22.90 28.05 -55.79
CA TYR C 409 21.86 27.13 -55.35
C TYR C 409 22.40 26.07 -54.39
N SER C 410 23.70 25.80 -54.42
CA SER C 410 24.23 24.67 -53.66
C SER C 410 23.97 24.83 -52.17
N THR C 411 24.24 26.01 -51.63
CA THR C 411 24.07 26.26 -50.19
C THR C 411 22.69 26.79 -49.85
N LEU C 412 21.80 26.95 -50.84
CA LEU C 412 20.57 27.69 -50.61
C LEU C 412 19.65 26.96 -49.63
N GLU C 413 19.54 25.64 -49.73
CA GLU C 413 18.60 24.92 -48.87
C GLU C 413 19.02 25.01 -47.41
N SER C 414 20.33 24.89 -47.15
CA SER C 414 20.80 25.01 -45.78
C SER C 414 20.49 26.38 -45.19
N LEU C 415 20.71 27.44 -45.97
CA LEU C 415 20.42 28.77 -45.48
C LEU C 415 18.93 28.98 -45.29
N LEU C 416 18.10 28.41 -46.17
CA LEU C 416 16.66 28.48 -45.98
C LEU C 416 16.25 27.78 -44.69
N TYR C 417 16.85 26.63 -44.41
CA TYR C 417 16.54 25.94 -43.16
C TYR C 417 16.97 26.76 -41.95
N LEU C 418 18.13 27.43 -42.04
CA LEU C 418 18.52 28.33 -40.96
C LEU C 418 17.52 29.45 -40.77
N LEU C 419 17.03 30.02 -41.87
CA LEU C 419 15.99 31.04 -41.78
C LEU C 419 14.74 30.50 -41.13
N GLN C 420 14.35 29.28 -41.50
CA GLN C 420 13.18 28.65 -40.89
C GLN C 420 13.37 28.48 -39.40
N CYS C 421 14.56 28.05 -38.98
CA CYS C 421 14.82 27.89 -37.55
C CYS C 421 14.77 29.23 -36.83
N ILE C 422 15.31 30.28 -37.44
CA ILE C 422 15.26 31.60 -36.82
C ILE C 422 13.81 32.04 -36.66
N LEU C 423 13.03 31.95 -37.74
CA LEU C 423 11.64 32.39 -37.68
C LEU C 423 10.82 31.51 -36.75
N LEU C 424 11.18 30.24 -36.62
CA LEU C 424 10.49 29.36 -35.68
C LEU C 424 10.74 29.76 -34.23
N ASN C 425 11.68 30.65 -33.98
CA ASN C 425 11.91 31.17 -32.62
C ASN C 425 10.75 32.07 -32.23
N ASP C 426 10.06 31.71 -31.15
CA ASP C 426 8.87 32.44 -30.72
C ASP C 426 9.29 33.74 -30.01
N ASP C 427 9.71 34.70 -30.83
CA ASP C 427 10.10 36.01 -30.34
C ASP C 427 9.95 37.03 -31.45
N GLU C 428 9.91 38.31 -31.05
CA GLU C 428 9.69 39.39 -31.99
C GLU C 428 10.94 39.73 -32.79
N ILE C 429 11.05 39.18 -34.00
CA ILE C 429 12.11 39.60 -34.91
C ILE C 429 11.91 41.08 -35.21
N THR C 430 12.93 41.89 -34.96
CA THR C 430 12.81 43.33 -35.11
C THR C 430 14.21 43.92 -35.27
N GLY C 431 14.24 45.20 -35.60
CA GLY C 431 15.48 45.90 -35.88
C GLY C 431 15.25 47.11 -36.77
N GLU C 432 16.36 47.77 -37.12
CA GLU C 432 16.27 49.01 -37.87
C GLU C 432 15.89 48.75 -39.32
N ASN C 433 16.72 48.00 -40.05
CA ASN C 433 16.55 47.77 -41.47
C ASN C 433 15.74 46.52 -41.79
N ILE C 434 14.98 46.00 -40.81
CA ILE C 434 14.28 44.74 -41.03
C ILE C 434 13.30 44.85 -42.19
N ASP C 435 12.71 46.03 -42.39
CA ASP C 435 11.71 46.17 -43.45
C ASP C 435 12.31 45.89 -44.82
N GLN C 436 13.44 46.53 -45.13
CA GLN C 436 14.03 46.39 -46.46
C GLN C 436 14.55 44.97 -46.68
N SER C 437 15.24 44.43 -45.68
CA SER C 437 15.70 43.05 -45.77
C SER C 437 14.54 42.10 -45.97
N LEU C 438 13.40 42.38 -45.32
CA LEU C 438 12.23 41.52 -45.46
C LEU C 438 11.64 41.64 -46.87
N GLN C 439 11.62 42.85 -47.43
CA GLN C 439 11.18 42.99 -48.82
C GLN C 439 12.07 42.16 -49.74
N ILE C 440 13.39 42.24 -49.53
CA ILE C 440 14.31 41.47 -50.37
C ILE C 440 14.07 39.98 -50.21
N LEU C 441 13.86 39.54 -48.97
CA LEU C 441 13.61 38.12 -48.70
C LEU C 441 12.33 37.66 -49.38
N ILE C 442 11.28 38.47 -49.33
CA ILE C 442 10.02 38.12 -49.96
C ILE C 442 10.20 38.01 -51.46
N LYS C 443 10.91 38.98 -52.05
CA LYS C 443 11.15 38.92 -53.49
C LYS C 443 11.94 37.66 -53.86
N THR C 444 12.95 37.32 -53.04
CA THR C 444 13.73 36.12 -53.31
C THR C 444 12.85 34.87 -53.24
N LEU C 445 11.95 34.82 -52.26
CA LEU C 445 11.07 33.66 -52.15
C LEU C 445 10.14 33.58 -53.36
N GLU C 446 9.61 34.72 -53.80
CA GLU C 446 8.77 34.72 -55.01
C GLU C 446 9.55 34.18 -56.20
N ASN C 447 10.78 34.67 -56.39
CA ASN C 447 11.58 34.20 -57.51
C ASN C 447 11.86 32.70 -57.40
N ILE C 448 12.14 32.22 -56.18
CA ILE C 448 12.37 30.79 -55.99
C ILE C 448 11.13 30.01 -56.40
N LEU C 449 9.95 30.49 -56.03
CA LEU C 449 8.71 29.81 -56.43
C LEU C 449 8.55 29.81 -57.95
N VAL C 450 8.81 30.94 -58.60
CA VAL C 450 8.49 31.06 -60.02
C VAL C 450 9.44 30.20 -60.86
N SER C 451 10.73 30.24 -60.57
CA SER C 451 11.73 29.60 -61.41
C SER C 451 11.40 28.12 -61.59
N GLN C 452 11.36 27.67 -62.85
CA GLN C 452 11.03 26.28 -63.15
C GLN C 452 12.20 25.34 -62.96
N GLU C 453 13.43 25.81 -63.19
CA GLU C 453 14.61 24.95 -63.05
C GLU C 453 15.06 24.81 -61.61
N ILE C 454 14.32 25.36 -60.66
CA ILE C 454 14.76 25.35 -59.26
C ILE C 454 14.83 23.90 -58.76
N PRO C 455 15.85 23.51 -58.01
CA PRO C 455 15.91 22.14 -57.50
C PRO C 455 14.73 21.82 -56.60
N GLU C 456 14.38 20.54 -56.54
CA GLU C 456 13.17 20.11 -55.83
C GLU C 456 13.21 20.48 -54.36
N LEU C 457 14.27 20.08 -53.66
CA LEU C 457 14.30 20.26 -52.21
C LEU C 457 14.36 21.73 -51.83
N ILE C 458 15.06 22.55 -52.61
CA ILE C 458 15.08 23.98 -52.35
C ILE C 458 13.67 24.56 -52.46
N LEU C 459 12.93 24.15 -53.48
CA LEU C 459 11.56 24.62 -53.62
C LEU C 459 10.70 24.17 -52.44
N ALA C 460 10.89 22.91 -52.00
CA ALA C 460 10.12 22.43 -50.85
C ALA C 460 10.42 23.25 -49.62
N ARG C 461 11.70 23.56 -49.38
CA ARG C 461 12.04 24.36 -48.21
C ARG C 461 11.50 25.77 -48.31
N ALA C 462 11.51 26.36 -49.51
CA ALA C 462 10.89 27.68 -49.66
C ALA C 462 9.40 27.61 -49.37
N ILE C 463 8.73 26.56 -49.83
CA ILE C 463 7.29 26.41 -49.58
C ILE C 463 7.03 26.34 -48.09
N LEU C 464 7.83 25.53 -47.38
CA LEU C 464 7.61 25.37 -45.94
C LEU C 464 8.08 26.61 -45.16
N THR C 465 8.93 27.44 -45.75
CA THR C 465 9.45 28.59 -45.01
C THR C 465 8.58 29.83 -45.18
N ILE C 466 7.89 29.96 -46.32
CA ILE C 466 7.04 31.14 -46.52
C ILE C 466 6.03 31.29 -45.38
N PRO C 467 5.31 30.24 -44.95
CA PRO C 467 4.38 30.43 -43.83
C PRO C 467 5.03 30.99 -42.58
N ARG C 468 6.23 30.54 -42.21
CA ARG C 468 6.89 31.10 -41.04
C ARG C 468 7.20 32.57 -41.26
N VAL C 469 7.68 32.92 -42.45
CA VAL C 469 8.03 34.31 -42.74
C VAL C 469 6.80 35.20 -42.54
N LEU C 470 5.66 34.77 -43.08
CA LEU C 470 4.45 35.55 -42.88
C LEU C 470 4.02 35.57 -41.42
N ASP C 471 4.17 34.43 -40.72
CA ASP C 471 3.67 34.34 -39.36
C ASP C 471 4.40 35.29 -38.42
N LYS C 472 5.74 35.23 -38.42
CA LYS C 472 6.49 36.08 -37.49
C LYS C 472 6.40 37.55 -37.87
N PHE C 473 6.04 37.84 -39.13
CA PHE C 473 5.78 39.21 -39.56
C PHE C 473 4.31 39.43 -39.86
N ILE C 474 3.43 38.76 -39.12
CA ILE C 474 1.99 39.03 -39.24
C ILE C 474 1.70 40.50 -39.05
N ASP C 475 2.57 41.22 -38.34
CA ASP C 475 2.49 42.66 -38.22
C ASP C 475 3.75 43.25 -38.84
N ALA C 476 3.76 44.57 -39.00
CA ALA C 476 4.83 45.30 -39.65
C ALA C 476 4.97 44.93 -41.13
N LEU C 477 3.99 44.20 -41.67
CA LEU C 477 4.01 43.74 -43.06
C LEU C 477 2.66 44.09 -43.67
N PRO C 478 2.42 45.38 -43.94
CA PRO C 478 1.14 45.77 -44.53
C PRO C 478 0.91 45.08 -45.86
N ASP C 479 -0.38 44.83 -46.16
CA ASP C 479 -0.81 43.98 -47.27
C ASP C 479 -0.60 42.51 -46.96
N ILE C 480 -0.59 42.14 -45.68
CA ILE C 480 -0.37 40.76 -45.30
C ILE C 480 -1.44 39.85 -45.90
N LYS C 481 -2.69 40.32 -45.94
CA LYS C 481 -3.76 39.51 -46.49
C LYS C 481 -3.57 39.24 -47.98
N PRO C 482 -3.34 40.25 -48.83
CA PRO C 482 -3.05 39.95 -50.25
C PRO C 482 -1.86 39.03 -50.44
N LEU C 483 -0.79 39.23 -49.68
CA LEU C 483 0.40 38.40 -49.84
C LEU C 483 0.11 36.96 -49.43
N THR C 484 -0.64 36.76 -48.35
CA THR C 484 -1.02 35.41 -47.95
C THR C 484 -1.84 34.75 -49.04
N SER C 485 -2.82 35.47 -49.59
CA SER C 485 -3.63 34.91 -50.65
C SER C 485 -2.75 34.49 -51.83
N ALA C 486 -1.89 35.40 -52.29
CA ALA C 486 -1.06 35.12 -53.46
C ALA C 486 -0.15 33.93 -53.20
N PHE C 487 0.54 33.92 -52.07
CA PHE C 487 1.49 32.85 -51.79
C PHE C 487 0.78 31.51 -51.65
N LEU C 488 -0.34 31.46 -50.94
CA LEU C 488 -1.06 30.21 -50.80
C LEU C 488 -1.52 29.69 -52.16
N ALA C 489 -2.08 30.56 -52.98
CA ALA C 489 -2.52 30.13 -54.31
C ALA C 489 -1.34 29.63 -55.13
N LYS C 490 -0.22 30.35 -55.09
CA LYS C 490 0.94 29.97 -55.88
C LYS C 490 1.47 28.61 -55.45
N SER C 491 1.61 28.40 -54.14
CA SER C 491 2.11 27.13 -53.64
C SER C 491 1.16 25.99 -53.98
N LEU C 492 -0.14 26.21 -53.84
CA LEU C 492 -1.09 25.16 -54.21
C LEU C 492 -1.01 24.83 -55.68
N ASN C 493 -0.89 25.85 -56.53
CA ASN C 493 -0.77 25.61 -57.96
C ASN C 493 0.50 24.84 -58.29
N LEU C 494 1.63 25.19 -57.66
CA LEU C 494 2.86 24.46 -57.90
C LEU C 494 2.71 23.00 -57.48
N ALA C 495 2.09 22.77 -56.33
CA ALA C 495 1.88 21.39 -55.89
C ALA C 495 1.01 20.62 -56.85
N LEU C 496 -0.06 21.24 -57.37
CA LEU C 496 -0.96 20.53 -58.27
C LEU C 496 -0.28 20.23 -59.60
N LYS C 497 0.36 21.23 -60.19
CA LYS C 497 0.91 21.06 -61.54
C LYS C 497 2.09 20.11 -61.54
N SER C 498 3.04 20.30 -60.62
CA SER C 498 4.20 19.43 -60.55
C SER C 498 3.80 18.07 -59.99
N ASP C 499 4.39 17.02 -60.53
CA ASP C 499 4.05 15.64 -60.17
C ASP C 499 5.16 14.97 -59.38
N LYS C 500 5.86 15.75 -58.55
CA LYS C 500 6.85 15.21 -57.63
C LYS C 500 6.21 15.12 -56.26
N GLU C 501 5.93 13.88 -55.82
CA GLU C 501 5.10 13.69 -54.63
C GLU C 501 5.67 14.38 -53.42
N LEU C 502 7.00 14.49 -53.33
CA LEU C 502 7.62 15.22 -52.23
C LEU C 502 7.10 16.64 -52.16
N ILE C 503 7.02 17.30 -53.31
CA ILE C 503 6.51 18.67 -53.35
C ILE C 503 5.06 18.70 -52.90
N LYS C 504 4.27 17.70 -53.29
CA LYS C 504 2.87 17.67 -52.87
C LYS C 504 2.74 17.59 -51.35
N SER C 505 3.51 16.68 -50.74
CA SER C 505 3.45 16.56 -49.28
C SER C 505 3.96 17.83 -48.61
N ALA C 506 5.01 18.44 -49.15
CA ALA C 506 5.52 19.68 -48.58
C ALA C 506 4.46 20.77 -48.65
N THR C 507 3.72 20.84 -49.76
CA THR C 507 2.68 21.86 -49.87
C THR C 507 1.52 21.58 -48.93
N LEU C 508 1.20 20.31 -48.70
CA LEU C 508 0.18 20.00 -47.69
C LEU C 508 0.62 20.47 -46.31
N ILE C 509 1.88 20.23 -45.97
CA ILE C 509 2.38 20.70 -44.67
C ILE C 509 2.38 22.22 -44.61
N ALA C 510 2.71 22.88 -45.73
CA ALA C 510 2.66 24.33 -45.78
C ALA C 510 1.24 24.84 -45.57
N PHE C 511 0.26 24.16 -46.15
CA PHE C 511 -1.13 24.51 -45.91
C PHE C 511 -1.47 24.36 -44.43
N THR C 512 -1.03 23.26 -43.82
CA THR C 512 -1.27 23.07 -42.39
C THR C 512 -0.69 24.23 -41.60
N TYR C 513 0.52 24.66 -41.94
CA TYR C 513 1.11 25.81 -41.25
C TYR C 513 0.33 27.09 -41.53
N TYR C 514 -0.21 27.24 -42.74
CA TYR C 514 -1.03 28.41 -43.05
C TYR C 514 -2.27 28.46 -42.17
N CYS C 515 -2.91 27.31 -41.94
CA CYS C 515 -4.13 27.30 -41.14
C CYS C 515 -3.89 27.92 -39.76
N TYR C 516 -2.81 27.54 -39.09
CA TYR C 516 -2.49 28.13 -37.79
C TYR C 516 -2.21 29.63 -37.92
N PHE C 517 -1.61 30.04 -39.03
CA PHE C 517 -1.16 31.43 -39.14
C PHE C 517 -2.33 32.40 -39.12
N ALA C 518 -3.39 32.12 -39.86
CA ALA C 518 -4.49 33.06 -40.01
C ALA C 518 -5.76 32.31 -40.39
N GLU C 519 -6.88 33.02 -40.31
CA GLU C 519 -8.18 32.47 -40.67
C GLU C 519 -8.32 32.56 -42.19
N LEU C 520 -7.98 31.47 -42.86
CA LEU C 520 -7.93 31.48 -44.32
C LEU C 520 -9.25 31.96 -44.92
N ASP C 521 -10.38 31.57 -44.33
CA ASP C 521 -11.67 31.95 -44.91
C ASP C 521 -11.82 33.47 -44.96
N SER C 522 -11.43 34.15 -43.89
CA SER C 522 -11.54 35.61 -43.88
C SER C 522 -10.60 36.24 -44.90
N VAL C 523 -9.33 35.84 -44.89
CA VAL C 523 -8.37 36.43 -45.81
C VAL C 523 -8.64 35.99 -47.24
N LEU C 524 -8.97 34.70 -47.44
CA LEU C 524 -9.24 34.23 -48.79
C LEU C 524 -10.62 34.65 -49.26
N GLY C 525 -11.59 34.72 -48.36
CA GLY C 525 -12.98 34.87 -48.74
C GLY C 525 -13.63 33.51 -48.90
N PRO C 526 -14.97 33.48 -48.95
CA PRO C 526 -15.64 32.18 -49.02
C PRO C 526 -15.41 31.43 -50.32
N GLU C 527 -15.49 32.11 -51.46
CA GLU C 527 -15.32 31.44 -52.74
C GLU C 527 -13.89 30.91 -52.90
N VAL C 528 -12.91 31.76 -52.65
CA VAL C 528 -11.52 31.33 -52.75
C VAL C 528 -11.25 30.22 -51.74
N CYS C 529 -11.85 30.32 -50.55
CA CYS C 529 -11.67 29.29 -49.55
C CYS C 529 -12.20 27.95 -50.05
N SER C 530 -13.36 27.96 -50.70
CA SER C 530 -13.91 26.72 -51.25
C SER C 530 -12.99 26.17 -52.34
N GLU C 531 -12.46 27.05 -53.20
CA GLU C 531 -11.57 26.60 -54.25
C GLU C 531 -10.32 25.95 -53.67
N THR C 532 -9.74 26.58 -52.63
CA THR C 532 -8.57 26.00 -51.99
C THR C 532 -8.90 24.68 -51.30
N GLN C 533 -10.09 24.58 -50.72
CA GLN C 533 -10.51 23.29 -50.15
C GLN C 533 -10.54 22.21 -51.22
N GLU C 534 -11.12 22.54 -52.39
CA GLU C 534 -11.16 21.56 -53.47
C GLU C 534 -9.75 21.16 -53.91
N LYS C 535 -8.87 22.14 -54.05
CA LYS C 535 -7.51 21.86 -54.51
C LYS C 535 -6.75 21.00 -53.51
N VAL C 536 -6.86 21.32 -52.22
CA VAL C 536 -6.19 20.53 -51.20
C VAL C 536 -6.78 19.13 -51.15
N ILE C 537 -8.08 19.01 -51.37
CA ILE C 537 -8.69 17.68 -51.43
C ILE C 537 -8.11 16.87 -52.58
N ARG C 538 -7.92 17.51 -53.74
CA ARG C 538 -7.33 16.79 -54.86
C ARG C 538 -5.88 16.38 -54.55
N ILE C 539 -5.12 17.26 -53.92
CA ILE C 539 -3.74 16.92 -53.58
C ILE C 539 -3.72 15.73 -52.63
N ILE C 540 -4.60 15.74 -51.62
CA ILE C 540 -4.66 14.62 -50.69
C ILE C 540 -5.05 13.34 -51.42
N ASN C 541 -6.00 13.44 -52.35
CA ASN C 541 -6.41 12.27 -53.12
C ASN C 541 -5.22 11.69 -53.87
N GLN C 542 -4.38 12.55 -54.45
CA GLN C 542 -3.23 12.06 -55.19
C GLN C 542 -2.20 11.43 -54.26
N VAL C 543 -1.69 12.20 -53.29
CA VAL C 543 -0.59 11.70 -52.47
C VAL C 543 -1.01 10.53 -51.60
N SER C 544 -2.31 10.41 -51.29
CA SER C 544 -2.77 9.33 -50.44
C SER C 544 -2.62 7.96 -51.08
N SER C 545 -2.18 7.89 -52.33
CA SER C 545 -2.06 6.60 -53.01
C SER C 545 -1.03 5.70 -52.34
N ASP C 546 0.11 6.27 -51.94
CA ASP C 546 1.23 5.47 -51.43
C ASP C 546 1.73 5.99 -50.09
N ALA C 547 0.84 6.54 -49.28
CA ALA C 547 1.25 7.13 -48.00
C ALA C 547 1.65 6.06 -47.00
N GLU C 548 2.64 6.38 -46.17
CA GLU C 548 2.99 5.58 -45.01
C GLU C 548 2.04 5.90 -43.86
N GLU C 549 2.05 5.03 -42.85
CA GLU C 549 1.12 5.18 -41.72
C GLU C 549 1.27 6.55 -41.08
N ASP C 550 2.49 6.98 -40.78
CA ASP C 550 2.69 8.33 -40.27
C ASP C 550 2.28 9.38 -41.30
N THR C 551 2.54 9.11 -42.58
CA THR C 551 2.04 9.99 -43.61
C THR C 551 0.52 10.02 -43.60
N ASN C 552 -0.11 8.87 -43.32
CA ASN C 552 -1.57 8.85 -43.19
C ASN C 552 -2.02 9.73 -42.04
N GLY C 553 -1.31 9.69 -40.91
CA GLY C 553 -1.66 10.57 -39.80
C GLY C 553 -1.54 12.03 -40.18
N ALA C 554 -0.46 12.39 -40.86
CA ALA C 554 -0.29 13.77 -41.31
C ALA C 554 -1.42 14.18 -42.25
N LEU C 555 -1.80 13.30 -43.17
CA LEU C 555 -2.89 13.59 -44.09
C LEU C 555 -4.20 13.75 -43.32
N MET C 556 -4.41 12.94 -42.29
CA MET C 556 -5.62 13.07 -41.49
C MET C 556 -5.66 14.43 -40.79
N GLU C 557 -4.52 14.86 -40.26
CA GLU C 557 -4.47 16.18 -39.64
C GLU C 557 -4.77 17.28 -40.66
N VAL C 558 -4.20 17.15 -41.85
CA VAL C 558 -4.46 18.15 -42.90
C VAL C 558 -5.94 18.19 -43.23
N LEU C 559 -6.55 17.01 -43.37
CA LEU C 559 -7.97 16.95 -43.69
C LEU C 559 -8.81 17.56 -42.58
N SER C 560 -8.44 17.29 -41.32
CA SER C 560 -9.08 17.97 -40.20
C SER C 560 -9.00 19.47 -40.36
N GLN C 561 -7.84 19.98 -40.78
CA GLN C 561 -7.71 21.42 -41.03
C GLN C 561 -8.67 21.87 -42.12
N VAL C 562 -8.80 21.08 -43.19
CA VAL C 562 -9.70 21.46 -44.29
C VAL C 562 -11.15 21.48 -43.80
N ILE C 563 -11.54 20.47 -43.03
CA ILE C 563 -12.93 20.35 -42.60
C ILE C 563 -13.38 21.60 -41.86
N SER C 564 -12.51 22.13 -40.99
CA SER C 564 -12.90 23.29 -40.20
C SER C 564 -13.40 24.42 -41.08
N TYR C 565 -12.73 24.65 -42.21
CA TYR C 565 -13.12 25.76 -43.07
C TYR C 565 -14.37 25.45 -43.87
N ASN C 566 -14.78 24.17 -43.92
CA ASN C 566 -15.99 23.79 -44.61
C ASN C 566 -17.14 24.69 -44.16
N PRO C 567 -17.64 25.57 -45.03
CA PRO C 567 -18.71 26.48 -44.60
C PRO C 567 -19.99 25.72 -44.27
N LYS C 568 -20.49 25.92 -43.05
CA LYS C 568 -21.84 25.48 -42.72
C LYS C 568 -22.90 26.45 -43.23
N GLU C 569 -22.48 27.57 -43.83
CA GLU C 569 -23.41 28.52 -44.39
C GLU C 569 -24.09 27.94 -45.61
N PRO C 570 -25.20 28.55 -46.06
CA PRO C 570 -25.94 27.98 -47.21
C PRO C 570 -25.07 27.69 -48.42
N HIS C 571 -23.85 28.23 -48.48
CA HIS C 571 -22.96 27.96 -49.62
C HIS C 571 -22.44 26.53 -49.62
N SER C 572 -22.69 25.76 -48.56
CA SER C 572 -22.17 24.39 -48.50
C SER C 572 -22.58 23.60 -49.73
N ARG C 573 -21.64 22.83 -50.27
CA ARG C 573 -21.86 22.05 -51.48
C ARG C 573 -21.55 20.59 -51.19
N LYS C 574 -22.43 19.70 -51.68
CA LYS C 574 -22.29 18.28 -51.39
C LYS C 574 -21.05 17.67 -52.03
N GLU C 575 -20.51 18.28 -53.09
CA GLU C 575 -19.29 17.75 -53.68
C GLU C 575 -18.18 17.71 -52.64
N ILE C 576 -17.93 18.83 -51.97
CA ILE C 576 -16.87 18.90 -50.97
C ILE C 576 -17.15 17.93 -49.83
N LEU C 577 -18.40 17.88 -49.38
CA LEU C 577 -18.72 17.05 -48.21
C LEU C 577 -18.48 15.57 -48.52
N GLN C 578 -19.01 15.09 -49.65
CA GLN C 578 -18.82 13.68 -49.97
C GLN C 578 -17.36 13.37 -50.29
N ALA C 579 -16.64 14.32 -50.90
CA ALA C 579 -15.22 14.12 -51.11
C ALA C 579 -14.49 13.95 -49.79
N GLU C 580 -14.82 14.80 -48.81
CA GLU C 580 -14.19 14.70 -47.50
C GLU C 580 -14.52 13.37 -46.84
N PHE C 581 -15.78 12.94 -46.92
CA PHE C 581 -16.15 11.68 -46.29
C PHE C 581 -15.40 10.51 -46.91
N HIS C 582 -15.38 10.45 -48.25
CA HIS C 582 -14.69 9.38 -48.92
C HIS C 582 -13.19 9.40 -48.65
N LEU C 583 -12.59 10.59 -48.56
CA LEU C 583 -11.18 10.67 -48.20
C LEU C 583 -10.94 10.14 -46.80
N VAL C 584 -11.80 10.53 -45.86
CA VAL C 584 -11.64 10.07 -44.48
C VAL C 584 -11.67 8.56 -44.43
N PHE C 585 -12.60 7.95 -45.17
CA PHE C 585 -12.74 6.50 -45.10
C PHE C 585 -11.64 5.79 -45.86
N THR C 586 -11.22 6.32 -47.02
CA THR C 586 -10.17 5.70 -47.79
C THR C 586 -8.84 5.74 -47.03
N ILE C 587 -8.52 6.88 -46.43
CA ILE C 587 -7.24 7.01 -45.73
C ILE C 587 -7.17 6.02 -44.58
N SER C 588 -8.23 5.93 -43.78
CA SER C 588 -8.22 5.02 -42.65
C SER C 588 -8.34 3.57 -43.08
N SER C 589 -9.10 3.30 -44.15
CA SER C 589 -9.35 1.92 -44.54
C SER C 589 -8.06 1.19 -44.91
N GLU C 590 -7.03 1.92 -45.38
CA GLU C 590 -5.80 1.27 -45.78
C GLU C 590 -5.13 0.57 -44.60
N ASP C 591 -5.10 1.21 -43.44
CA ASP C 591 -4.49 0.64 -42.23
C ASP C 591 -5.49 0.73 -41.09
N PRO C 592 -6.49 -0.15 -41.08
CA PRO C 592 -7.49 -0.08 -40.01
C PRO C 592 -6.91 -0.17 -38.62
N ALA C 593 -5.88 -0.99 -38.41
CA ALA C 593 -5.29 -1.16 -37.09
C ALA C 593 -4.58 0.08 -36.59
N ASN C 594 -4.34 1.08 -37.44
CA ASN C 594 -3.64 2.28 -37.03
C ASN C 594 -4.51 3.09 -36.08
N VAL C 595 -4.17 3.06 -34.78
CA VAL C 595 -5.03 3.68 -33.77
C VAL C 595 -5.00 5.20 -33.91
N GLN C 596 -3.82 5.77 -34.15
CA GLN C 596 -3.72 7.23 -34.27
C GLN C 596 -4.58 7.74 -35.41
N VAL C 597 -4.50 7.07 -36.56
CA VAL C 597 -5.35 7.45 -37.69
C VAL C 597 -6.81 7.29 -37.32
N VAL C 598 -7.14 6.26 -36.54
CA VAL C 598 -8.53 6.02 -36.16
C VAL C 598 -9.06 7.17 -35.31
N VAL C 599 -8.26 7.63 -34.35
CA VAL C 599 -8.72 8.71 -33.47
C VAL C 599 -8.82 10.02 -34.24
N GLN C 600 -7.86 10.29 -35.13
CA GLN C 600 -7.96 11.48 -35.95
C GLN C 600 -9.16 11.40 -36.88
N SER C 601 -9.52 10.20 -37.32
CA SER C 601 -10.74 10.01 -38.10
C SER C 601 -11.97 10.30 -37.26
N GLN C 602 -11.96 9.88 -35.99
CA GLN C 602 -13.05 10.28 -35.10
C GLN C 602 -13.19 11.79 -35.04
N GLU C 603 -12.07 12.49 -34.87
CA GLU C 603 -12.13 13.94 -34.79
C GLU C 603 -12.68 14.55 -36.07
N CYS C 604 -12.16 14.12 -37.23
CA CYS C 604 -12.64 14.66 -38.49
C CYS C 604 -14.13 14.36 -38.68
N LEU C 605 -14.55 13.13 -38.36
CA LEU C 605 -15.93 12.73 -38.60
C LEU C 605 -16.89 13.49 -37.68
N GLU C 606 -16.51 13.69 -36.42
CA GLU C 606 -17.36 14.48 -35.53
C GLU C 606 -17.44 15.92 -35.99
N LYS C 607 -16.31 16.49 -36.45
CA LYS C 607 -16.38 17.83 -37.01
C LYS C 607 -17.27 17.89 -38.24
N LEU C 608 -17.32 16.82 -39.02
CA LEU C 608 -18.25 16.76 -40.15
C LEU C 608 -19.69 16.75 -39.68
N LEU C 609 -20.02 15.84 -38.75
CA LEU C 609 -21.40 15.70 -38.30
C LEU C 609 -21.89 16.87 -37.46
N ASP C 610 -20.97 17.70 -36.97
CA ASP C 610 -21.37 18.83 -36.14
C ASP C 610 -22.24 19.83 -36.89
N ASN C 611 -22.29 19.77 -38.21
CA ASN C 611 -23.13 20.69 -38.96
C ASN C 611 -24.61 20.42 -38.72
N ILE C 612 -25.40 21.50 -38.68
CA ILE C 612 -26.85 21.43 -38.52
C ILE C 612 -27.55 22.15 -39.67
N ASN C 613 -28.18 21.38 -40.55
CA ASN C 613 -29.04 21.93 -41.59
C ASN C 613 -30.07 20.88 -41.98
N MET C 614 -31.35 21.26 -41.93
CA MET C 614 -32.42 20.28 -41.91
C MET C 614 -32.47 19.46 -43.20
N ASP C 615 -32.70 20.13 -44.32
CA ASP C 615 -32.96 19.40 -45.57
C ASP C 615 -31.81 18.45 -45.90
N ASN C 616 -30.59 18.78 -45.47
CA ASN C 616 -29.42 18.00 -45.85
C ASN C 616 -29.24 16.76 -44.99
N TYR C 617 -29.88 16.71 -43.83
CA TYR C 617 -29.86 15.47 -43.05
C TYR C 617 -30.70 14.36 -43.68
N LYS C 618 -31.47 14.65 -44.73
CA LYS C 618 -31.96 13.55 -45.55
C LYS C 618 -30.97 13.21 -46.66
N ASN C 619 -30.13 14.17 -47.03
CA ASN C 619 -29.05 13.87 -47.97
C ASN C 619 -27.94 13.08 -47.31
N TYR C 620 -27.77 13.20 -45.99
CA TYR C 620 -26.72 12.43 -45.33
C TYR C 620 -26.99 10.94 -45.37
N ILE C 621 -28.26 10.54 -45.38
CA ILE C 621 -28.58 9.11 -45.43
C ILE C 621 -27.92 8.46 -46.64
N GLU C 622 -28.02 9.11 -47.80
CA GLU C 622 -27.37 8.58 -49.00
C GLU C 622 -25.89 8.96 -49.05
N LEU C 623 -25.51 10.08 -48.43
CA LEU C 623 -24.15 10.58 -48.56
C LEU C 623 -23.17 9.75 -47.73
N CYS C 624 -23.35 9.75 -46.42
CA CYS C 624 -22.37 9.13 -45.54
C CYS C 624 -22.65 7.65 -45.36
N LEU C 625 -23.90 7.30 -45.09
CA LEU C 625 -24.26 5.98 -44.59
C LEU C 625 -23.71 4.87 -45.48
N PRO C 626 -23.83 4.97 -46.80
CA PRO C 626 -23.31 3.87 -47.65
C PRO C 626 -21.83 3.63 -47.44
N SER C 627 -21.07 4.66 -47.08
CA SER C 627 -19.66 4.46 -46.77
C SER C 627 -19.49 3.51 -45.59
N PHE C 628 -20.30 3.67 -44.55
CA PHE C 628 -20.23 2.75 -43.42
C PHE C 628 -20.48 1.32 -43.86
N ILE C 629 -21.47 1.11 -44.72
CA ILE C 629 -21.81 -0.24 -45.16
C ILE C 629 -20.61 -0.88 -45.87
N ASN C 630 -19.83 -0.06 -46.59
CA ASN C 630 -18.62 -0.60 -47.20
C ASN C 630 -17.66 -1.12 -46.15
N VAL C 631 -17.48 -0.37 -45.06
CA VAL C 631 -16.59 -0.81 -43.99
C VAL C 631 -17.10 -2.11 -43.39
N LEU C 632 -18.40 -2.19 -43.12
CA LEU C 632 -18.96 -3.40 -42.54
C LEU C 632 -18.80 -4.59 -43.48
N ASP C 633 -19.04 -4.39 -44.77
CA ASP C 633 -18.90 -5.48 -45.73
C ASP C 633 -17.46 -5.96 -45.80
N SER C 634 -16.51 -5.03 -45.82
CA SER C 634 -15.10 -5.41 -45.90
C SER C 634 -14.72 -6.34 -44.76
N ASN C 635 -15.13 -6.00 -43.53
CA ASN C 635 -14.81 -6.85 -42.39
C ASN C 635 -15.57 -8.18 -42.46
N ASN C 636 -16.59 -8.28 -43.31
CA ASN C 636 -17.39 -9.49 -43.36
C ASN C 636 -16.55 -10.72 -43.70
N ALA C 637 -15.66 -10.59 -44.68
CA ALA C 637 -14.77 -11.70 -45.01
C ALA C 637 -13.94 -12.09 -43.80
N ASN C 638 -13.60 -11.13 -42.96
CA ASN C 638 -12.82 -11.37 -41.75
C ASN C 638 -13.68 -11.88 -40.59
N ASN C 639 -15.00 -11.95 -40.77
CA ASN C 639 -15.92 -12.36 -39.71
C ASN C 639 -15.94 -11.33 -38.58
N TYR C 640 -15.76 -10.06 -38.95
CA TYR C 640 -15.96 -8.94 -38.05
C TYR C 640 -15.16 -9.10 -36.75
N ARG C 641 -13.91 -9.54 -36.89
CA ARG C 641 -13.01 -9.54 -35.74
C ARG C 641 -12.68 -8.11 -35.36
N TYR C 642 -12.18 -7.95 -34.13
CA TYR C 642 -11.98 -6.60 -33.60
C TYR C 642 -11.07 -5.79 -34.51
N SER C 643 -11.45 -4.53 -34.71
CA SER C 643 -10.69 -3.58 -35.50
C SER C 643 -11.07 -2.18 -35.07
N PRO C 644 -10.11 -1.33 -34.68
CA PRO C 644 -10.49 0.01 -34.21
C PRO C 644 -11.36 0.78 -35.19
N LEU C 645 -11.12 0.61 -36.48
CA LEU C 645 -11.97 1.28 -37.47
C LEU C 645 -13.40 0.75 -37.40
N LEU C 646 -13.57 -0.56 -37.21
CA LEU C 646 -14.91 -1.12 -37.09
C LEU C 646 -15.64 -0.55 -35.87
N SER C 647 -14.94 -0.45 -34.74
CA SER C 647 -15.55 0.16 -33.56
C SER C 647 -15.90 1.62 -33.83
N LEU C 648 -15.01 2.34 -34.53
CA LEU C 648 -15.28 3.73 -34.86
C LEU C 648 -16.55 3.86 -35.68
N VAL C 649 -16.70 3.01 -36.70
CA VAL C 649 -17.87 3.12 -37.56
C VAL C 649 -19.13 2.75 -36.81
N LEU C 650 -19.08 1.74 -35.94
CA LEU C 650 -20.28 1.44 -35.15
C LEU C 650 -20.64 2.61 -34.24
N GLU C 651 -19.64 3.16 -33.55
CA GLU C 651 -19.86 4.32 -32.69
C GLU C 651 -20.54 5.44 -33.45
N PHE C 652 -20.02 5.76 -34.63
CA PHE C 652 -20.53 6.93 -35.33
C PHE C 652 -21.82 6.63 -36.09
N ILE C 653 -22.13 5.37 -36.38
CA ILE C 653 -23.49 5.03 -36.80
C ILE C 653 -24.46 5.36 -35.68
N THR C 654 -24.15 4.93 -34.46
CA THR C 654 -25.02 5.26 -33.34
C THR C 654 -25.13 6.76 -33.16
N VAL C 655 -24.01 7.47 -33.24
CA VAL C 655 -24.00 8.91 -33.02
C VAL C 655 -24.77 9.63 -34.12
N PHE C 656 -24.68 9.13 -35.35
CA PHE C 656 -25.45 9.72 -36.44
C PHE C 656 -26.93 9.49 -36.26
N LEU C 657 -27.32 8.27 -35.89
CA LEU C 657 -28.73 7.98 -35.67
C LEU C 657 -29.30 8.86 -34.57
N LYS C 658 -28.53 9.10 -33.51
CA LYS C 658 -29.02 9.94 -32.43
C LYS C 658 -28.98 11.43 -32.80
N LYS C 659 -27.96 11.86 -33.55
CA LYS C 659 -27.84 13.28 -33.89
C LYS C 659 -28.95 13.72 -34.83
N LYS C 660 -29.38 12.84 -35.72
CA LYS C 660 -30.46 13.17 -36.62
C LYS C 660 -31.69 13.59 -35.81
N PRO C 661 -32.47 14.57 -36.30
CA PRO C 661 -33.62 15.04 -35.51
C PRO C 661 -34.38 13.90 -34.86
N ASN C 662 -34.87 12.96 -35.65
CA ASN C 662 -35.31 11.66 -35.16
C ASN C 662 -36.32 11.80 -34.01
N ASP C 663 -36.97 12.96 -33.94
CA ASP C 663 -38.08 13.12 -33.00
C ASP C 663 -39.26 12.27 -33.44
N GLY C 664 -39.59 12.33 -34.73
CA GLY C 664 -40.42 11.32 -35.33
C GLY C 664 -39.61 10.09 -35.71
N PHE C 665 -40.28 9.17 -36.41
CA PHE C 665 -39.60 7.97 -36.85
C PHE C 665 -38.46 8.32 -37.81
N LEU C 666 -37.40 7.53 -37.75
CA LEU C 666 -36.29 7.73 -38.67
C LEU C 666 -36.76 7.51 -40.10
N PRO C 667 -36.20 8.22 -41.08
CA PRO C 667 -36.57 7.96 -42.47
C PRO C 667 -36.33 6.50 -42.83
N ASP C 668 -37.27 5.93 -43.58
CA ASP C 668 -37.22 4.49 -43.85
C ASP C 668 -35.94 4.09 -44.57
N GLU C 669 -35.32 5.01 -45.32
CA GLU C 669 -34.11 4.67 -46.04
C GLU C 669 -33.04 4.14 -45.10
N ILE C 670 -32.95 4.72 -43.89
CA ILE C 670 -31.91 4.30 -42.95
C ILE C 670 -32.04 2.81 -42.65
N ASN C 671 -33.27 2.33 -42.48
CA ASN C 671 -33.47 0.90 -42.21
C ASN C 671 -32.95 0.04 -43.34
N GLN C 672 -33.27 0.41 -44.59
CA GLN C 672 -32.92 -0.44 -45.72
C GLN C 672 -31.42 -0.65 -45.80
N TYR C 673 -30.64 0.42 -45.59
CA TYR C 673 -29.20 0.27 -45.60
C TYR C 673 -28.71 -0.51 -44.39
N LEU C 674 -29.02 -0.04 -43.19
CA LEU C 674 -28.34 -0.50 -41.99
C LEU C 674 -28.74 -1.90 -41.58
N PHE C 675 -30.00 -2.29 -41.79
CA PHE C 675 -30.50 -3.49 -41.12
C PHE C 675 -29.69 -4.72 -41.49
N GLU C 676 -29.52 -4.98 -42.79
CA GLU C 676 -28.83 -6.20 -43.20
C GLU C 676 -27.39 -6.25 -42.73
N PRO C 677 -26.57 -5.20 -42.93
CA PRO C 677 -25.20 -5.27 -42.40
C PRO C 677 -25.14 -5.48 -40.90
N LEU C 678 -25.98 -4.75 -40.15
CA LEU C 678 -25.98 -4.93 -38.69
C LEU C 678 -26.45 -6.33 -38.31
N ALA C 679 -27.45 -6.85 -39.02
CA ALA C 679 -27.91 -8.21 -38.75
C ALA C 679 -26.78 -9.20 -38.96
N LYS C 680 -26.03 -9.07 -40.06
CA LYS C 680 -24.91 -9.97 -40.30
C LYS C 680 -23.85 -9.82 -39.23
N VAL C 681 -23.53 -8.57 -38.86
CA VAL C 681 -22.53 -8.33 -37.83
C VAL C 681 -22.91 -9.04 -36.54
N LEU C 682 -24.17 -8.88 -36.11
CA LEU C 682 -24.61 -9.49 -34.87
C LEU C 682 -24.71 -11.01 -34.98
N ALA C 683 -24.98 -11.52 -36.18
CA ALA C 683 -25.13 -12.97 -36.34
C ALA C 683 -23.78 -13.67 -36.35
N PHE C 684 -22.76 -13.04 -36.91
CA PHE C 684 -21.50 -13.75 -37.18
C PHE C 684 -20.41 -13.39 -36.19
N SER C 685 -20.25 -12.11 -35.86
CA SER C 685 -19.15 -11.71 -34.99
C SER C 685 -19.19 -12.51 -33.69
N THR C 686 -18.00 -12.67 -33.08
CA THR C 686 -17.87 -13.47 -31.86
C THR C 686 -16.92 -12.81 -30.87
N GLU C 687 -16.83 -11.49 -30.86
CA GLU C 687 -16.01 -10.79 -29.89
C GLU C 687 -16.84 -9.69 -29.22
N ASP C 688 -16.41 -9.29 -28.02
CA ASP C 688 -17.30 -8.56 -27.12
C ASP C 688 -17.59 -7.15 -27.63
N GLU C 689 -16.56 -6.41 -28.03
CA GLU C 689 -16.74 -4.99 -28.32
C GLU C 689 -17.68 -4.79 -29.51
N THR C 690 -17.43 -5.50 -30.60
CA THR C 690 -18.26 -5.37 -31.78
C THR C 690 -19.71 -5.75 -31.47
N LEU C 691 -19.90 -6.85 -30.74
CA LEU C 691 -21.26 -7.27 -30.40
C LEU C 691 -21.95 -6.20 -29.57
N GLN C 692 -21.26 -5.62 -28.59
CA GLN C 692 -21.88 -4.62 -27.74
C GLN C 692 -22.28 -3.39 -28.55
N LEU C 693 -21.35 -2.85 -29.34
CA LEU C 693 -21.64 -1.63 -30.09
C LEU C 693 -22.74 -1.88 -31.12
N ALA C 694 -22.66 -2.99 -31.84
CA ALA C 694 -23.70 -3.31 -32.81
C ALA C 694 -25.03 -3.52 -32.12
N THR C 695 -25.04 -4.14 -30.94
CA THR C 695 -26.28 -4.37 -30.22
C THR C 695 -26.94 -3.06 -29.83
N GLU C 696 -26.16 -2.12 -29.28
CA GLU C 696 -26.77 -0.85 -28.90
C GLU C 696 -27.26 -0.08 -30.13
N ALA C 697 -26.47 -0.08 -31.21
CA ALA C 697 -26.91 0.62 -32.42
C ALA C 697 -28.19 0.00 -32.98
N PHE C 698 -28.24 -1.33 -33.01
CA PHE C 698 -29.40 -2.04 -33.54
C PHE C 698 -30.63 -1.80 -32.66
N SER C 699 -30.44 -1.77 -31.34
CA SER C 699 -31.53 -1.46 -30.44
C SER C 699 -32.07 -0.07 -30.72
N TYR C 700 -31.18 0.92 -30.89
CA TYR C 700 -31.65 2.27 -31.19
C TYR C 700 -32.39 2.31 -32.52
N LEU C 701 -31.87 1.62 -33.53
CA LEU C 701 -32.53 1.62 -34.83
C LEU C 701 -33.93 1.03 -34.73
N ILE C 702 -34.07 -0.10 -34.04
CA ILE C 702 -35.39 -0.71 -33.89
C ILE C 702 -36.30 0.17 -33.06
N PHE C 703 -35.73 0.90 -32.10
CA PHE C 703 -36.53 1.72 -31.21
C PHE C 703 -37.11 2.93 -31.94
N ASN C 704 -36.28 3.59 -32.76
CA ASN C 704 -36.69 4.86 -33.34
C ASN C 704 -37.37 4.72 -34.70
N THR C 705 -37.30 3.56 -35.34
CA THR C 705 -37.88 3.43 -36.67
C THR C 705 -39.39 3.26 -36.59
N ASP C 706 -40.04 3.47 -37.73
CA ASP C 706 -41.48 3.26 -37.83
C ASP C 706 -41.79 1.79 -37.62
N THR C 707 -42.79 1.51 -36.78
CA THR C 707 -43.16 0.12 -36.51
C THR C 707 -43.76 -0.55 -37.73
N ARG C 708 -44.52 0.19 -38.54
CA ARG C 708 -45.17 -0.40 -39.71
C ARG C 708 -44.14 -0.95 -40.68
N ALA C 709 -43.17 -0.12 -41.08
CA ALA C 709 -42.14 -0.59 -41.99
C ALA C 709 -41.27 -1.66 -41.32
N MET C 710 -41.09 -1.56 -40.01
CA MET C 710 -40.28 -2.55 -39.30
C MET C 710 -41.01 -3.88 -39.19
N GLU C 711 -42.35 -3.84 -39.17
CA GLU C 711 -43.15 -5.04 -38.93
C GLU C 711 -42.80 -6.22 -39.82
N PRO C 712 -42.73 -6.10 -41.15
CA PRO C 712 -42.45 -7.27 -41.98
C PRO C 712 -41.12 -7.95 -41.68
N ARG C 713 -40.09 -7.19 -41.27
CA ARG C 713 -38.78 -7.75 -40.97
C ARG C 713 -38.59 -8.01 -39.48
N LEU C 714 -39.65 -7.93 -38.69
CA LEU C 714 -39.53 -8.22 -37.26
C LEU C 714 -39.00 -9.63 -37.03
N MET C 715 -39.20 -10.53 -38.00
CA MET C 715 -38.66 -11.88 -37.87
C MET C 715 -37.14 -11.87 -37.78
N ASP C 716 -36.49 -11.05 -38.59
CA ASP C 716 -35.03 -11.04 -38.60
C ASP C 716 -34.46 -10.66 -37.25
N ILE C 717 -35.07 -9.66 -36.60
CA ILE C 717 -34.62 -9.28 -35.26
C ILE C 717 -34.68 -10.49 -34.33
N MET C 718 -35.68 -11.36 -34.52
CA MET C 718 -35.79 -12.52 -33.65
C MET C 718 -34.66 -13.51 -33.92
N LYS C 719 -34.25 -13.66 -35.18
CA LYS C 719 -33.07 -14.47 -35.47
C LYS C 719 -31.85 -13.90 -34.78
N VAL C 720 -31.69 -12.58 -34.82
CA VAL C 720 -30.54 -11.95 -34.16
C VAL C 720 -30.59 -12.23 -32.66
N LEU C 721 -31.74 -12.01 -32.04
CA LEU C 721 -31.88 -12.21 -30.60
C LEU C 721 -31.61 -13.66 -30.22
N GLU C 722 -32.13 -14.59 -31.01
CA GLU C 722 -31.87 -16.00 -30.76
C GLU C 722 -30.38 -16.30 -30.82
N ARG C 723 -29.69 -15.70 -31.80
CA ARG C 723 -28.26 -15.95 -31.90
C ARG C 723 -27.51 -15.41 -30.69
N LEU C 724 -27.78 -14.15 -30.30
CA LEU C 724 -27.06 -13.58 -29.16
C LEU C 724 -27.33 -14.34 -27.87
N LEU C 725 -28.59 -14.68 -27.59
CA LEU C 725 -28.88 -15.35 -26.33
C LEU C 725 -28.20 -16.71 -26.24
N SER C 726 -27.93 -17.34 -27.38
CA SER C 726 -27.23 -18.61 -27.36
C SER C 726 -25.81 -18.43 -26.84
N LEU C 727 -25.25 -19.52 -26.30
CA LEU C 727 -23.95 -19.46 -25.63
C LEU C 727 -22.78 -19.27 -26.58
N GLU C 728 -23.00 -19.35 -27.90
CA GLU C 728 -21.89 -19.17 -28.83
C GLU C 728 -21.28 -17.77 -28.76
N VAL C 729 -21.87 -16.86 -27.99
CA VAL C 729 -21.31 -15.53 -27.78
C VAL C 729 -21.04 -15.35 -26.29
N SER C 730 -20.23 -14.35 -25.98
CA SER C 730 -19.89 -14.09 -24.59
C SER C 730 -21.08 -13.52 -23.84
N ASP C 731 -21.04 -13.66 -22.51
CA ASP C 731 -22.08 -13.09 -21.67
C ASP C 731 -22.06 -11.56 -21.71
N SER C 732 -20.91 -10.97 -22.07
CA SER C 732 -20.86 -9.53 -22.25
C SER C 732 -21.93 -9.06 -23.23
N ALA C 733 -22.16 -9.85 -24.28
CA ALA C 733 -23.25 -9.55 -25.21
C ALA C 733 -24.60 -9.85 -24.58
N ALA C 734 -24.70 -10.94 -23.83
CA ALA C 734 -25.99 -11.40 -23.34
C ALA C 734 -26.65 -10.37 -22.44
N MET C 735 -25.89 -9.76 -21.52
CA MET C 735 -26.50 -8.83 -20.57
C MET C 735 -27.15 -7.65 -21.27
N ASN C 736 -26.58 -7.22 -22.39
CA ASN C 736 -27.16 -6.10 -23.12
C ASN C 736 -28.43 -6.49 -23.85
N VAL C 737 -28.74 -7.79 -23.90
CA VAL C 737 -29.92 -8.25 -24.63
C VAL C 737 -31.20 -7.70 -23.99
N GLY C 738 -31.21 -7.59 -22.66
CA GLY C 738 -32.41 -7.25 -21.94
C GLY C 738 -33.03 -5.95 -22.40
N PRO C 739 -32.24 -4.87 -22.44
CA PRO C 739 -32.75 -3.61 -23.00
C PRO C 739 -33.23 -3.75 -24.43
N LEU C 740 -32.57 -4.59 -25.23
CA LEU C 740 -33.02 -4.82 -26.60
C LEU C 740 -34.41 -5.44 -26.62
N VAL C 741 -34.64 -6.44 -25.75
CA VAL C 741 -35.98 -7.05 -25.68
C VAL C 741 -36.99 -6.03 -25.18
N VAL C 742 -36.58 -5.16 -24.26
CA VAL C 742 -37.46 -4.07 -23.83
C VAL C 742 -37.88 -3.24 -25.02
N ALA C 743 -36.92 -2.88 -25.88
CA ALA C 743 -37.23 -2.10 -27.07
C ALA C 743 -38.19 -2.86 -27.99
N ILE C 744 -37.92 -4.14 -28.23
CA ILE C 744 -38.77 -4.92 -29.13
C ILE C 744 -40.21 -4.93 -28.61
N PHE C 745 -40.39 -5.26 -27.33
CA PHE C 745 -41.73 -5.31 -26.79
C PHE C 745 -42.38 -3.93 -26.74
N THR C 746 -41.61 -2.87 -26.53
CA THR C 746 -42.17 -1.53 -26.49
C THR C 746 -42.71 -1.13 -27.86
N ARG C 747 -41.92 -1.36 -28.91
CA ARG C 747 -42.35 -0.96 -30.25
C ARG C 747 -43.43 -1.87 -30.79
N PHE C 748 -43.34 -3.17 -30.52
CA PHE C 748 -44.16 -4.18 -31.19
C PHE C 748 -44.96 -5.01 -30.20
N SER C 749 -45.63 -4.35 -29.26
CA SER C 749 -46.38 -5.05 -28.23
C SER C 749 -47.50 -5.92 -28.78
N LYS C 750 -47.98 -5.65 -29.99
CA LYS C 750 -49.11 -6.39 -30.56
C LYS C 750 -48.72 -7.43 -31.60
N GLU C 751 -47.54 -7.32 -32.20
CA GLU C 751 -47.06 -8.34 -33.13
C GLU C 751 -46.18 -9.37 -32.43
N ILE C 752 -45.65 -9.03 -31.25
CA ILE C 752 -44.68 -9.87 -30.56
C ILE C 752 -45.28 -11.20 -30.12
N GLN C 753 -46.58 -11.28 -29.91
CA GLN C 753 -47.16 -12.40 -29.17
C GLN C 753 -46.72 -13.77 -29.66
N PRO C 754 -46.80 -14.10 -30.95
CA PRO C 754 -46.27 -15.40 -31.38
C PRO C 754 -44.79 -15.54 -31.12
N LEU C 755 -44.05 -14.43 -31.10
CA LEU C 755 -42.60 -14.49 -30.96
C LEU C 755 -42.17 -14.54 -29.50
N ILE C 756 -43.10 -14.30 -28.57
CA ILE C 756 -42.77 -14.30 -27.15
C ILE C 756 -42.16 -15.63 -26.77
N GLY C 757 -42.75 -16.72 -27.28
CA GLY C 757 -42.25 -18.04 -26.94
C GLY C 757 -40.78 -18.21 -27.27
N ARG C 758 -40.36 -17.75 -28.45
CA ARG C 758 -38.96 -17.85 -28.82
C ARG C 758 -38.08 -17.03 -27.89
N ILE C 759 -38.46 -15.77 -27.66
CA ILE C 759 -37.67 -14.91 -26.78
C ILE C 759 -37.61 -15.51 -25.38
N LEU C 760 -38.76 -15.95 -24.87
CA LEU C 760 -38.80 -16.47 -23.51
C LEU C 760 -37.95 -17.72 -23.38
N GLU C 761 -38.06 -18.64 -24.34
CA GLU C 761 -37.30 -19.88 -24.24
C GLU C 761 -35.80 -19.61 -24.36
N ALA C 762 -35.40 -18.74 -25.29
CA ALA C 762 -33.98 -18.42 -25.41
C ALA C 762 -33.45 -17.77 -24.14
N VAL C 763 -34.18 -16.78 -23.60
CA VAL C 763 -33.68 -16.08 -22.43
C VAL C 763 -33.65 -16.99 -21.22
N VAL C 764 -34.63 -17.89 -21.09
CA VAL C 764 -34.63 -18.79 -19.94
C VAL C 764 -33.51 -19.81 -20.05
N VAL C 765 -33.27 -20.36 -21.24
CA VAL C 765 -32.19 -21.33 -21.38
C VAL C 765 -30.84 -20.67 -21.13
N ARG C 766 -30.69 -19.41 -21.55
CA ARG C 766 -29.45 -18.70 -21.26
C ARG C 766 -29.31 -18.39 -19.78
N LEU C 767 -30.40 -17.97 -19.12
CA LEU C 767 -30.32 -17.54 -17.73
C LEU C 767 -29.86 -18.67 -16.83
N ILE C 768 -30.44 -19.86 -17.00
CA ILE C 768 -30.08 -20.98 -16.13
C ILE C 768 -28.64 -21.43 -16.36
N LYS C 769 -28.07 -21.15 -17.52
CA LYS C 769 -26.71 -21.57 -17.82
C LYS C 769 -25.67 -20.50 -17.48
N THR C 770 -26.04 -19.23 -17.49
CA THR C 770 -25.12 -18.14 -17.20
C THR C 770 -24.98 -17.98 -15.69
N GLN C 771 -23.78 -17.64 -15.25
CA GLN C 771 -23.48 -17.47 -13.84
C GLN C 771 -22.95 -16.09 -13.48
N ASN C 772 -22.68 -15.24 -14.48
CA ASN C 772 -22.25 -13.88 -14.20
C ASN C 772 -23.36 -13.12 -13.49
N ILE C 773 -22.98 -12.29 -12.53
CA ILE C 773 -23.98 -11.63 -11.69
C ILE C 773 -24.82 -10.66 -12.52
N SER C 774 -24.16 -9.78 -13.26
CA SER C 774 -24.89 -8.77 -14.03
C SER C 774 -25.72 -9.43 -15.13
N THR C 775 -25.16 -10.45 -15.79
CA THR C 775 -25.90 -11.12 -16.86
C THR C 775 -27.19 -11.73 -16.34
N GLU C 776 -27.12 -12.50 -15.26
CA GLU C 776 -28.32 -13.12 -14.73
C GLU C 776 -29.27 -12.07 -14.16
N GLN C 777 -28.74 -10.98 -13.61
CA GLN C 777 -29.62 -9.90 -13.15
C GLN C 777 -30.41 -9.33 -14.33
N ASN C 778 -29.74 -9.08 -15.45
CA ASN C 778 -30.43 -8.55 -16.63
C ASN C 778 -31.46 -9.53 -17.16
N LEU C 779 -31.10 -10.81 -17.21
CA LEU C 779 -32.05 -11.81 -17.71
C LEU C 779 -33.26 -11.93 -16.79
N LEU C 780 -33.04 -11.82 -15.47
CA LEU C 780 -34.17 -11.83 -14.56
C LEU C 780 -35.01 -10.56 -14.72
N SER C 781 -34.37 -9.45 -15.07
CA SER C 781 -35.13 -8.26 -15.41
C SER C 781 -36.01 -8.53 -16.63
N VAL C 782 -35.48 -9.24 -17.61
CA VAL C 782 -36.28 -9.62 -18.78
C VAL C 782 -37.45 -10.48 -18.37
N LEU C 783 -37.21 -11.46 -17.49
CA LEU C 783 -38.31 -12.31 -17.03
C LEU C 783 -39.37 -11.50 -16.29
N CYS C 784 -38.94 -10.54 -15.46
CA CYS C 784 -39.89 -9.68 -14.77
C CYS C 784 -40.70 -8.87 -15.76
N PHE C 785 -40.04 -8.36 -16.80
CA PHE C 785 -40.75 -7.60 -17.83
C PHE C 785 -41.80 -8.46 -18.51
N LEU C 786 -41.45 -9.72 -18.82
CA LEU C 786 -42.42 -10.62 -19.43
C LEU C 786 -43.59 -10.88 -18.49
N THR C 787 -43.30 -11.11 -17.21
CA THR C 787 -44.37 -11.39 -16.25
C THR C 787 -45.30 -10.19 -16.10
N CYS C 788 -44.74 -8.98 -16.04
CA CYS C 788 -45.57 -7.79 -15.99
C CYS C 788 -46.39 -7.63 -17.27
N ASN C 789 -45.80 -7.95 -18.42
CA ASN C 789 -46.56 -7.97 -19.66
C ASN C 789 -47.71 -8.96 -19.55
N ASP C 790 -47.43 -10.19 -19.12
CA ASP C 790 -48.45 -11.19 -18.88
C ASP C 790 -47.91 -12.23 -17.91
N PRO C 791 -48.43 -12.29 -16.67
CA PRO C 791 -47.92 -13.32 -15.75
C PRO C 791 -48.37 -14.72 -16.10
N LYS C 792 -49.62 -14.88 -16.52
CA LYS C 792 -50.11 -16.21 -16.86
C LYS C 792 -49.34 -16.80 -18.04
N GLN C 793 -49.09 -15.98 -19.06
CA GLN C 793 -48.35 -16.47 -20.22
C GLN C 793 -46.93 -16.89 -19.84
N THR C 794 -46.26 -16.06 -19.06
CA THR C 794 -44.89 -16.38 -18.64
C THR C 794 -44.86 -17.66 -17.83
N VAL C 795 -45.80 -17.81 -16.90
CA VAL C 795 -45.88 -19.02 -16.10
C VAL C 795 -46.09 -20.23 -17.01
N ASP C 796 -46.97 -20.10 -18.00
CA ASP C 796 -47.26 -21.22 -18.89
C ASP C 796 -46.03 -21.63 -19.70
N PHE C 797 -45.33 -20.65 -20.29
CA PHE C 797 -44.13 -21.00 -21.05
C PHE C 797 -43.08 -21.63 -20.14
N LEU C 798 -42.86 -21.05 -18.96
CA LEU C 798 -41.85 -21.60 -18.06
C LEU C 798 -42.20 -23.02 -17.64
N SER C 799 -43.49 -23.32 -17.50
CA SER C 799 -43.90 -24.68 -17.15
C SER C 799 -43.71 -25.63 -18.31
N SER C 800 -44.10 -25.22 -19.52
CA SER C 800 -44.01 -26.11 -20.67
C SER C 800 -42.57 -26.31 -21.11
N PHE C 801 -41.80 -25.22 -21.20
CA PHE C 801 -40.41 -25.33 -21.63
C PHE C 801 -39.59 -26.10 -20.60
N GLN C 802 -38.65 -26.89 -21.08
CA GLN C 802 -37.83 -27.73 -20.22
C GLN C 802 -36.37 -27.69 -20.67
N ILE C 803 -35.48 -27.71 -19.69
CA ILE C 803 -34.06 -27.95 -19.90
C ILE C 803 -33.66 -29.10 -18.99
N ASP C 804 -32.70 -29.89 -19.46
CA ASP C 804 -32.27 -31.11 -18.76
C ASP C 804 -33.47 -31.93 -18.27
N ASN C 805 -34.55 -31.91 -19.06
CA ASN C 805 -35.74 -32.71 -18.78
C ASN C 805 -36.34 -32.40 -17.41
N THR C 806 -36.32 -31.13 -17.02
CA THR C 806 -37.03 -30.69 -15.83
C THR C 806 -37.73 -29.37 -16.14
N ASP C 807 -38.86 -29.15 -15.47
CA ASP C 807 -39.59 -27.90 -15.65
C ASP C 807 -38.69 -26.71 -15.34
N ALA C 808 -38.71 -25.73 -16.24
CA ALA C 808 -37.88 -24.54 -16.05
C ALA C 808 -38.21 -23.84 -14.74
N LEU C 809 -39.49 -23.83 -14.35
CA LEU C 809 -39.87 -23.16 -13.10
C LEU C 809 -39.06 -23.67 -11.92
N THR C 810 -38.81 -24.98 -11.86
CA THR C 810 -38.01 -25.53 -10.77
C THR C 810 -36.63 -24.88 -10.74
N LEU C 811 -35.93 -24.88 -11.87
CA LEU C 811 -34.63 -24.21 -11.95
C LEU C 811 -34.81 -22.69 -11.95
N VAL C 812 -35.75 -22.19 -12.73
CA VAL C 812 -35.84 -20.76 -12.97
C VAL C 812 -36.28 -20.03 -11.71
N MET C 813 -37.35 -20.49 -11.06
CA MET C 813 -37.81 -19.83 -9.85
C MET C 813 -36.75 -19.88 -8.77
N ARG C 814 -36.11 -21.05 -8.59
CA ARG C 814 -35.09 -21.20 -7.57
C ARG C 814 -33.93 -20.23 -7.81
N LYS C 815 -33.39 -20.22 -9.03
CA LYS C 815 -32.29 -19.33 -9.34
C LYS C 815 -32.70 -17.87 -9.23
N TRP C 816 -33.92 -17.54 -9.66
CA TRP C 816 -34.43 -16.18 -9.53
C TRP C 816 -34.40 -15.74 -8.08
N ILE C 817 -34.93 -16.57 -7.18
CA ILE C 817 -34.93 -16.23 -5.76
C ILE C 817 -33.50 -16.08 -5.27
N GLU C 818 -32.63 -17.03 -5.64
CA GLU C 818 -31.23 -16.92 -5.25
C GLU C 818 -30.63 -15.60 -5.72
N ALA C 819 -30.87 -15.26 -6.99
CA ALA C 819 -30.31 -14.02 -7.52
C ALA C 819 -30.94 -12.79 -6.89
N PHE C 820 -32.24 -12.85 -6.59
CA PHE C 820 -32.89 -11.72 -5.95
C PHE C 820 -32.20 -11.35 -4.65
N GLU C 821 -31.58 -12.33 -3.98
CA GLU C 821 -30.87 -12.04 -2.75
C GLU C 821 -29.75 -11.02 -2.97
N VAL C 822 -29.28 -10.89 -4.21
CA VAL C 822 -28.13 -10.05 -4.52
C VAL C 822 -28.46 -8.99 -5.57
N ILE C 823 -29.71 -8.91 -6.03
CA ILE C 823 -30.06 -7.86 -6.97
C ILE C 823 -29.85 -6.50 -6.33
N ARG C 824 -29.53 -5.50 -7.16
CA ARG C 824 -29.18 -4.18 -6.69
C ARG C 824 -29.93 -3.13 -7.49
N GLY C 825 -30.16 -1.97 -6.87
CA GLY C 825 -30.88 -0.90 -7.50
C GLY C 825 -32.36 -0.91 -7.13
N GLU C 826 -32.88 0.25 -6.70
CA GLU C 826 -34.27 0.32 -6.30
C GLU C 826 -35.20 0.01 -7.47
N LYS C 827 -34.79 0.39 -8.69
CA LYS C 827 -35.61 0.10 -9.86
C LYS C 827 -35.83 -1.40 -10.03
N ARG C 828 -34.73 -2.16 -10.06
CA ARG C 828 -34.84 -3.61 -10.23
C ARG C 828 -35.50 -4.25 -9.02
N ILE C 829 -35.27 -3.71 -7.83
CA ILE C 829 -35.92 -4.26 -6.64
C ILE C 829 -37.43 -4.10 -6.74
N LYS C 830 -37.89 -2.92 -7.16
CA LYS C 830 -39.32 -2.69 -7.33
C LYS C 830 -39.89 -3.59 -8.41
N GLU C 831 -39.15 -3.76 -9.52
CA GLU C 831 -39.62 -4.64 -10.58
C GLU C 831 -39.75 -6.08 -10.07
N ASN C 832 -38.77 -6.54 -9.30
CA ASN C 832 -38.86 -7.85 -8.67
C ASN C 832 -40.08 -7.94 -7.78
N ILE C 833 -40.33 -6.89 -6.99
CA ILE C 833 -41.47 -6.91 -6.08
C ILE C 833 -42.76 -7.07 -6.85
N VAL C 834 -42.92 -6.29 -7.93
CA VAL C 834 -44.16 -6.37 -8.72
C VAL C 834 -44.30 -7.73 -9.36
N ALA C 835 -43.21 -8.25 -9.93
CA ALA C 835 -43.28 -9.56 -10.59
C ALA C 835 -43.64 -10.65 -9.59
N LEU C 836 -42.98 -10.67 -8.44
CA LEU C 836 -43.29 -11.67 -7.43
C LEU C 836 -44.69 -11.49 -6.88
N SER C 837 -45.18 -10.26 -6.82
CA SER C 837 -46.56 -10.03 -6.42
C SER C 837 -47.52 -10.68 -7.41
N ASN C 838 -47.26 -10.51 -8.71
CA ASN C 838 -48.10 -11.15 -9.71
C ASN C 838 -48.04 -12.67 -9.57
N LEU C 839 -46.83 -13.21 -9.38
CA LEU C 839 -46.68 -14.65 -9.18
C LEU C 839 -47.50 -15.12 -7.98
N PHE C 840 -47.42 -14.38 -6.88
CA PHE C 840 -48.13 -14.76 -5.66
C PHE C 840 -49.63 -14.72 -5.86
N PHE C 841 -50.14 -13.66 -6.48
CA PHE C 841 -51.58 -13.55 -6.70
C PHE C 841 -52.09 -14.65 -7.62
N LEU C 842 -51.34 -14.96 -8.68
CA LEU C 842 -51.83 -15.94 -9.66
C LEU C 842 -52.25 -17.23 -8.98
N ASN C 843 -51.44 -17.71 -8.03
CA ASN C 843 -51.78 -18.87 -7.20
C ASN C 843 -52.15 -20.09 -8.04
N ASP C 844 -51.27 -20.43 -8.98
CA ASP C 844 -51.37 -21.71 -9.65
C ASP C 844 -50.77 -22.81 -8.77
N LYS C 845 -51.16 -24.05 -9.04
CA LYS C 845 -50.62 -25.18 -8.29
C LYS C 845 -49.10 -25.20 -8.34
N ARG C 846 -48.51 -25.04 -9.53
CA ARG C 846 -47.06 -25.16 -9.65
C ARG C 846 -46.34 -24.13 -8.80
N LEU C 847 -46.83 -22.88 -8.78
CA LEU C 847 -46.17 -21.87 -7.95
C LEU C 847 -46.23 -22.23 -6.48
N GLN C 848 -47.19 -23.06 -6.08
CA GLN C 848 -47.24 -23.51 -4.69
C GLN C 848 -46.28 -24.67 -4.46
N LYS C 849 -46.30 -25.67 -5.34
CA LYS C 849 -45.48 -26.86 -5.12
C LYS C 849 -43.98 -26.54 -5.20
N VAL C 850 -43.59 -25.58 -6.02
CA VAL C 850 -42.18 -25.29 -6.24
C VAL C 850 -41.57 -24.84 -4.92
N VAL C 851 -40.61 -25.60 -4.41
CA VAL C 851 -39.92 -25.29 -3.16
C VAL C 851 -38.48 -24.89 -3.49
N VAL C 852 -38.00 -23.85 -2.82
CA VAL C 852 -36.73 -23.22 -3.12
C VAL C 852 -35.68 -23.68 -2.12
N ASN C 853 -34.41 -23.51 -2.48
CA ASN C 853 -33.29 -24.02 -1.70
C ASN C 853 -33.07 -23.31 -0.36
N GLY C 854 -33.26 -21.99 -0.34
CA GLY C 854 -32.59 -21.16 0.65
C GLY C 854 -33.21 -21.00 2.02
N ASN C 855 -32.73 -21.80 2.98
CA ASN C 855 -32.90 -21.55 4.41
C ASN C 855 -31.74 -22.23 5.12
N LEU C 856 -30.86 -21.43 5.72
CA LEU C 856 -29.50 -21.84 6.04
C LEU C 856 -29.37 -22.31 7.48
N ILE C 857 -28.57 -23.34 7.68
CA ILE C 857 -28.05 -23.72 8.98
C ILE C 857 -26.54 -23.88 8.84
N PRO C 858 -25.71 -23.22 9.64
CA PRO C 858 -24.25 -23.33 9.46
C PRO C 858 -23.77 -24.75 9.69
N TYR C 859 -22.70 -25.11 8.99
CA TYR C 859 -22.07 -26.40 9.20
C TYR C 859 -21.48 -26.45 10.61
N GLU C 860 -21.40 -27.67 11.15
CA GLU C 860 -20.98 -27.85 12.53
C GLU C 860 -19.52 -27.44 12.71
N GLY C 861 -19.21 -26.90 13.88
CA GLY C 861 -17.86 -26.51 14.22
C GLY C 861 -17.56 -25.06 13.90
N ASP C 862 -16.64 -24.46 14.66
CA ASP C 862 -16.21 -23.09 14.43
C ASP C 862 -15.05 -23.01 13.45
N LEU C 863 -14.58 -24.13 12.93
CA LEU C 863 -13.45 -24.13 12.01
C LEU C 863 -13.80 -23.40 10.72
N ILE C 864 -12.79 -22.76 10.13
CA ILE C 864 -12.97 -21.92 8.94
C ILE C 864 -12.85 -22.85 7.74
N ILE C 865 -13.93 -22.94 6.97
CA ILE C 865 -14.02 -23.87 5.84
C ILE C 865 -13.39 -23.26 4.60
N THR C 866 -12.31 -23.87 4.12
CA THR C 866 -11.71 -23.49 2.85
C THR C 866 -12.39 -24.25 1.71
N ARG C 867 -11.96 -23.93 0.47
CA ARG C 867 -12.50 -24.64 -0.69
C ARG C 867 -12.19 -26.13 -0.62
N SER C 868 -10.95 -26.48 -0.29
CA SER C 868 -10.61 -27.88 -0.11
C SER C 868 -11.45 -28.51 1.00
N MET C 869 -11.63 -27.79 2.11
CA MET C 869 -12.51 -28.26 3.16
C MET C 869 -13.95 -28.37 2.66
N ALA C 870 -14.47 -27.30 2.04
CA ALA C 870 -15.87 -27.28 1.65
C ALA C 870 -16.21 -28.40 0.67
N LYS C 871 -15.21 -28.95 -0.01
CA LYS C 871 -15.47 -30.06 -0.93
C LYS C 871 -16.11 -31.23 -0.20
N LYS C 872 -15.87 -31.34 1.11
CA LYS C 872 -16.48 -32.40 1.92
C LYS C 872 -17.43 -31.89 2.98
N MET C 873 -17.31 -30.62 3.40
CA MET C 873 -18.11 -30.08 4.50
C MET C 873 -18.69 -28.73 4.09
N PRO C 874 -19.67 -28.73 3.18
CA PRO C 874 -20.36 -27.49 2.85
C PRO C 874 -21.48 -27.18 3.82
N ASP C 875 -21.88 -25.90 3.85
CA ASP C 875 -23.00 -25.50 4.68
C ASP C 875 -24.30 -26.09 4.11
N ARG C 876 -25.34 -26.04 4.94
CA ARG C 876 -26.60 -26.72 4.64
C ARG C 876 -27.74 -25.72 4.59
N TYR C 877 -28.71 -26.00 3.72
CA TYR C 877 -29.86 -25.12 3.51
C TYR C 877 -31.14 -25.93 3.59
N VAL C 878 -32.25 -25.25 3.86
CA VAL C 878 -33.56 -25.87 4.02
C VAL C 878 -34.53 -25.23 3.05
N GLN C 879 -35.56 -25.97 2.67
CA GLN C 879 -36.44 -25.59 1.56
C GLN C 879 -37.84 -25.26 2.06
N VAL C 880 -38.46 -24.26 1.43
CA VAL C 880 -39.84 -23.88 1.72
C VAL C 880 -40.53 -23.54 0.41
N PRO C 881 -41.86 -23.59 0.38
CA PRO C 881 -42.58 -23.19 -0.83
C PRO C 881 -42.28 -21.74 -1.19
N LEU C 882 -42.36 -21.45 -2.49
CA LEU C 882 -41.95 -20.14 -2.98
C LEU C 882 -42.63 -19.01 -2.23
N TYR C 883 -43.90 -19.20 -1.85
CA TYR C 883 -44.62 -18.13 -1.18
C TYR C 883 -44.00 -17.82 0.18
N THR C 884 -43.70 -18.86 0.96
CA THR C 884 -43.02 -18.65 2.23
C THR C 884 -41.67 -17.97 2.03
N LYS C 885 -40.94 -18.41 1.01
CA LYS C 885 -39.61 -17.84 0.78
C LYS C 885 -39.69 -16.36 0.44
N ILE C 886 -40.63 -15.99 -0.45
CA ILE C 886 -40.76 -14.58 -0.80
C ILE C 886 -41.26 -13.77 0.37
N ILE C 887 -42.14 -14.33 1.20
CA ILE C 887 -42.55 -13.62 2.40
C ILE C 887 -41.35 -13.37 3.30
N LYS C 888 -40.52 -14.38 3.50
CA LYS C 888 -39.33 -14.20 4.32
C LYS C 888 -38.40 -13.14 3.72
N LEU C 889 -38.20 -13.18 2.40
CA LEU C 889 -37.32 -12.21 1.75
C LEU C 889 -37.85 -10.80 1.91
N PHE C 890 -39.15 -10.61 1.71
CA PHE C 890 -39.74 -9.29 1.84
C PHE C 890 -39.67 -8.82 3.29
N VAL C 891 -39.89 -9.73 4.24
CA VAL C 891 -39.77 -9.36 5.65
C VAL C 891 -38.34 -8.91 5.94
N SER C 892 -37.36 -9.62 5.39
CA SER C 892 -35.97 -9.24 5.61
C SER C 892 -35.69 -7.87 5.00
N GLU C 893 -36.19 -7.63 3.78
CA GLU C 893 -35.96 -6.33 3.13
C GLU C 893 -36.60 -5.20 3.93
N LEU C 894 -37.81 -5.43 4.44
CA LEU C 894 -38.43 -4.46 5.33
C LEU C 894 -37.55 -4.21 6.54
N SER C 895 -36.97 -5.27 7.10
CA SER C 895 -36.05 -5.09 8.23
C SER C 895 -34.89 -4.18 7.84
N PHE C 896 -34.29 -4.44 6.68
CA PHE C 896 -33.10 -3.68 6.30
C PHE C 896 -33.44 -2.22 6.08
N GLN C 897 -34.54 -1.95 5.36
CA GLN C 897 -34.91 -0.57 5.08
C GLN C 897 -35.35 0.16 6.34
N SER C 898 -35.96 -0.55 7.29
CA SER C 898 -36.45 0.06 8.51
C SER C 898 -35.37 0.85 9.22
N VAL C 930 -49.83 -3.82 22.91
CA VAL C 930 -48.97 -4.94 22.56
C VAL C 930 -48.96 -5.15 21.06
N ASP C 931 -47.80 -4.92 20.44
CA ASP C 931 -47.62 -5.10 19.01
C ASP C 931 -47.23 -6.51 18.62
N ASP C 932 -46.93 -7.37 19.60
CA ASP C 932 -46.50 -8.74 19.33
C ASP C 932 -47.67 -9.71 19.21
N VAL C 933 -48.91 -9.22 19.20
CA VAL C 933 -50.07 -10.12 19.18
C VAL C 933 -49.99 -11.03 17.96
N LEU C 934 -50.30 -12.30 18.17
CA LEU C 934 -50.35 -13.26 17.06
C LEU C 934 -51.70 -13.12 16.34
N ASP C 935 -51.98 -14.07 15.45
CA ASP C 935 -53.15 -14.02 14.59
C ASP C 935 -53.19 -12.70 13.82
N TYR C 936 -52.18 -12.52 12.97
CA TYR C 936 -51.97 -11.22 12.33
C TYR C 936 -53.14 -10.80 11.46
N ASP C 937 -54.00 -11.75 11.05
CA ASP C 937 -55.21 -11.35 10.33
C ASP C 937 -56.04 -10.37 11.15
N LYS C 938 -56.02 -10.51 12.48
CA LYS C 938 -56.67 -9.52 13.34
C LYS C 938 -55.82 -8.27 13.47
N LEU C 939 -54.49 -8.39 13.42
CA LEU C 939 -53.64 -7.21 13.45
C LEU C 939 -53.93 -6.31 12.25
N LYS C 940 -54.12 -6.90 11.07
CA LYS C 940 -54.53 -6.12 9.91
C LYS C 940 -55.80 -5.34 10.20
N GLU C 941 -56.76 -5.98 10.87
CA GLU C 941 -58.00 -5.29 11.21
C GLU C 941 -57.72 -4.09 12.11
N TYR C 942 -56.85 -4.28 13.11
CA TYR C 942 -56.44 -3.15 13.94
C TYR C 942 -55.69 -2.11 13.13
N ILE C 943 -54.76 -2.54 12.28
CA ILE C 943 -54.03 -1.60 11.44
C ILE C 943 -54.98 -0.95 10.44
N ASP C 944 -55.84 -1.75 9.80
CA ASP C 944 -56.78 -1.20 8.83
C ASP C 944 -57.84 -0.35 9.51
N ASP C 945 -58.34 -0.80 10.67
CA ASP C 945 -59.39 -0.09 11.38
C ASP C 945 -60.59 0.17 10.48
N GLU C 966 -44.47 5.35 -3.45
CA GLU C 966 -43.87 4.85 -4.68
C GLU C 966 -42.56 4.14 -4.39
N SER C 967 -41.99 4.40 -3.22
CA SER C 967 -40.73 3.78 -2.84
C SER C 967 -40.93 2.30 -2.52
N VAL C 968 -39.82 1.59 -2.39
CA VAL C 968 -39.88 0.16 -2.12
C VAL C 968 -40.67 -0.11 -0.85
N VAL C 969 -40.41 0.65 0.21
CA VAL C 969 -41.09 0.41 1.48
C VAL C 969 -42.60 0.61 1.32
N GLN C 970 -43.01 1.71 0.70
CA GLN C 970 -44.43 2.01 0.56
C GLN C 970 -45.13 0.94 -0.27
N LEU C 971 -44.58 0.63 -1.45
CA LEU C 971 -45.20 -0.34 -2.33
C LEU C 971 -45.25 -1.71 -1.68
N LEU C 972 -44.20 -2.10 -0.97
CA LEU C 972 -44.16 -3.42 -0.36
C LEU C 972 -45.12 -3.51 0.82
N VAL C 973 -45.27 -2.43 1.59
CA VAL C 973 -46.26 -2.41 2.67
C VAL C 973 -47.66 -2.54 2.08
N ARG C 974 -47.92 -1.82 0.99
CA ARG C 974 -49.20 -1.96 0.31
C ARG C 974 -49.41 -3.39 -0.16
N PHE C 975 -48.35 -4.02 -0.67
CA PHE C 975 -48.42 -5.41 -1.09
C PHE C 975 -48.82 -6.32 0.07
N PHE C 976 -48.17 -6.15 1.22
CA PHE C 976 -48.51 -6.97 2.38
C PHE C 976 -49.95 -6.75 2.82
N LYS C 977 -50.41 -5.49 2.80
CA LYS C 977 -51.79 -5.23 3.18
C LYS C 977 -52.76 -5.93 2.22
N GLU C 978 -52.49 -5.84 0.92
CA GLU C 978 -53.35 -6.50 -0.06
C GLU C 978 -53.30 -8.01 0.09
N VAL C 979 -52.12 -8.55 0.38
CA VAL C 979 -51.98 -10.00 0.56
C VAL C 979 -52.80 -10.46 1.76
N ALA C 980 -52.68 -9.74 2.88
CA ALA C 980 -53.47 -10.08 4.05
C ALA C 980 -54.96 -9.94 3.76
N SER C 981 -55.33 -9.03 2.87
CA SER C 981 -56.74 -8.90 2.48
C SER C 981 -57.20 -10.10 1.67
N LYS C 982 -56.42 -10.50 0.65
CA LYS C 982 -56.90 -11.47 -0.33
C LYS C 982 -56.46 -12.88 0.00
N ASP C 983 -55.14 -13.09 0.15
CA ASP C 983 -54.60 -14.45 0.18
C ASP C 983 -54.66 -15.08 1.56
N VAL C 984 -55.58 -14.64 2.43
CA VAL C 984 -55.68 -15.22 3.77
C VAL C 984 -55.68 -16.74 3.72
N SER C 985 -56.30 -17.33 2.69
CA SER C 985 -56.36 -18.79 2.62
C SER C 985 -54.97 -19.41 2.68
N GLY C 986 -54.07 -18.95 1.81
CA GLY C 986 -52.71 -19.46 1.84
C GLY C 986 -51.80 -18.63 2.73
N PHE C 987 -52.01 -17.31 2.74
CA PHE C 987 -51.15 -16.43 3.51
C PHE C 987 -51.23 -16.74 5.00
N HIS C 988 -52.44 -17.00 5.51
CA HIS C 988 -52.59 -17.34 6.92
C HIS C 988 -51.82 -18.63 7.24
N CYS C 989 -51.94 -19.63 6.37
CA CYS C 989 -51.18 -20.87 6.57
C CYS C 989 -49.68 -20.60 6.59
N ILE C 990 -49.21 -19.75 5.66
CA ILE C 990 -47.81 -19.38 5.65
C ILE C 990 -47.45 -18.62 6.92
N TYR C 991 -48.32 -17.71 7.35
CA TYR C 991 -48.05 -16.93 8.55
C TYR C 991 -47.84 -17.84 9.75
N GLU C 992 -48.64 -18.92 9.86
CA GLU C 992 -48.51 -19.82 10.99
C GLU C 992 -47.11 -20.42 11.08
N THR C 993 -46.53 -20.79 9.93
CA THR C 993 -45.16 -21.29 9.92
C THR C 993 -44.16 -20.18 10.17
N LEU C 994 -44.58 -18.92 10.02
CA LEU C 994 -43.67 -17.80 10.20
C LEU C 994 -43.16 -17.76 11.64
N SER C 995 -41.93 -17.29 11.79
CA SER C 995 -41.30 -17.18 13.10
C SER C 995 -41.75 -15.91 13.81
N ASP C 996 -41.45 -15.85 15.11
CA ASP C 996 -41.87 -14.70 15.90
C ASP C 996 -41.09 -13.44 15.56
N SER C 997 -39.79 -13.57 15.26
CA SER C 997 -39.02 -12.40 14.88
C SER C 997 -39.50 -11.83 13.55
N GLU C 998 -39.79 -12.70 12.58
CA GLU C 998 -40.36 -12.25 11.31
C GLU C 998 -41.71 -11.59 11.55
N ARG C 999 -42.50 -12.13 12.47
CA ARG C 999 -43.79 -11.52 12.79
C ARG C 999 -43.60 -10.14 13.41
N LYS C 1000 -42.58 -9.97 14.25
CA LYS C 1000 -42.28 -8.67 14.82
C LYS C 1000 -41.89 -7.68 13.72
N VAL C 1001 -41.09 -8.13 12.76
CA VAL C 1001 -40.73 -7.27 11.63
C VAL C 1001 -41.98 -6.87 10.85
N LEU C 1002 -42.88 -7.84 10.63
CA LEU C 1002 -44.12 -7.54 9.95
C LEU C 1002 -44.94 -6.51 10.71
N SER C 1003 -45.02 -6.66 12.04
CA SER C 1003 -45.77 -5.71 12.85
C SER C 1003 -45.19 -4.31 12.75
N GLU C 1004 -43.88 -4.18 12.97
CA GLU C 1004 -43.27 -2.85 12.92
C GLU C 1004 -43.36 -2.25 11.53
N ALA C 1005 -43.31 -3.08 10.48
CA ALA C 1005 -43.49 -2.57 9.12
C ALA C 1005 -44.91 -2.04 8.91
N LEU C 1006 -45.90 -2.69 9.51
CA LEU C 1006 -47.29 -2.26 9.35
C LEU C 1006 -47.54 -0.87 9.91
N LEU C 1007 -46.65 -0.35 10.74
CA LEU C 1007 -46.81 0.99 11.29
C LEU C 1007 -46.69 2.04 10.19
N SER D 17 -16.73 -12.61 23.83
CA SER D 17 -16.45 -11.64 22.74
C SER D 17 -17.31 -11.94 21.51
N ARG D 18 -17.52 -10.93 20.67
CA ARG D 18 -18.31 -11.13 19.46
C ARG D 18 -17.65 -12.14 18.53
N SER D 19 -16.31 -12.07 18.39
CA SER D 19 -15.60 -13.06 17.59
C SER D 19 -15.79 -14.45 18.16
N ALA D 20 -15.71 -14.59 19.48
CA ALA D 20 -15.96 -15.88 20.11
C ALA D 20 -17.41 -16.31 19.90
N LYS D 21 -18.35 -15.37 19.98
CA LYS D 21 -19.75 -15.71 19.78
C LYS D 21 -19.99 -16.29 18.40
N ALA D 22 -19.38 -15.71 17.37
CA ALA D 22 -19.50 -16.23 16.02
C ALA D 22 -18.51 -17.34 15.73
N GLY D 23 -17.62 -17.65 16.67
CA GLY D 23 -16.59 -18.66 16.45
C GLY D 23 -15.37 -18.16 15.72
N LEU D 24 -15.33 -16.88 15.35
CA LEU D 24 -14.21 -16.33 14.62
C LEU D 24 -13.03 -16.05 15.56
N THR D 25 -11.82 -16.22 15.04
CA THR D 25 -10.62 -15.83 15.78
C THR D 25 -10.24 -14.38 15.52
N PHE D 26 -10.41 -13.89 14.29
CA PHE D 26 -10.12 -12.51 14.00
C PHE D 26 -11.10 -11.60 14.74
N PRO D 27 -10.67 -10.39 15.12
CA PRO D 27 -11.51 -9.57 15.99
C PRO D 27 -12.54 -8.78 15.22
N VAL D 28 -13.83 -9.06 15.46
CA VAL D 28 -14.88 -8.29 14.80
C VAL D 28 -14.76 -6.82 15.17
N GLY D 29 -14.20 -6.53 16.36
CA GLY D 29 -14.03 -5.15 16.76
C GLY D 29 -13.13 -4.36 15.83
N ARG D 30 -12.02 -4.98 15.40
CA ARG D 30 -11.11 -4.28 14.49
C ARG D 30 -11.79 -3.99 13.16
N VAL D 31 -12.51 -4.97 12.62
CA VAL D 31 -13.20 -4.76 11.35
C VAL D 31 -14.25 -3.66 11.50
N HIS D 32 -15.00 -3.68 12.60
CA HIS D 32 -16.03 -2.66 12.80
C HIS D 32 -15.41 -1.28 12.95
N ARG D 33 -14.27 -1.18 13.65
CA ARG D 33 -13.61 0.11 13.80
C ARG D 33 -13.04 0.60 12.48
N LEU D 34 -12.51 -0.31 11.66
CA LEU D 34 -12.05 0.07 10.33
C LEU D 34 -13.22 0.60 9.49
N LEU D 35 -14.37 -0.07 9.57
CA LEU D 35 -15.55 0.42 8.86
C LEU D 35 -15.95 1.80 9.37
N ARG D 36 -15.93 1.99 10.69
CA ARG D 36 -16.31 3.27 11.27
C ARG D 36 -15.39 4.38 10.81
N ARG D 37 -14.08 4.17 10.92
CA ARG D 37 -13.13 5.20 10.49
C ARG D 37 -13.25 5.47 9.00
N GLY D 38 -13.47 4.42 8.20
CA GLY D 38 -13.80 4.63 6.80
C GLY D 38 -15.13 5.32 6.62
N ASN D 39 -16.06 5.12 7.56
CA ASN D 39 -17.39 5.72 7.48
C ASN D 39 -18.06 5.36 6.15
N TYR D 40 -17.99 4.08 5.81
CA TYR D 40 -18.51 3.62 4.53
C TYR D 40 -20.02 3.82 4.40
N ALA D 41 -20.72 4.03 5.51
CA ALA D 41 -22.15 4.33 5.47
C ALA D 41 -22.54 5.06 6.75
N GLN D 42 -23.70 5.72 6.69
CA GLN D 42 -24.17 6.47 7.85
C GLN D 42 -24.61 5.53 8.99
N ARG D 43 -24.89 4.27 8.68
CA ARG D 43 -25.14 3.26 9.69
C ARG D 43 -24.72 1.90 9.14
N ILE D 44 -24.29 1.02 10.04
CA ILE D 44 -23.85 -0.32 9.69
C ILE D 44 -24.67 -1.32 10.47
N GLY D 45 -25.31 -2.25 9.77
CA GLY D 45 -26.01 -3.33 10.43
C GLY D 45 -25.06 -4.16 11.27
N SER D 46 -25.51 -4.53 12.47
CA SER D 46 -24.63 -5.26 13.39
C SER D 46 -24.12 -6.56 12.79
N GLY D 47 -24.90 -7.19 11.92
CA GLY D 47 -24.43 -8.40 11.27
C GLY D 47 -23.39 -8.14 10.19
N ALA D 48 -23.36 -6.91 9.67
CA ALA D 48 -22.41 -6.58 8.61
C ALA D 48 -20.95 -6.75 9.04
N PRO D 49 -20.50 -6.19 10.16
CA PRO D 49 -19.12 -6.44 10.58
C PRO D 49 -18.81 -7.90 10.84
N VAL D 50 -19.77 -8.66 11.38
CA VAL D 50 -19.55 -10.08 11.59
C VAL D 50 -19.34 -10.79 10.26
N TYR D 51 -20.18 -10.47 9.28
CA TYR D 51 -20.06 -11.07 7.95
C TYR D 51 -18.71 -10.71 7.32
N LEU D 52 -18.31 -9.44 7.43
CA LEU D 52 -17.06 -9.00 6.82
C LEU D 52 -15.86 -9.66 7.50
N THR D 53 -15.89 -9.74 8.83
CA THR D 53 -14.81 -10.42 9.54
C THR D 53 -14.75 -11.89 9.18
N ALA D 54 -15.91 -12.53 9.02
CA ALA D 54 -15.94 -13.93 8.61
C ALA D 54 -15.35 -14.12 7.23
N VAL D 55 -15.67 -13.22 6.29
CA VAL D 55 -15.09 -13.33 4.94
C VAL D 55 -13.58 -13.11 4.99
N LEU D 56 -13.13 -12.10 5.75
CA LEU D 56 -11.71 -11.83 5.84
C LEU D 56 -10.97 -13.01 6.45
N GLU D 57 -11.55 -13.61 7.49
CA GLU D 57 -10.93 -14.79 8.10
C GLU D 57 -10.97 -15.99 7.17
N TYR D 58 -12.02 -16.12 6.36
CA TYR D 58 -12.05 -17.18 5.35
C TYR D 58 -10.90 -17.04 4.38
N LEU D 59 -10.69 -15.83 3.86
CA LEU D 59 -9.60 -15.62 2.92
C LEU D 59 -8.24 -15.80 3.60
N ALA D 60 -8.12 -15.36 4.85
CA ALA D 60 -6.89 -15.57 5.60
C ALA D 60 -6.61 -17.05 5.80
N ALA D 61 -7.65 -17.84 6.11
CA ALA D 61 -7.47 -19.27 6.29
C ALA D 61 -7.11 -19.95 4.98
N GLU D 62 -7.72 -19.51 3.87
CA GLU D 62 -7.33 -20.04 2.58
C GLU D 62 -5.86 -19.76 2.29
N ILE D 63 -5.43 -18.52 2.53
CA ILE D 63 -4.05 -18.15 2.26
C ILE D 63 -3.11 -18.92 3.18
N LEU D 64 -3.53 -19.15 4.42
CA LEU D 64 -2.67 -19.87 5.37
C LEU D 64 -2.58 -21.35 5.03
N GLU D 65 -3.68 -21.96 4.56
CA GLU D 65 -3.62 -23.33 4.09
C GLU D 65 -2.70 -23.46 2.88
N LEU D 66 -2.82 -22.51 1.94
CA LEU D 66 -1.92 -22.53 0.79
C LEU D 66 -0.48 -22.25 1.21
N ALA D 67 -0.28 -21.46 2.26
CA ALA D 67 1.07 -21.20 2.76
C ALA D 67 1.66 -22.45 3.41
N GLY D 68 0.83 -23.22 4.13
CA GLY D 68 1.28 -24.51 4.62
C GLY D 68 1.63 -25.45 3.47
N ASN D 69 0.81 -25.43 2.42
CA ASN D 69 1.12 -26.23 1.24
C ASN D 69 2.45 -25.82 0.62
N ALA D 70 2.71 -24.51 0.59
CA ALA D 70 3.97 -24.02 0.01
C ALA D 70 5.16 -24.38 0.88
N ALA D 71 5.02 -24.25 2.20
CA ALA D 71 6.10 -24.63 3.11
C ALA D 71 6.40 -26.12 3.00
N ARG D 72 5.35 -26.93 2.87
CA ARG D 72 5.56 -28.35 2.59
C ARG D 72 6.24 -28.55 1.24
N ASP D 73 5.86 -27.76 0.24
CA ASP D 73 6.60 -27.77 -1.01
C ASP D 73 8.07 -27.41 -0.79
N ASN D 74 8.32 -26.59 0.24
CA ASN D 74 9.68 -26.26 0.65
C ASN D 74 10.22 -27.19 1.72
N LYS D 75 9.49 -28.26 2.06
CA LYS D 75 9.94 -29.23 3.05
C LYS D 75 10.20 -28.57 4.41
N LYS D 76 9.33 -27.64 4.78
CA LYS D 76 9.44 -26.95 6.06
C LYS D 76 8.07 -26.74 6.66
N THR D 77 8.04 -26.68 8.00
CA THR D 77 6.82 -26.41 8.74
C THR D 77 6.66 -24.94 9.13
N ARG D 78 7.57 -24.07 8.69
CA ARG D 78 7.53 -22.65 9.02
C ARG D 78 7.24 -21.87 7.76
N ILE D 79 6.22 -21.01 7.82
CA ILE D 79 5.87 -20.18 6.67
C ILE D 79 6.69 -18.91 6.68
N ILE D 80 7.25 -18.56 5.53
CA ILE D 80 8.05 -17.34 5.37
C ILE D 80 7.55 -16.61 4.13
N PRO D 81 7.95 -15.36 3.90
CA PRO D 81 7.42 -14.62 2.74
C PRO D 81 7.59 -15.37 1.42
N ARG D 82 8.71 -16.07 1.24
CA ARG D 82 8.88 -16.88 0.03
C ARG D 82 7.78 -17.93 -0.07
N HIS D 83 7.50 -18.62 1.06
CA HIS D 83 6.44 -19.62 1.05
C HIS D 83 5.08 -18.99 0.78
N LEU D 84 4.83 -17.80 1.34
CA LEU D 84 3.56 -17.13 1.08
C LEU D 84 3.42 -16.79 -0.40
N GLN D 85 4.47 -16.26 -1.02
CA GLN D 85 4.41 -15.94 -2.44
C GLN D 85 4.20 -17.19 -3.28
N LEU D 86 4.91 -18.28 -2.94
CA LEU D 86 4.73 -19.53 -3.68
C LEU D 86 3.31 -20.06 -3.50
N ALA D 87 2.73 -19.89 -2.31
CA ALA D 87 1.35 -20.30 -2.08
C ALA D 87 0.40 -19.51 -2.94
N ILE D 88 0.61 -18.19 -3.04
CA ILE D 88 -0.24 -17.38 -3.91
C ILE D 88 -0.10 -17.85 -5.35
N ARG D 89 1.13 -18.17 -5.77
CA ARG D 89 1.33 -18.73 -7.10
C ARG D 89 0.56 -20.04 -7.27
N ASN D 90 0.45 -20.84 -6.21
CA ASN D 90 -0.13 -22.17 -6.32
C ASN D 90 -1.61 -22.11 -6.70
N ASP D 91 -2.34 -21.11 -6.22
CA ASP D 91 -3.78 -21.00 -6.42
C ASP D 91 -4.05 -19.91 -7.45
N ASP D 92 -4.49 -20.32 -8.64
CA ASP D 92 -4.64 -19.38 -9.75
C ASP D 92 -5.64 -18.28 -9.43
N GLU D 93 -6.82 -18.66 -8.92
CA GLU D 93 -7.85 -17.65 -8.65
C GLU D 93 -7.38 -16.67 -7.58
N LEU D 94 -6.79 -17.17 -6.49
CA LEU D 94 -6.22 -16.27 -5.51
C LEU D 94 -4.99 -15.55 -6.05
N ASN D 95 -4.28 -16.16 -7.00
CA ASN D 95 -3.18 -15.48 -7.65
C ASN D 95 -3.65 -14.21 -8.35
N LYS D 96 -4.77 -14.31 -9.09
CA LYS D 96 -5.30 -13.13 -9.77
C LYS D 96 -5.96 -12.17 -8.78
N LEU D 97 -6.63 -12.69 -7.76
CA LEU D 97 -7.28 -11.81 -6.78
C LEU D 97 -6.25 -10.97 -6.04
N LEU D 98 -5.22 -11.61 -5.49
CA LEU D 98 -4.19 -10.88 -4.76
C LEU D 98 -3.23 -10.16 -5.70
N GLY D 99 -2.94 -10.76 -6.86
CA GLY D 99 -2.04 -10.17 -7.82
C GLY D 99 -0.58 -10.46 -7.50
N LYS E 37 0.42 0.40 10.21
CA LYS E 37 0.69 -0.98 10.71
C LYS E 37 -0.62 -1.71 11.01
N GLU E 38 -0.66 -2.99 10.64
CA GLU E 38 -1.80 -3.86 10.91
C GLU E 38 -1.29 -5.12 11.60
N THR E 39 -2.05 -5.60 12.58
CA THR E 39 -1.62 -6.73 13.41
C THR E 39 -2.79 -7.68 13.61
N TYR E 40 -2.74 -8.84 12.95
CA TYR E 40 -3.62 -9.97 13.24
C TYR E 40 -2.82 -11.17 13.73
N SER E 41 -1.78 -10.94 14.54
CA SER E 41 -0.76 -11.95 14.77
C SER E 41 -1.32 -13.19 15.46
N SER E 42 -1.81 -13.02 16.70
CA SER E 42 -2.25 -14.17 17.48
C SER E 42 -3.35 -14.93 16.76
N TYR E 43 -4.25 -14.21 16.09
CA TYR E 43 -5.36 -14.86 15.40
C TYR E 43 -4.89 -15.57 14.13
N ILE E 44 -3.90 -15.00 13.45
CA ILE E 44 -3.30 -15.70 12.31
C ILE E 44 -2.67 -17.00 12.79
N TYR E 45 -1.96 -16.96 13.92
CA TYR E 45 -1.37 -18.17 14.47
C TYR E 45 -2.44 -19.19 14.83
N LYS E 46 -3.54 -18.72 15.43
CA LYS E 46 -4.62 -19.63 15.80
C LYS E 46 -5.21 -20.30 14.56
N VAL E 47 -5.45 -19.51 13.51
CA VAL E 47 -6.01 -20.07 12.28
C VAL E 47 -5.05 -21.08 11.66
N LEU E 48 -3.75 -20.74 11.63
CA LEU E 48 -2.77 -21.64 11.07
C LEU E 48 -2.73 -22.96 11.85
N LYS E 49 -2.73 -22.86 13.18
CA LYS E 49 -2.67 -24.08 14.00
C LYS E 49 -3.92 -24.92 13.81
N GLN E 50 -5.09 -24.29 13.73
CA GLN E 50 -6.31 -25.04 13.47
C GLN E 50 -6.24 -25.73 12.12
N THR E 51 -5.73 -25.02 11.11
CA THR E 51 -5.53 -25.64 9.80
C THR E 51 -4.39 -26.65 9.85
N HIS E 52 -3.32 -26.31 10.55
CA HIS E 52 -2.12 -27.15 10.61
C HIS E 52 -1.48 -26.97 11.97
N PRO E 53 -1.76 -27.86 12.92
CA PRO E 53 -1.18 -27.71 14.27
C PRO E 53 0.34 -27.72 14.28
N ASP E 54 0.98 -28.40 13.33
CA ASP E 54 2.44 -28.51 13.32
C ASP E 54 3.12 -27.41 12.52
N THR E 55 2.38 -26.45 11.99
CA THR E 55 2.93 -25.45 11.08
C THR E 55 2.95 -24.08 11.77
N GLY E 56 4.02 -23.32 11.49
CA GLY E 56 4.15 -21.97 11.98
C GLY E 56 4.40 -21.00 10.84
N ILE E 57 4.55 -19.73 11.20
CA ILE E 57 4.75 -18.67 10.22
C ILE E 57 5.63 -17.58 10.83
N SER E 58 6.40 -16.92 9.97
CA SER E 58 7.28 -15.84 10.41
C SER E 58 6.54 -14.51 10.37
N GLN E 59 6.96 -13.58 11.24
CA GLN E 59 6.21 -12.34 11.43
C GLN E 59 6.15 -11.49 10.18
N LYS E 60 7.17 -11.56 9.31
CA LYS E 60 7.14 -10.77 8.09
C LYS E 60 6.06 -11.26 7.13
N SER E 61 5.98 -12.57 6.93
CA SER E 61 4.89 -13.12 6.15
C SER E 61 3.54 -12.82 6.80
N MET E 62 3.53 -12.76 8.13
CA MET E 62 2.29 -12.41 8.84
C MET E 62 1.88 -10.97 8.53
N SER E 63 2.84 -10.05 8.49
CA SER E 63 2.53 -8.67 8.12
C SER E 63 2.05 -8.58 6.67
N ILE E 64 2.66 -9.36 5.79
CA ILE E 64 2.21 -9.39 4.40
C ILE E 64 0.77 -9.90 4.32
N LEU E 65 0.45 -10.93 5.11
CA LEU E 65 -0.92 -11.43 5.16
C LEU E 65 -1.87 -10.37 5.70
N ASN E 66 -1.43 -9.61 6.70
CA ASN E 66 -2.24 -8.49 7.19
C ASN E 66 -2.49 -7.47 6.09
N SER E 67 -1.47 -7.21 5.25
CA SER E 67 -1.66 -6.29 4.13
C SER E 67 -2.70 -6.83 3.16
N PHE E 68 -2.63 -8.13 2.87
CA PHE E 68 -3.64 -8.74 2.00
C PHE E 68 -5.04 -8.59 2.61
N VAL E 69 -5.15 -8.84 3.91
CA VAL E 69 -6.44 -8.74 4.59
C VAL E 69 -6.96 -7.31 4.51
N ASN E 70 -6.08 -6.33 4.72
CA ASN E 70 -6.49 -4.93 4.65
C ASN E 70 -6.94 -4.56 3.25
N ASP E 71 -6.24 -5.04 2.22
CA ASP E 71 -6.66 -4.75 0.85
C ASP E 71 -8.03 -5.36 0.56
N ILE E 72 -8.25 -6.59 1.00
CA ILE E 72 -9.55 -7.23 0.81
C ILE E 72 -10.64 -6.44 1.52
N PHE E 73 -10.38 -6.04 2.76
CA PHE E 73 -11.35 -5.25 3.50
C PHE E 73 -11.63 -3.94 2.77
N GLU E 74 -10.59 -3.28 2.28
CA GLU E 74 -10.77 -2.00 1.61
C GLU E 74 -11.66 -2.15 0.38
N ARG E 75 -11.37 -3.14 -0.48
CA ARG E 75 -12.18 -3.30 -1.68
C ARG E 75 -13.62 -3.64 -1.32
N ILE E 76 -13.81 -4.59 -0.41
CA ILE E 76 -15.17 -5.01 -0.05
C ILE E 76 -15.95 -3.84 0.53
N ALA E 77 -15.33 -3.12 1.47
CA ALA E 77 -16.01 -2.02 2.15
C ALA E 77 -16.29 -0.88 1.19
N THR E 78 -15.35 -0.57 0.29
CA THR E 78 -15.58 0.48 -0.70
C THR E 78 -16.76 0.16 -1.61
N GLU E 79 -16.76 -1.02 -2.22
CA GLU E 79 -17.87 -1.33 -3.13
C GLU E 79 -19.19 -1.49 -2.37
N ALA E 80 -19.13 -1.99 -1.13
CA ALA E 80 -20.35 -2.05 -0.31
C ALA E 80 -20.88 -0.65 -0.02
N SER E 81 -19.98 0.31 0.22
CA SER E 81 -20.41 1.69 0.36
C SER E 81 -21.05 2.18 -0.93
N LYS E 82 -20.48 1.79 -2.08
CA LYS E 82 -21.09 2.13 -3.35
C LYS E 82 -22.54 1.65 -3.40
N LEU E 83 -22.77 0.38 -3.06
CA LEU E 83 -24.14 -0.15 -3.09
C LEU E 83 -25.03 0.58 -2.10
N ALA E 84 -24.53 0.85 -0.88
CA ALA E 84 -25.35 1.50 0.12
C ALA E 84 -25.77 2.90 -0.33
N ALA E 85 -24.83 3.67 -0.87
CA ALA E 85 -25.16 5.01 -1.35
C ALA E 85 -26.06 4.95 -2.58
N TYR E 86 -25.90 3.90 -3.40
CA TYR E 86 -26.75 3.75 -4.58
C TYR E 86 -28.21 3.63 -4.19
N ASN E 87 -28.51 2.85 -3.16
CA ASN E 87 -29.87 2.70 -2.70
C ASN E 87 -30.24 3.79 -1.71
N LYS E 88 -31.52 4.18 -1.72
CA LYS E 88 -31.99 5.15 -0.73
C LYS E 88 -31.86 4.63 0.68
N LYS E 89 -31.71 3.32 0.86
CA LYS E 89 -31.52 2.74 2.17
C LYS E 89 -30.35 3.38 2.91
N SER E 90 -29.29 3.73 2.19
CA SER E 90 -28.12 4.40 2.75
C SER E 90 -27.46 3.63 3.87
N THR E 91 -27.56 2.30 3.86
CA THR E 91 -27.00 1.46 4.91
C THR E 91 -26.18 0.32 4.32
N ILE E 92 -25.04 0.05 4.94
CA ILE E 92 -24.20 -1.10 4.59
C ILE E 92 -24.62 -2.24 5.50
N SER E 93 -25.52 -3.09 4.99
CA SER E 93 -25.97 -4.25 5.73
C SER E 93 -25.17 -5.48 5.32
N ALA E 94 -25.53 -6.63 5.88
CA ALA E 94 -24.93 -7.87 5.45
C ALA E 94 -25.20 -8.13 3.97
N ARG E 95 -26.32 -7.61 3.46
CA ARG E 95 -26.59 -7.72 2.03
C ARG E 95 -25.56 -6.98 1.21
N GLU E 96 -25.17 -5.77 1.66
CA GLU E 96 -24.14 -5.03 0.94
C GLU E 96 -22.83 -5.81 0.92
N ILE E 97 -22.45 -6.39 2.05
CA ILE E 97 -21.20 -7.15 2.12
C ILE E 97 -21.28 -8.37 1.21
N GLN E 98 -22.41 -9.07 1.22
CA GLN E 98 -22.55 -10.25 0.39
C GLN E 98 -22.46 -9.89 -1.09
N THR E 99 -23.11 -8.80 -1.49
CA THR E 99 -23.03 -8.38 -2.88
C THR E 99 -21.62 -7.97 -3.26
N ALA E 100 -20.93 -7.27 -2.35
CA ALA E 100 -19.57 -6.84 -2.64
C ALA E 100 -18.65 -8.06 -2.81
N VAL E 101 -18.83 -9.06 -1.96
CA VAL E 101 -18.03 -10.28 -2.06
C VAL E 101 -18.34 -11.00 -3.37
N ARG E 102 -19.61 -11.09 -3.73
CA ARG E 102 -19.97 -11.78 -4.97
C ARG E 102 -19.38 -11.05 -6.18
N LEU E 103 -19.39 -9.72 -6.16
CA LEU E 103 -18.79 -8.97 -7.27
C LEU E 103 -17.28 -9.11 -7.30
N ILE E 104 -16.64 -9.19 -6.13
CA ILE E 104 -15.18 -9.15 -6.09
C ILE E 104 -14.60 -10.54 -6.30
N LEU E 105 -15.01 -11.51 -5.49
CA LEU E 105 -14.28 -12.77 -5.51
C LEU E 105 -14.69 -13.62 -6.71
N PRO E 106 -13.79 -14.47 -7.20
CA PRO E 106 -14.15 -15.42 -8.26
C PRO E 106 -15.29 -16.32 -7.83
N GLY E 107 -15.75 -17.17 -8.76
CA GLY E 107 -16.92 -17.98 -8.51
C GLY E 107 -16.82 -18.79 -7.24
N GLU E 108 -15.85 -19.71 -7.19
CA GLU E 108 -15.72 -20.58 -6.01
C GLU E 108 -15.37 -19.77 -4.78
N LEU E 109 -14.42 -18.83 -4.90
CA LEU E 109 -14.05 -18.01 -3.75
C LEU E 109 -15.24 -17.19 -3.27
N ALA E 110 -16.00 -16.59 -4.18
CA ALA E 110 -17.16 -15.83 -3.79
C ALA E 110 -18.18 -16.72 -3.08
N LYS E 111 -18.43 -17.91 -3.64
CA LYS E 111 -19.42 -18.79 -3.03
C LYS E 111 -19.01 -19.18 -1.62
N HIS E 112 -17.75 -19.54 -1.43
CA HIS E 112 -17.30 -19.99 -0.11
C HIS E 112 -17.23 -18.83 0.88
N ALA E 113 -16.80 -17.65 0.44
CA ALA E 113 -16.81 -16.49 1.32
C ALA E 113 -18.23 -16.17 1.76
N VAL E 114 -19.18 -16.22 0.83
CA VAL E 114 -20.58 -15.98 1.18
C VAL E 114 -21.07 -17.03 2.16
N SER E 115 -20.71 -18.30 1.91
CA SER E 115 -21.13 -19.38 2.79
C SER E 115 -20.66 -19.13 4.21
N GLU E 116 -19.37 -18.84 4.38
CA GLU E 116 -18.83 -18.64 5.72
C GLU E 116 -19.35 -17.36 6.36
N GLY E 117 -19.57 -16.30 5.57
CA GLY E 117 -20.14 -15.09 6.12
C GLY E 117 -21.54 -15.32 6.66
N THR E 118 -22.38 -16.02 5.89
CA THR E 118 -23.72 -16.35 6.37
C THR E 118 -23.66 -17.27 7.57
N ARG E 119 -22.71 -18.21 7.57
CA ARG E 119 -22.52 -19.07 8.74
C ARG E 119 -22.24 -18.23 9.98
N ALA E 120 -21.30 -17.29 9.87
CA ALA E 120 -20.94 -16.46 11.01
C ALA E 120 -22.10 -15.60 11.46
N VAL E 121 -22.85 -15.04 10.52
CA VAL E 121 -24.00 -14.20 10.90
C VAL E 121 -25.05 -15.04 11.62
N THR E 122 -25.32 -16.25 11.10
CA THR E 122 -26.32 -17.10 11.75
C THR E 122 -25.86 -17.51 13.14
N LYS E 123 -24.59 -17.87 13.29
CA LYS E 123 -24.07 -18.22 14.61
C LYS E 123 -24.18 -17.04 15.56
N TYR E 124 -23.82 -15.84 15.07
CA TYR E 124 -23.87 -14.65 15.90
C TYR E 124 -25.31 -14.28 16.24
N SER E 125 -26.24 -14.46 15.30
CA SER E 125 -27.63 -14.09 15.52
C SER E 125 -28.32 -14.95 16.57
N SER E 126 -27.73 -16.07 16.96
CA SER E 126 -28.33 -16.95 17.96
C SER E 126 -28.46 -16.22 19.29
#